data_1Z2G
# 
_entry.id   1Z2G 
# 
_audit_conform.dict_name       mmcif_pdbx.dic 
_audit_conform.dict_version    5.397 
_audit_conform.dict_location   http://mmcif.pdb.org/dictionaries/ascii/mmcif_pdbx.dic 
# 
loop_
_database_2.database_id 
_database_2.database_code 
_database_2.pdbx_database_accession 
_database_2.pdbx_DOI 
PDB   1Z2G         pdb_00001z2g 10.2210/pdb1z2g/pdb 
RCSB  RCSB032213   ?            ?                   
WWPDB D_1000032213 ?            ?                   
# 
loop_
_pdbx_audit_revision_history.ordinal 
_pdbx_audit_revision_history.data_content_type 
_pdbx_audit_revision_history.major_revision 
_pdbx_audit_revision_history.minor_revision 
_pdbx_audit_revision_history.revision_date 
1 'Structure model' 1 0 2005-06-07 
2 'Structure model' 1 1 2008-04-30 
3 'Structure model' 1 2 2011-07-13 
4 'Structure model' 1 3 2022-03-02 
5 'Structure model' 1 4 2024-10-30 
# 
_pdbx_audit_revision_details.ordinal             1 
_pdbx_audit_revision_details.revision_ordinal    1 
_pdbx_audit_revision_details.data_content_type   'Structure model' 
_pdbx_audit_revision_details.provider            repository 
_pdbx_audit_revision_details.type                'Initial release' 
_pdbx_audit_revision_details.description         ? 
_pdbx_audit_revision_details.details             ? 
# 
loop_
_pdbx_audit_revision_group.ordinal 
_pdbx_audit_revision_group.revision_ordinal 
_pdbx_audit_revision_group.data_content_type 
_pdbx_audit_revision_group.group 
1 2 'Structure model' 'Version format compliance' 
2 3 'Structure model' 'Version format compliance' 
3 4 'Structure model' 'Data collection'           
4 4 'Structure model' 'Database references'       
5 4 'Structure model' 'Derived calculations'      
6 5 'Structure model' 'Data collection'           
7 5 'Structure model' 'Structure summary'         
# 
loop_
_pdbx_audit_revision_category.ordinal 
_pdbx_audit_revision_category.revision_ordinal 
_pdbx_audit_revision_category.data_content_type 
_pdbx_audit_revision_category.category 
1 4 'Structure model' database_2                
2 4 'Structure model' pdbx_nmr_software         
3 4 'Structure model' pdbx_nmr_spectrometer     
4 4 'Structure model' pdbx_struct_assembly      
5 4 'Structure model' pdbx_struct_oper_list     
6 5 'Structure model' chem_comp_atom            
7 5 'Structure model' chem_comp_bond            
8 5 'Structure model' pdbx_entry_details        
9 5 'Structure model' pdbx_modification_feature 
# 
loop_
_pdbx_audit_revision_item.ordinal 
_pdbx_audit_revision_item.revision_ordinal 
_pdbx_audit_revision_item.data_content_type 
_pdbx_audit_revision_item.item 
1 4 'Structure model' '_database_2.pdbx_DOI'                
2 4 'Structure model' '_database_2.pdbx_database_accession' 
3 4 'Structure model' '_pdbx_nmr_software.name'             
4 4 'Structure model' '_pdbx_nmr_spectrometer.model'        
# 
_pdbx_database_status.status_code                     REL 
_pdbx_database_status.entry_id                        1Z2G 
_pdbx_database_status.recvd_initial_deposition_date   2005-03-08 
_pdbx_database_status.deposit_site                    RCSB 
_pdbx_database_status.process_site                    PDBJ 
_pdbx_database_status.status_code_sf                  ? 
_pdbx_database_status.status_code_mr                  REL 
_pdbx_database_status.SG_entry                        Y 
_pdbx_database_status.pdb_format_compatible           Y 
_pdbx_database_status.status_code_cs                  ? 
_pdbx_database_status.status_code_nmr_data            ? 
_pdbx_database_status.methods_development_category    ? 
# 
loop_
_pdbx_database_related.db_name 
_pdbx_database_related.db_id 
_pdbx_database_related.details 
_pdbx_database_related.content_type 
PDB      1U96     'Solution structure of yeast Cox17 with copper bound' unspecified 
PDB      1U97     'Solution structure of apo, reduced yeast Cox17'      unspecified 
TargetDB CIRMMP23 .                                                     unspecified 
# 
loop_
_audit_author.name 
_audit_author.pdbx_ordinal 
'Arnesano, F.'                            1 
'Balatri, E.'                             2 
'Banci, L.'                               3 
'Bertini, I.'                             4 
'Winge, D.R.'                             5 
'Structural Proteomics in Europe (SPINE)' 6 
# 
_citation.id                        primary 
_citation.title                     
'Folding studies of Cox17 reveal an important interplay of cysteine oxidation and copper binding' 
_citation.journal_abbrev            STRUCTURE 
_citation.journal_volume            13 
_citation.page_first                713 
_citation.page_last                 722 
_citation.year                      2005 
_citation.journal_id_ASTM           STRUE6 
_citation.country                   UK 
_citation.journal_id_ISSN           0969-2126 
_citation.journal_id_CSD            2005 
_citation.book_publisher            ? 
_citation.pdbx_database_id_PubMed   15893662 
_citation.pdbx_database_id_DOI      10.1016/j.str.2005.02.015 
# 
loop_
_citation_author.citation_id 
_citation_author.name 
_citation_author.ordinal 
_citation_author.identifier_ORCID 
primary 'Arnesano, F.' 1 ? 
primary 'Balatri, E.'  2 ? 
primary 'Banci, L.'    3 ? 
primary 'Bertini, I.'  4 ? 
primary 'Winge, D.R.'  5 ? 
# 
_entity.id                         1 
_entity.type                       polymer 
_entity.src_method                 man 
_entity.pdbx_description           'Cytochrome c oxidase copper chaperone' 
_entity.formula_weight             8069.090 
_entity.pdbx_number_of_molecules   1 
_entity.pdbx_ec                    ? 
_entity.pdbx_mutation              ? 
_entity.pdbx_fragment              ? 
_entity.details                    ? 
# 
_entity_name_com.entity_id   1 
_entity_name_com.name        Cox17 
# 
_entity_poly.entity_id                      1 
_entity_poly.type                           'polypeptide(L)' 
_entity_poly.nstd_linkage                   no 
_entity_poly.nstd_monomer                   no 
_entity_poly.pdbx_seq_one_letter_code       MTETDKKQEQENHAECEDKPKPCCVCKPEKEERDTCILFNGQDSEKCKEFIEKYKECMKGYGFEVPSAN 
_entity_poly.pdbx_seq_one_letter_code_can   MTETDKKQEQENHAECEDKPKPCCVCKPEKEERDTCILFNGQDSEKCKEFIEKYKECMKGYGFEVPSAN 
_entity_poly.pdbx_strand_id                 A 
_entity_poly.pdbx_target_identifier         CIRMMP23 
# 
loop_
_entity_poly_seq.entity_id 
_entity_poly_seq.num 
_entity_poly_seq.mon_id 
_entity_poly_seq.hetero 
1 1  MET n 
1 2  THR n 
1 3  GLU n 
1 4  THR n 
1 5  ASP n 
1 6  LYS n 
1 7  LYS n 
1 8  GLN n 
1 9  GLU n 
1 10 GLN n 
1 11 GLU n 
1 12 ASN n 
1 13 HIS n 
1 14 ALA n 
1 15 GLU n 
1 16 CYS n 
1 17 GLU n 
1 18 ASP n 
1 19 LYS n 
1 20 PRO n 
1 21 LYS n 
1 22 PRO n 
1 23 CYS n 
1 24 CYS n 
1 25 VAL n 
1 26 CYS n 
1 27 LYS n 
1 28 PRO n 
1 29 GLU n 
1 30 LYS n 
1 31 GLU n 
1 32 GLU n 
1 33 ARG n 
1 34 ASP n 
1 35 THR n 
1 36 CYS n 
1 37 ILE n 
1 38 LEU n 
1 39 PHE n 
1 40 ASN n 
1 41 GLY n 
1 42 GLN n 
1 43 ASP n 
1 44 SER n 
1 45 GLU n 
1 46 LYS n 
1 47 CYS n 
1 48 LYS n 
1 49 GLU n 
1 50 PHE n 
1 51 ILE n 
1 52 GLU n 
1 53 LYS n 
1 54 TYR n 
1 55 LYS n 
1 56 GLU n 
1 57 CYS n 
1 58 MET n 
1 59 LYS n 
1 60 GLY n 
1 61 TYR n 
1 62 GLY n 
1 63 PHE n 
1 64 GLU n 
1 65 VAL n 
1 66 PRO n 
1 67 SER n 
1 68 ALA n 
1 69 ASN n 
# 
_entity_src_gen.entity_id                          1 
_entity_src_gen.pdbx_src_id                        1 
_entity_src_gen.pdbx_alt_source_flag               sample 
_entity_src_gen.pdbx_seq_type                      ? 
_entity_src_gen.pdbx_beg_seq_num                   ? 
_entity_src_gen.pdbx_end_seq_num                   ? 
_entity_src_gen.gene_src_common_name               
;baker's yeast
;
_entity_src_gen.gene_src_genus                     Saccharomyces 
_entity_src_gen.pdbx_gene_src_gene                 YLL009C 
_entity_src_gen.gene_src_species                   ? 
_entity_src_gen.gene_src_strain                    ? 
_entity_src_gen.gene_src_tissue                    ? 
_entity_src_gen.gene_src_tissue_fraction           ? 
_entity_src_gen.gene_src_details                   ? 
_entity_src_gen.pdbx_gene_src_fragment             ? 
_entity_src_gen.pdbx_gene_src_scientific_name      'Saccharomyces cerevisiae' 
_entity_src_gen.pdbx_gene_src_ncbi_taxonomy_id     4932 
_entity_src_gen.pdbx_gene_src_variant              ? 
_entity_src_gen.pdbx_gene_src_cell_line            ? 
_entity_src_gen.pdbx_gene_src_atcc                 ? 
_entity_src_gen.pdbx_gene_src_organ                ? 
_entity_src_gen.pdbx_gene_src_organelle            ? 
_entity_src_gen.pdbx_gene_src_cell                 ? 
_entity_src_gen.pdbx_gene_src_cellular_location    ? 
_entity_src_gen.host_org_common_name               ? 
_entity_src_gen.pdbx_host_org_scientific_name      'Escherichia coli' 
_entity_src_gen.pdbx_host_org_ncbi_taxonomy_id     562 
_entity_src_gen.host_org_genus                     Escherichia 
_entity_src_gen.pdbx_host_org_gene                 ? 
_entity_src_gen.pdbx_host_org_organ                ? 
_entity_src_gen.host_org_species                   ? 
_entity_src_gen.pdbx_host_org_tissue               ? 
_entity_src_gen.pdbx_host_org_tissue_fraction      ? 
_entity_src_gen.pdbx_host_org_strain               ? 
_entity_src_gen.pdbx_host_org_variant              ? 
_entity_src_gen.pdbx_host_org_cell_line            ? 
_entity_src_gen.pdbx_host_org_atcc                 ? 
_entity_src_gen.pdbx_host_org_culture_collection   ? 
_entity_src_gen.pdbx_host_org_cell                 ? 
_entity_src_gen.pdbx_host_org_organelle            ? 
_entity_src_gen.pdbx_host_org_cellular_location    ? 
_entity_src_gen.pdbx_host_org_vector_type          plasmid 
_entity_src_gen.pdbx_host_org_vector               ? 
_entity_src_gen.host_org_details                   ? 
_entity_src_gen.expression_system_id               ? 
_entity_src_gen.plasmid_name                       pAED4 
_entity_src_gen.plasmid_details                    ? 
_entity_src_gen.pdbx_description                   ? 
# 
loop_
_chem_comp.id 
_chem_comp.type 
_chem_comp.mon_nstd_flag 
_chem_comp.name 
_chem_comp.pdbx_synonyms 
_chem_comp.formula 
_chem_comp.formula_weight 
ALA 'L-peptide linking' y ALANINE         ? 'C3 H7 N O2'     89.093  
ARG 'L-peptide linking' y ARGININE        ? 'C6 H15 N4 O2 1' 175.209 
ASN 'L-peptide linking' y ASPARAGINE      ? 'C4 H8 N2 O3'    132.118 
ASP 'L-peptide linking' y 'ASPARTIC ACID' ? 'C4 H7 N O4'     133.103 
CYS 'L-peptide linking' y CYSTEINE        ? 'C3 H7 N O2 S'   121.158 
GLN 'L-peptide linking' y GLUTAMINE       ? 'C5 H10 N2 O3'   146.144 
GLU 'L-peptide linking' y 'GLUTAMIC ACID' ? 'C5 H9 N O4'     147.129 
GLY 'peptide linking'   y GLYCINE         ? 'C2 H5 N O2'     75.067  
HIS 'L-peptide linking' y HISTIDINE       ? 'C6 H10 N3 O2 1' 156.162 
ILE 'L-peptide linking' y ISOLEUCINE      ? 'C6 H13 N O2'    131.173 
LEU 'L-peptide linking' y LEUCINE         ? 'C6 H13 N O2'    131.173 
LYS 'L-peptide linking' y LYSINE          ? 'C6 H15 N2 O2 1' 147.195 
MET 'L-peptide linking' y METHIONINE      ? 'C5 H11 N O2 S'  149.211 
PHE 'L-peptide linking' y PHENYLALANINE   ? 'C9 H11 N O2'    165.189 
PRO 'L-peptide linking' y PROLINE         ? 'C5 H9 N O2'     115.130 
SER 'L-peptide linking' y SERINE          ? 'C3 H7 N O3'     105.093 
THR 'L-peptide linking' y THREONINE       ? 'C4 H9 N O3'     119.119 
TYR 'L-peptide linking' y TYROSINE        ? 'C9 H11 N O3'    181.189 
VAL 'L-peptide linking' y VALINE          ? 'C5 H11 N O2'    117.146 
# 
loop_
_pdbx_poly_seq_scheme.asym_id 
_pdbx_poly_seq_scheme.entity_id 
_pdbx_poly_seq_scheme.seq_id 
_pdbx_poly_seq_scheme.mon_id 
_pdbx_poly_seq_scheme.ndb_seq_num 
_pdbx_poly_seq_scheme.pdb_seq_num 
_pdbx_poly_seq_scheme.auth_seq_num 
_pdbx_poly_seq_scheme.pdb_mon_id 
_pdbx_poly_seq_scheme.auth_mon_id 
_pdbx_poly_seq_scheme.pdb_strand_id 
_pdbx_poly_seq_scheme.pdb_ins_code 
_pdbx_poly_seq_scheme.hetero 
A 1 1  MET 1  1  1  MET MET A . n 
A 1 2  THR 2  2  2  THR THR A . n 
A 1 3  GLU 3  3  3  GLU GLU A . n 
A 1 4  THR 4  4  4  THR THR A . n 
A 1 5  ASP 5  5  5  ASP ASP A . n 
A 1 6  LYS 6  6  6  LYS LYS A . n 
A 1 7  LYS 7  7  7  LYS LYS A . n 
A 1 8  GLN 8  8  8  GLN GLN A . n 
A 1 9  GLU 9  9  9  GLU GLU A . n 
A 1 10 GLN 10 10 10 GLN GLN A . n 
A 1 11 GLU 11 11 11 GLU GLU A . n 
A 1 12 ASN 12 12 12 ASN ASN A . n 
A 1 13 HIS 13 13 13 HIS HIS A . n 
A 1 14 ALA 14 14 14 ALA ALA A . n 
A 1 15 GLU 15 15 15 GLU GLU A . n 
A 1 16 CYS 16 16 16 CYS CYS A . n 
A 1 17 GLU 17 17 17 GLU GLU A . n 
A 1 18 ASP 18 18 18 ASP ASP A . n 
A 1 19 LYS 19 19 19 LYS LYS A . n 
A 1 20 PRO 20 20 20 PRO PRO A . n 
A 1 21 LYS 21 21 21 LYS LYS A . n 
A 1 22 PRO 22 22 22 PRO PRO A . n 
A 1 23 CYS 23 23 23 CYS CYS A . n 
A 1 24 CYS 24 24 24 CYS CYS A . n 
A 1 25 VAL 25 25 25 VAL VAL A . n 
A 1 26 CYS 26 26 26 CYS CYS A . n 
A 1 27 LYS 27 27 27 LYS LYS A . n 
A 1 28 PRO 28 28 28 PRO PRO A . n 
A 1 29 GLU 29 29 29 GLU GLU A . n 
A 1 30 LYS 30 30 30 LYS LYS A . n 
A 1 31 GLU 31 31 31 GLU GLU A . n 
A 1 32 GLU 32 32 32 GLU GLU A . n 
A 1 33 ARG 33 33 33 ARG ARG A . n 
A 1 34 ASP 34 34 34 ASP ASP A . n 
A 1 35 THR 35 35 35 THR THR A . n 
A 1 36 CYS 36 36 36 CYS CYS A . n 
A 1 37 ILE 37 37 37 ILE ILE A . n 
A 1 38 LEU 38 38 38 LEU LEU A . n 
A 1 39 PHE 39 39 39 PHE PHE A . n 
A 1 40 ASN 40 40 40 ASN ASN A . n 
A 1 41 GLY 41 41 41 GLY GLY A . n 
A 1 42 GLN 42 42 42 GLN GLN A . n 
A 1 43 ASP 43 43 43 ASP ASP A . n 
A 1 44 SER 44 44 44 SER SER A . n 
A 1 45 GLU 45 45 45 GLU GLU A . n 
A 1 46 LYS 46 46 46 LYS LYS A . n 
A 1 47 CYS 47 47 47 CYS CYS A . n 
A 1 48 LYS 48 48 48 LYS LYS A . n 
A 1 49 GLU 49 49 49 GLU GLU A . n 
A 1 50 PHE 50 50 50 PHE PHE A . n 
A 1 51 ILE 51 51 51 ILE ILE A . n 
A 1 52 GLU 52 52 52 GLU GLU A . n 
A 1 53 LYS 53 53 53 LYS LYS A . n 
A 1 54 TYR 54 54 54 TYR TYR A . n 
A 1 55 LYS 55 55 55 LYS LYS A . n 
A 1 56 GLU 56 56 56 GLU GLU A . n 
A 1 57 CYS 57 57 57 CYS CYS A . n 
A 1 58 MET 58 58 58 MET MET A . n 
A 1 59 LYS 59 59 59 LYS LYS A . n 
A 1 60 GLY 60 60 60 GLY GLY A . n 
A 1 61 TYR 61 61 61 TYR TYR A . n 
A 1 62 GLY 62 62 62 GLY GLY A . n 
A 1 63 PHE 63 63 63 PHE PHE A . n 
A 1 64 GLU 64 64 64 GLU GLU A . n 
A 1 65 VAL 65 65 65 VAL VAL A . n 
A 1 66 PRO 66 66 66 PRO PRO A . n 
A 1 67 SER 67 67 67 SER SER A . n 
A 1 68 ALA 68 68 68 ALA ALA A . n 
A 1 69 ASN 69 69 69 ASN ASN A . n 
# 
_exptl.entry_id          1Z2G 
_exptl.method            'SOLUTION NMR' 
_exptl.crystals_number   ? 
# 
_struct.entry_id                  1Z2G 
_struct.title                     'Solution structure of apo, oxidized yeast Cox17' 
_struct.pdbx_model_details        ? 
_struct.pdbx_CASP_flag            ? 
_struct.pdbx_model_type_details   'minimized average' 
# 
_struct_keywords.entry_id        1Z2G 
_struct_keywords.pdbx_keywords   CHAPERONE 
_struct_keywords.text            
;Copper Chaperone, Cytochrome c Oxidase assembly, disulfide bonds, coiled coil-helix-coiled coil-helix domain, Structural Genomics, Structural Proteomics in Europe, SPINE, CHAPERONE
;
# 
_struct_asym.id                            A 
_struct_asym.pdbx_blank_PDB_chainid_flag   N 
_struct_asym.pdbx_modified                 N 
_struct_asym.entity_id                     1 
_struct_asym.details                       ? 
# 
_struct_ref.id                         1 
_struct_ref.db_name                    UNP 
_struct_ref.db_code                    COX17_YEAST 
_struct_ref.pdbx_db_accession          Q12287 
_struct_ref.entity_id                  1 
_struct_ref.pdbx_seq_one_letter_code   MTETDKKQEQENHAECEDKPKPCCVCKPEKEERDTCILFNGQDSEKCKEFIEKYKECMKGYGFEVPSAN 
_struct_ref.pdbx_align_begin           0 
_struct_ref.pdbx_db_isoform            ? 
# 
_struct_ref_seq.align_id                      1 
_struct_ref_seq.ref_id                        1 
_struct_ref_seq.pdbx_PDB_id_code              1Z2G 
_struct_ref_seq.pdbx_strand_id                A 
_struct_ref_seq.seq_align_beg                 1 
_struct_ref_seq.pdbx_seq_align_beg_ins_code   ? 
_struct_ref_seq.seq_align_end                 69 
_struct_ref_seq.pdbx_seq_align_end_ins_code   ? 
_struct_ref_seq.pdbx_db_accession             Q12287 
_struct_ref_seq.db_align_beg                  0 
_struct_ref_seq.pdbx_db_align_beg_ins_code    ? 
_struct_ref_seq.db_align_end                  68 
_struct_ref_seq.pdbx_db_align_end_ins_code    ? 
_struct_ref_seq.pdbx_auth_seq_align_beg       1 
_struct_ref_seq.pdbx_auth_seq_align_end       69 
# 
_pdbx_struct_assembly.id                   1 
_pdbx_struct_assembly.details              author_defined_assembly 
_pdbx_struct_assembly.method_details       ? 
_pdbx_struct_assembly.oligomeric_details   monomeric 
_pdbx_struct_assembly.oligomeric_count     1 
# 
_pdbx_struct_assembly_gen.assembly_id       1 
_pdbx_struct_assembly_gen.oper_expression   1 
_pdbx_struct_assembly_gen.asym_id_list      A 
# 
_pdbx_struct_oper_list.id                   1 
_pdbx_struct_oper_list.type                 'identity operation' 
_pdbx_struct_oper_list.name                 1_555 
_pdbx_struct_oper_list.symmetry_operation   x,y,z 
_pdbx_struct_oper_list.matrix[1][1]         1.0000000000 
_pdbx_struct_oper_list.matrix[1][2]         0.0000000000 
_pdbx_struct_oper_list.matrix[1][3]         0.0000000000 
_pdbx_struct_oper_list.vector[1]            0.0000000000 
_pdbx_struct_oper_list.matrix[2][1]         0.0000000000 
_pdbx_struct_oper_list.matrix[2][2]         1.0000000000 
_pdbx_struct_oper_list.matrix[2][3]         0.0000000000 
_pdbx_struct_oper_list.vector[2]            0.0000000000 
_pdbx_struct_oper_list.matrix[3][1]         0.0000000000 
_pdbx_struct_oper_list.matrix[3][2]         0.0000000000 
_pdbx_struct_oper_list.matrix[3][3]         1.0000000000 
_pdbx_struct_oper_list.vector[3]            0.0000000000 
# 
_struct_biol.id   1 
# 
loop_
_struct_conf.conf_type_id 
_struct_conf.id 
_struct_conf.pdbx_PDB_helix_id 
_struct_conf.beg_label_comp_id 
_struct_conf.beg_label_asym_id 
_struct_conf.beg_label_seq_id 
_struct_conf.pdbx_beg_PDB_ins_code 
_struct_conf.end_label_comp_id 
_struct_conf.end_label_asym_id 
_struct_conf.end_label_seq_id 
_struct_conf.pdbx_end_PDB_ins_code 
_struct_conf.beg_auth_comp_id 
_struct_conf.beg_auth_asym_id 
_struct_conf.beg_auth_seq_id 
_struct_conf.end_auth_comp_id 
_struct_conf.end_auth_asym_id 
_struct_conf.end_auth_seq_id 
_struct_conf.pdbx_PDB_helix_class 
_struct_conf.details 
_struct_conf.pdbx_PDB_helix_length 
HELX_P HELX_P1 1 MET A 1  ? LYS A 6  ? MET A 1  LYS A 6  1 ? 6  
HELX_P HELX_P2 2 CYS A 26 ? GLY A 41 ? CYS A 26 GLY A 41 1 ? 16 
HELX_P HELX_P3 3 CYS A 47 ? GLY A 62 ? CYS A 47 GLY A 62 1 ? 16 
# 
_struct_conf_type.id          HELX_P 
_struct_conf_type.criteria    ? 
_struct_conf_type.reference   ? 
# 
loop_
_struct_conn.id 
_struct_conn.conn_type_id 
_struct_conn.pdbx_leaving_atom_flag 
_struct_conn.pdbx_PDB_id 
_struct_conn.ptnr1_label_asym_id 
_struct_conn.ptnr1_label_comp_id 
_struct_conn.ptnr1_label_seq_id 
_struct_conn.ptnr1_label_atom_id 
_struct_conn.pdbx_ptnr1_label_alt_id 
_struct_conn.pdbx_ptnr1_PDB_ins_code 
_struct_conn.pdbx_ptnr1_standard_comp_id 
_struct_conn.ptnr1_symmetry 
_struct_conn.ptnr2_label_asym_id 
_struct_conn.ptnr2_label_comp_id 
_struct_conn.ptnr2_label_seq_id 
_struct_conn.ptnr2_label_atom_id 
_struct_conn.pdbx_ptnr2_label_alt_id 
_struct_conn.pdbx_ptnr2_PDB_ins_code 
_struct_conn.ptnr1_auth_asym_id 
_struct_conn.ptnr1_auth_comp_id 
_struct_conn.ptnr1_auth_seq_id 
_struct_conn.ptnr2_auth_asym_id 
_struct_conn.ptnr2_auth_comp_id 
_struct_conn.ptnr2_auth_seq_id 
_struct_conn.ptnr2_symmetry 
_struct_conn.pdbx_ptnr3_label_atom_id 
_struct_conn.pdbx_ptnr3_label_seq_id 
_struct_conn.pdbx_ptnr3_label_comp_id 
_struct_conn.pdbx_ptnr3_label_asym_id 
_struct_conn.pdbx_ptnr3_label_alt_id 
_struct_conn.pdbx_ptnr3_PDB_ins_code 
_struct_conn.details 
_struct_conn.pdbx_dist_value 
_struct_conn.pdbx_value_order 
_struct_conn.pdbx_role 
disulf1 disulf ? ? A CYS 26 SG ? ? ? 1_555 A CYS 57 SG ? ? A CYS 26 A CYS 57 1_555 ? ? ? ? ? ? ? 2.084 ? ? 
disulf2 disulf ? ? A CYS 36 SG ? ? ? 1_555 A CYS 47 SG ? ? A CYS 36 A CYS 47 1_555 ? ? ? ? ? ? ? 2.083 ? ? 
# 
_struct_conn_type.id          disulf 
_struct_conn_type.criteria    ? 
_struct_conn_type.reference   ? 
# 
loop_
_pdbx_modification_feature.ordinal 
_pdbx_modification_feature.label_comp_id 
_pdbx_modification_feature.label_asym_id 
_pdbx_modification_feature.label_seq_id 
_pdbx_modification_feature.label_alt_id 
_pdbx_modification_feature.modified_residue_label_comp_id 
_pdbx_modification_feature.modified_residue_label_asym_id 
_pdbx_modification_feature.modified_residue_label_seq_id 
_pdbx_modification_feature.modified_residue_label_alt_id 
_pdbx_modification_feature.auth_comp_id 
_pdbx_modification_feature.auth_asym_id 
_pdbx_modification_feature.auth_seq_id 
_pdbx_modification_feature.PDB_ins_code 
_pdbx_modification_feature.symmetry 
_pdbx_modification_feature.modified_residue_auth_comp_id 
_pdbx_modification_feature.modified_residue_auth_asym_id 
_pdbx_modification_feature.modified_residue_auth_seq_id 
_pdbx_modification_feature.modified_residue_PDB_ins_code 
_pdbx_modification_feature.modified_residue_symmetry 
_pdbx_modification_feature.comp_id_linking_atom 
_pdbx_modification_feature.modified_residue_id_linking_atom 
_pdbx_modification_feature.modified_residue_id 
_pdbx_modification_feature.ref_pcm_id 
_pdbx_modification_feature.ref_comp_id 
_pdbx_modification_feature.type 
_pdbx_modification_feature.category 
1 CYS A 26 ? CYS A 57 ? CYS A 26 ? 1_555 CYS A 57 ? 1_555 SG SG . . . None 'Disulfide bridge' 
2 CYS A 36 ? CYS A 47 ? CYS A 36 ? 1_555 CYS A 47 ? 1_555 SG SG . . . None 'Disulfide bridge' 
# 
_pdbx_entry_details.entry_id                   1Z2G 
_pdbx_entry_details.compound_details           ? 
_pdbx_entry_details.source_details             ? 
_pdbx_entry_details.nonpolymer_details         ? 
_pdbx_entry_details.sequence_details           ? 
_pdbx_entry_details.has_ligand_of_interest     ? 
_pdbx_entry_details.has_protein_modification   Y 
# 
loop_
_pdbx_validate_torsion.id 
_pdbx_validate_torsion.PDB_model_num 
_pdbx_validate_torsion.auth_comp_id 
_pdbx_validate_torsion.auth_asym_id 
_pdbx_validate_torsion.auth_seq_id 
_pdbx_validate_torsion.PDB_ins_code 
_pdbx_validate_torsion.label_alt_id 
_pdbx_validate_torsion.phi 
_pdbx_validate_torsion.psi 
1  1 ASP A 5  ? ? -79.07  -78.73  
2  1 LYS A 6  ? ? -64.89  82.93   
3  1 LYS A 7  ? ? -122.70 -93.88  
4  1 GLU A 9  ? ? -104.00 -62.01  
5  1 GLU A 15 ? ? -69.83  63.56   
6  1 ASP A 18 ? ? -66.61  74.75   
7  1 CYS A 23 ? ? 74.33   166.77  
8  1 CYS A 24 ? ? 57.43   -91.21  
9  1 VAL A 25 ? ? 36.29   -132.46 
10 1 CYS A 26 ? ? -169.65 35.58   
11 1 ASN A 40 ? ? -158.23 46.94   
12 1 GLN A 42 ? ? 59.26   -73.22  
13 1 CYS A 57 ? ? -17.36  -69.92  
14 1 VAL A 65 ? ? 78.40   143.62  
15 1 ALA A 68 ? ? -169.71 90.61   
# 
_pdbx_validate_peptide_omega.id               1 
_pdbx_validate_peptide_omega.PDB_model_num    1 
_pdbx_validate_peptide_omega.auth_comp_id_1   ASP 
_pdbx_validate_peptide_omega.auth_asym_id_1   A 
_pdbx_validate_peptide_omega.auth_seq_id_1    43 
_pdbx_validate_peptide_omega.PDB_ins_code_1   ? 
_pdbx_validate_peptide_omega.label_alt_id_1   ? 
_pdbx_validate_peptide_omega.auth_comp_id_2   SER 
_pdbx_validate_peptide_omega.auth_asym_id_2   A 
_pdbx_validate_peptide_omega.auth_seq_id_2    44 
_pdbx_validate_peptide_omega.PDB_ins_code_2   ? 
_pdbx_validate_peptide_omega.label_alt_id_2   ? 
_pdbx_validate_peptide_omega.omega            -141.85 
# 
_pdbx_SG_project.id                    1 
_pdbx_SG_project.project_name          ? 
_pdbx_SG_project.full_name_of_center   'Structural Proteomics in Europe' 
_pdbx_SG_project.initial_of_center     SPINE 
# 
_pdbx_nmr_ensemble.entry_id                             1Z2G 
_pdbx_nmr_ensemble.conformers_calculated_total_number   ? 
_pdbx_nmr_ensemble.conformers_submitted_total_number    1 
_pdbx_nmr_ensemble.conformer_selection_criteria         ? 
# 
_pdbx_nmr_representative.entry_id             1Z2G 
_pdbx_nmr_representative.conformer_id         ? 
_pdbx_nmr_representative.selection_criteria   'minimized average structure' 
# 
_pdbx_nmr_sample_details.solution_id      1 
_pdbx_nmr_sample_details.contents         '2mM Cox17 15N, 13C; 1mM dithiothreitol; 50mM phosphate buffer; pH 7' 
_pdbx_nmr_sample_details.solvent_system   '90% H2O/10% D2O' 
# 
_pdbx_nmr_exptl_sample_conditions.conditions_id       1 
_pdbx_nmr_exptl_sample_conditions.temperature         298 
_pdbx_nmr_exptl_sample_conditions.pressure            ambient 
_pdbx_nmr_exptl_sample_conditions.pH                  7 
_pdbx_nmr_exptl_sample_conditions.ionic_strength      '50mM phosphate buffer' 
_pdbx_nmr_exptl_sample_conditions.pressure_units      ? 
_pdbx_nmr_exptl_sample_conditions.temperature_units   K 
# 
loop_
_pdbx_nmr_exptl.experiment_id 
_pdbx_nmr_exptl.conditions_id 
_pdbx_nmr_exptl.type 
_pdbx_nmr_exptl.solution_id 
1 1 '2D NOESY'             1 
2 1 3D_15N-separated_NOESY 1 
3 1 3D_13C-separated_NOESY 1 
4 1 HNHA                   1 
5 1 '2D TOCSY'             1 
# 
_pdbx_nmr_refine.entry_id           1Z2G 
_pdbx_nmr_refine.method             'simulated annealing, torsion angle dynamics' 
_pdbx_nmr_refine.details            ? 
_pdbx_nmr_refine.software_ordinal   1 
# 
loop_
_pdbx_nmr_software.classification 
_pdbx_nmr_software.name 
_pdbx_nmr_software.version 
_pdbx_nmr_software.authors 
_pdbx_nmr_software.ordinal 
processing           XwinNMR ? ?                                     1 
'data analysis'      XEASY   ? ?                                     2 
'structure solution' DYANA   ? 'Guentert, Mumenthaler and Wuethrich' 3 
refinement           Amber   6 ?                                     4 
# 
loop_
_chem_comp_atom.comp_id 
_chem_comp_atom.atom_id 
_chem_comp_atom.type_symbol 
_chem_comp_atom.pdbx_aromatic_flag 
_chem_comp_atom.pdbx_stereo_config 
_chem_comp_atom.pdbx_ordinal 
ALA N    N N N 1   
ALA CA   C N S 2   
ALA C    C N N 3   
ALA O    O N N 4   
ALA CB   C N N 5   
ALA OXT  O N N 6   
ALA H    H N N 7   
ALA H2   H N N 8   
ALA HA   H N N 9   
ALA HB1  H N N 10  
ALA HB2  H N N 11  
ALA HB3  H N N 12  
ALA HXT  H N N 13  
ARG N    N N N 14  
ARG CA   C N S 15  
ARG C    C N N 16  
ARG O    O N N 17  
ARG CB   C N N 18  
ARG CG   C N N 19  
ARG CD   C N N 20  
ARG NE   N N N 21  
ARG CZ   C N N 22  
ARG NH1  N N N 23  
ARG NH2  N N N 24  
ARG OXT  O N N 25  
ARG H    H N N 26  
ARG H2   H N N 27  
ARG HA   H N N 28  
ARG HB2  H N N 29  
ARG HB3  H N N 30  
ARG HG2  H N N 31  
ARG HG3  H N N 32  
ARG HD2  H N N 33  
ARG HD3  H N N 34  
ARG HE   H N N 35  
ARG HH11 H N N 36  
ARG HH12 H N N 37  
ARG HH21 H N N 38  
ARG HH22 H N N 39  
ARG HXT  H N N 40  
ASN N    N N N 41  
ASN CA   C N S 42  
ASN C    C N N 43  
ASN O    O N N 44  
ASN CB   C N N 45  
ASN CG   C N N 46  
ASN OD1  O N N 47  
ASN ND2  N N N 48  
ASN OXT  O N N 49  
ASN H    H N N 50  
ASN H2   H N N 51  
ASN HA   H N N 52  
ASN HB2  H N N 53  
ASN HB3  H N N 54  
ASN HD21 H N N 55  
ASN HD22 H N N 56  
ASN HXT  H N N 57  
ASP N    N N N 58  
ASP CA   C N S 59  
ASP C    C N N 60  
ASP O    O N N 61  
ASP CB   C N N 62  
ASP CG   C N N 63  
ASP OD1  O N N 64  
ASP OD2  O N N 65  
ASP OXT  O N N 66  
ASP H    H N N 67  
ASP H2   H N N 68  
ASP HA   H N N 69  
ASP HB2  H N N 70  
ASP HB3  H N N 71  
ASP HD2  H N N 72  
ASP HXT  H N N 73  
CYS N    N N N 74  
CYS CA   C N R 75  
CYS C    C N N 76  
CYS O    O N N 77  
CYS CB   C N N 78  
CYS SG   S N N 79  
CYS OXT  O N N 80  
CYS H    H N N 81  
CYS H2   H N N 82  
CYS HA   H N N 83  
CYS HB2  H N N 84  
CYS HB3  H N N 85  
CYS HG   H N N 86  
CYS HXT  H N N 87  
GLN N    N N N 88  
GLN CA   C N S 89  
GLN C    C N N 90  
GLN O    O N N 91  
GLN CB   C N N 92  
GLN CG   C N N 93  
GLN CD   C N N 94  
GLN OE1  O N N 95  
GLN NE2  N N N 96  
GLN OXT  O N N 97  
GLN H    H N N 98  
GLN H2   H N N 99  
GLN HA   H N N 100 
GLN HB2  H N N 101 
GLN HB3  H N N 102 
GLN HG2  H N N 103 
GLN HG3  H N N 104 
GLN HE21 H N N 105 
GLN HE22 H N N 106 
GLN HXT  H N N 107 
GLU N    N N N 108 
GLU CA   C N S 109 
GLU C    C N N 110 
GLU O    O N N 111 
GLU CB   C N N 112 
GLU CG   C N N 113 
GLU CD   C N N 114 
GLU OE1  O N N 115 
GLU OE2  O N N 116 
GLU OXT  O N N 117 
GLU H    H N N 118 
GLU H2   H N N 119 
GLU HA   H N N 120 
GLU HB2  H N N 121 
GLU HB3  H N N 122 
GLU HG2  H N N 123 
GLU HG3  H N N 124 
GLU HE2  H N N 125 
GLU HXT  H N N 126 
GLY N    N N N 127 
GLY CA   C N N 128 
GLY C    C N N 129 
GLY O    O N N 130 
GLY OXT  O N N 131 
GLY H    H N N 132 
GLY H2   H N N 133 
GLY HA2  H N N 134 
GLY HA3  H N N 135 
GLY HXT  H N N 136 
HIS N    N N N 137 
HIS CA   C N S 138 
HIS C    C N N 139 
HIS O    O N N 140 
HIS CB   C N N 141 
HIS CG   C Y N 142 
HIS ND1  N Y N 143 
HIS CD2  C Y N 144 
HIS CE1  C Y N 145 
HIS NE2  N Y N 146 
HIS OXT  O N N 147 
HIS H    H N N 148 
HIS H2   H N N 149 
HIS HA   H N N 150 
HIS HB2  H N N 151 
HIS HB3  H N N 152 
HIS HD1  H N N 153 
HIS HD2  H N N 154 
HIS HE1  H N N 155 
HIS HE2  H N N 156 
HIS HXT  H N N 157 
ILE N    N N N 158 
ILE CA   C N S 159 
ILE C    C N N 160 
ILE O    O N N 161 
ILE CB   C N S 162 
ILE CG1  C N N 163 
ILE CG2  C N N 164 
ILE CD1  C N N 165 
ILE OXT  O N N 166 
ILE H    H N N 167 
ILE H2   H N N 168 
ILE HA   H N N 169 
ILE HB   H N N 170 
ILE HG12 H N N 171 
ILE HG13 H N N 172 
ILE HG21 H N N 173 
ILE HG22 H N N 174 
ILE HG23 H N N 175 
ILE HD11 H N N 176 
ILE HD12 H N N 177 
ILE HD13 H N N 178 
ILE HXT  H N N 179 
LEU N    N N N 180 
LEU CA   C N S 181 
LEU C    C N N 182 
LEU O    O N N 183 
LEU CB   C N N 184 
LEU CG   C N N 185 
LEU CD1  C N N 186 
LEU CD2  C N N 187 
LEU OXT  O N N 188 
LEU H    H N N 189 
LEU H2   H N N 190 
LEU HA   H N N 191 
LEU HB2  H N N 192 
LEU HB3  H N N 193 
LEU HG   H N N 194 
LEU HD11 H N N 195 
LEU HD12 H N N 196 
LEU HD13 H N N 197 
LEU HD21 H N N 198 
LEU HD22 H N N 199 
LEU HD23 H N N 200 
LEU HXT  H N N 201 
LYS N    N N N 202 
LYS CA   C N S 203 
LYS C    C N N 204 
LYS O    O N N 205 
LYS CB   C N N 206 
LYS CG   C N N 207 
LYS CD   C N N 208 
LYS CE   C N N 209 
LYS NZ   N N N 210 
LYS OXT  O N N 211 
LYS H    H N N 212 
LYS H2   H N N 213 
LYS HA   H N N 214 
LYS HB2  H N N 215 
LYS HB3  H N N 216 
LYS HG2  H N N 217 
LYS HG3  H N N 218 
LYS HD2  H N N 219 
LYS HD3  H N N 220 
LYS HE2  H N N 221 
LYS HE3  H N N 222 
LYS HZ1  H N N 223 
LYS HZ2  H N N 224 
LYS HZ3  H N N 225 
LYS HXT  H N N 226 
MET N    N N N 227 
MET CA   C N S 228 
MET C    C N N 229 
MET O    O N N 230 
MET CB   C N N 231 
MET CG   C N N 232 
MET SD   S N N 233 
MET CE   C N N 234 
MET OXT  O N N 235 
MET H    H N N 236 
MET H2   H N N 237 
MET HA   H N N 238 
MET HB2  H N N 239 
MET HB3  H N N 240 
MET HG2  H N N 241 
MET HG3  H N N 242 
MET HE1  H N N 243 
MET HE2  H N N 244 
MET HE3  H N N 245 
MET HXT  H N N 246 
PHE N    N N N 247 
PHE CA   C N S 248 
PHE C    C N N 249 
PHE O    O N N 250 
PHE CB   C N N 251 
PHE CG   C Y N 252 
PHE CD1  C Y N 253 
PHE CD2  C Y N 254 
PHE CE1  C Y N 255 
PHE CE2  C Y N 256 
PHE CZ   C Y N 257 
PHE OXT  O N N 258 
PHE H    H N N 259 
PHE H2   H N N 260 
PHE HA   H N N 261 
PHE HB2  H N N 262 
PHE HB3  H N N 263 
PHE HD1  H N N 264 
PHE HD2  H N N 265 
PHE HE1  H N N 266 
PHE HE2  H N N 267 
PHE HZ   H N N 268 
PHE HXT  H N N 269 
PRO N    N N N 270 
PRO CA   C N S 271 
PRO C    C N N 272 
PRO O    O N N 273 
PRO CB   C N N 274 
PRO CG   C N N 275 
PRO CD   C N N 276 
PRO OXT  O N N 277 
PRO H    H N N 278 
PRO HA   H N N 279 
PRO HB2  H N N 280 
PRO HB3  H N N 281 
PRO HG2  H N N 282 
PRO HG3  H N N 283 
PRO HD2  H N N 284 
PRO HD3  H N N 285 
PRO HXT  H N N 286 
SER N    N N N 287 
SER CA   C N S 288 
SER C    C N N 289 
SER O    O N N 290 
SER CB   C N N 291 
SER OG   O N N 292 
SER OXT  O N N 293 
SER H    H N N 294 
SER H2   H N N 295 
SER HA   H N N 296 
SER HB2  H N N 297 
SER HB3  H N N 298 
SER HG   H N N 299 
SER HXT  H N N 300 
THR N    N N N 301 
THR CA   C N S 302 
THR C    C N N 303 
THR O    O N N 304 
THR CB   C N R 305 
THR OG1  O N N 306 
THR CG2  C N N 307 
THR OXT  O N N 308 
THR H    H N N 309 
THR H2   H N N 310 
THR HA   H N N 311 
THR HB   H N N 312 
THR HG1  H N N 313 
THR HG21 H N N 314 
THR HG22 H N N 315 
THR HG23 H N N 316 
THR HXT  H N N 317 
TYR N    N N N 318 
TYR CA   C N S 319 
TYR C    C N N 320 
TYR O    O N N 321 
TYR CB   C N N 322 
TYR CG   C Y N 323 
TYR CD1  C Y N 324 
TYR CD2  C Y N 325 
TYR CE1  C Y N 326 
TYR CE2  C Y N 327 
TYR CZ   C Y N 328 
TYR OH   O N N 329 
TYR OXT  O N N 330 
TYR H    H N N 331 
TYR H2   H N N 332 
TYR HA   H N N 333 
TYR HB2  H N N 334 
TYR HB3  H N N 335 
TYR HD1  H N N 336 
TYR HD2  H N N 337 
TYR HE1  H N N 338 
TYR HE2  H N N 339 
TYR HH   H N N 340 
TYR HXT  H N N 341 
VAL N    N N N 342 
VAL CA   C N S 343 
VAL C    C N N 344 
VAL O    O N N 345 
VAL CB   C N N 346 
VAL CG1  C N N 347 
VAL CG2  C N N 348 
VAL OXT  O N N 349 
VAL H    H N N 350 
VAL H2   H N N 351 
VAL HA   H N N 352 
VAL HB   H N N 353 
VAL HG11 H N N 354 
VAL HG12 H N N 355 
VAL HG13 H N N 356 
VAL HG21 H N N 357 
VAL HG22 H N N 358 
VAL HG23 H N N 359 
VAL HXT  H N N 360 
# 
loop_
_chem_comp_bond.comp_id 
_chem_comp_bond.atom_id_1 
_chem_comp_bond.atom_id_2 
_chem_comp_bond.value_order 
_chem_comp_bond.pdbx_aromatic_flag 
_chem_comp_bond.pdbx_stereo_config 
_chem_comp_bond.pdbx_ordinal 
ALA N   CA   sing N N 1   
ALA N   H    sing N N 2   
ALA N   H2   sing N N 3   
ALA CA  C    sing N N 4   
ALA CA  CB   sing N N 5   
ALA CA  HA   sing N N 6   
ALA C   O    doub N N 7   
ALA C   OXT  sing N N 8   
ALA CB  HB1  sing N N 9   
ALA CB  HB2  sing N N 10  
ALA CB  HB3  sing N N 11  
ALA OXT HXT  sing N N 12  
ARG N   CA   sing N N 13  
ARG N   H    sing N N 14  
ARG N   H2   sing N N 15  
ARG CA  C    sing N N 16  
ARG CA  CB   sing N N 17  
ARG CA  HA   sing N N 18  
ARG C   O    doub N N 19  
ARG C   OXT  sing N N 20  
ARG CB  CG   sing N N 21  
ARG CB  HB2  sing N N 22  
ARG CB  HB3  sing N N 23  
ARG CG  CD   sing N N 24  
ARG CG  HG2  sing N N 25  
ARG CG  HG3  sing N N 26  
ARG CD  NE   sing N N 27  
ARG CD  HD2  sing N N 28  
ARG CD  HD3  sing N N 29  
ARG NE  CZ   sing N N 30  
ARG NE  HE   sing N N 31  
ARG CZ  NH1  sing N N 32  
ARG CZ  NH2  doub N N 33  
ARG NH1 HH11 sing N N 34  
ARG NH1 HH12 sing N N 35  
ARG NH2 HH21 sing N N 36  
ARG NH2 HH22 sing N N 37  
ARG OXT HXT  sing N N 38  
ASN N   CA   sing N N 39  
ASN N   H    sing N N 40  
ASN N   H2   sing N N 41  
ASN CA  C    sing N N 42  
ASN CA  CB   sing N N 43  
ASN CA  HA   sing N N 44  
ASN C   O    doub N N 45  
ASN C   OXT  sing N N 46  
ASN CB  CG   sing N N 47  
ASN CB  HB2  sing N N 48  
ASN CB  HB3  sing N N 49  
ASN CG  OD1  doub N N 50  
ASN CG  ND2  sing N N 51  
ASN ND2 HD21 sing N N 52  
ASN ND2 HD22 sing N N 53  
ASN OXT HXT  sing N N 54  
ASP N   CA   sing N N 55  
ASP N   H    sing N N 56  
ASP N   H2   sing N N 57  
ASP CA  C    sing N N 58  
ASP CA  CB   sing N N 59  
ASP CA  HA   sing N N 60  
ASP C   O    doub N N 61  
ASP C   OXT  sing N N 62  
ASP CB  CG   sing N N 63  
ASP CB  HB2  sing N N 64  
ASP CB  HB3  sing N N 65  
ASP CG  OD1  doub N N 66  
ASP CG  OD2  sing N N 67  
ASP OD2 HD2  sing N N 68  
ASP OXT HXT  sing N N 69  
CYS N   CA   sing N N 70  
CYS N   H    sing N N 71  
CYS N   H2   sing N N 72  
CYS CA  C    sing N N 73  
CYS CA  CB   sing N N 74  
CYS CA  HA   sing N N 75  
CYS C   O    doub N N 76  
CYS C   OXT  sing N N 77  
CYS CB  SG   sing N N 78  
CYS CB  HB2  sing N N 79  
CYS CB  HB3  sing N N 80  
CYS SG  HG   sing N N 81  
CYS OXT HXT  sing N N 82  
GLN N   CA   sing N N 83  
GLN N   H    sing N N 84  
GLN N   H2   sing N N 85  
GLN CA  C    sing N N 86  
GLN CA  CB   sing N N 87  
GLN CA  HA   sing N N 88  
GLN C   O    doub N N 89  
GLN C   OXT  sing N N 90  
GLN CB  CG   sing N N 91  
GLN CB  HB2  sing N N 92  
GLN CB  HB3  sing N N 93  
GLN CG  CD   sing N N 94  
GLN CG  HG2  sing N N 95  
GLN CG  HG3  sing N N 96  
GLN CD  OE1  doub N N 97  
GLN CD  NE2  sing N N 98  
GLN NE2 HE21 sing N N 99  
GLN NE2 HE22 sing N N 100 
GLN OXT HXT  sing N N 101 
GLU N   CA   sing N N 102 
GLU N   H    sing N N 103 
GLU N   H2   sing N N 104 
GLU CA  C    sing N N 105 
GLU CA  CB   sing N N 106 
GLU CA  HA   sing N N 107 
GLU C   O    doub N N 108 
GLU C   OXT  sing N N 109 
GLU CB  CG   sing N N 110 
GLU CB  HB2  sing N N 111 
GLU CB  HB3  sing N N 112 
GLU CG  CD   sing N N 113 
GLU CG  HG2  sing N N 114 
GLU CG  HG3  sing N N 115 
GLU CD  OE1  doub N N 116 
GLU CD  OE2  sing N N 117 
GLU OE2 HE2  sing N N 118 
GLU OXT HXT  sing N N 119 
GLY N   CA   sing N N 120 
GLY N   H    sing N N 121 
GLY N   H2   sing N N 122 
GLY CA  C    sing N N 123 
GLY CA  HA2  sing N N 124 
GLY CA  HA3  sing N N 125 
GLY C   O    doub N N 126 
GLY C   OXT  sing N N 127 
GLY OXT HXT  sing N N 128 
HIS N   CA   sing N N 129 
HIS N   H    sing N N 130 
HIS N   H2   sing N N 131 
HIS CA  C    sing N N 132 
HIS CA  CB   sing N N 133 
HIS CA  HA   sing N N 134 
HIS C   O    doub N N 135 
HIS C   OXT  sing N N 136 
HIS CB  CG   sing N N 137 
HIS CB  HB2  sing N N 138 
HIS CB  HB3  sing N N 139 
HIS CG  ND1  sing Y N 140 
HIS CG  CD2  doub Y N 141 
HIS ND1 CE1  doub Y N 142 
HIS ND1 HD1  sing N N 143 
HIS CD2 NE2  sing Y N 144 
HIS CD2 HD2  sing N N 145 
HIS CE1 NE2  sing Y N 146 
HIS CE1 HE1  sing N N 147 
HIS NE2 HE2  sing N N 148 
HIS OXT HXT  sing N N 149 
ILE N   CA   sing N N 150 
ILE N   H    sing N N 151 
ILE N   H2   sing N N 152 
ILE CA  C    sing N N 153 
ILE CA  CB   sing N N 154 
ILE CA  HA   sing N N 155 
ILE C   O    doub N N 156 
ILE C   OXT  sing N N 157 
ILE CB  CG1  sing N N 158 
ILE CB  CG2  sing N N 159 
ILE CB  HB   sing N N 160 
ILE CG1 CD1  sing N N 161 
ILE CG1 HG12 sing N N 162 
ILE CG1 HG13 sing N N 163 
ILE CG2 HG21 sing N N 164 
ILE CG2 HG22 sing N N 165 
ILE CG2 HG23 sing N N 166 
ILE CD1 HD11 sing N N 167 
ILE CD1 HD12 sing N N 168 
ILE CD1 HD13 sing N N 169 
ILE OXT HXT  sing N N 170 
LEU N   CA   sing N N 171 
LEU N   H    sing N N 172 
LEU N   H2   sing N N 173 
LEU CA  C    sing N N 174 
LEU CA  CB   sing N N 175 
LEU CA  HA   sing N N 176 
LEU C   O    doub N N 177 
LEU C   OXT  sing N N 178 
LEU CB  CG   sing N N 179 
LEU CB  HB2  sing N N 180 
LEU CB  HB3  sing N N 181 
LEU CG  CD1  sing N N 182 
LEU CG  CD2  sing N N 183 
LEU CG  HG   sing N N 184 
LEU CD1 HD11 sing N N 185 
LEU CD1 HD12 sing N N 186 
LEU CD1 HD13 sing N N 187 
LEU CD2 HD21 sing N N 188 
LEU CD2 HD22 sing N N 189 
LEU CD2 HD23 sing N N 190 
LEU OXT HXT  sing N N 191 
LYS N   CA   sing N N 192 
LYS N   H    sing N N 193 
LYS N   H2   sing N N 194 
LYS CA  C    sing N N 195 
LYS CA  CB   sing N N 196 
LYS CA  HA   sing N N 197 
LYS C   O    doub N N 198 
LYS C   OXT  sing N N 199 
LYS CB  CG   sing N N 200 
LYS CB  HB2  sing N N 201 
LYS CB  HB3  sing N N 202 
LYS CG  CD   sing N N 203 
LYS CG  HG2  sing N N 204 
LYS CG  HG3  sing N N 205 
LYS CD  CE   sing N N 206 
LYS CD  HD2  sing N N 207 
LYS CD  HD3  sing N N 208 
LYS CE  NZ   sing N N 209 
LYS CE  HE2  sing N N 210 
LYS CE  HE3  sing N N 211 
LYS NZ  HZ1  sing N N 212 
LYS NZ  HZ2  sing N N 213 
LYS NZ  HZ3  sing N N 214 
LYS OXT HXT  sing N N 215 
MET N   CA   sing N N 216 
MET N   H    sing N N 217 
MET N   H2   sing N N 218 
MET CA  C    sing N N 219 
MET CA  CB   sing N N 220 
MET CA  HA   sing N N 221 
MET C   O    doub N N 222 
MET C   OXT  sing N N 223 
MET CB  CG   sing N N 224 
MET CB  HB2  sing N N 225 
MET CB  HB3  sing N N 226 
MET CG  SD   sing N N 227 
MET CG  HG2  sing N N 228 
MET CG  HG3  sing N N 229 
MET SD  CE   sing N N 230 
MET CE  HE1  sing N N 231 
MET CE  HE2  sing N N 232 
MET CE  HE3  sing N N 233 
MET OXT HXT  sing N N 234 
PHE N   CA   sing N N 235 
PHE N   H    sing N N 236 
PHE N   H2   sing N N 237 
PHE CA  C    sing N N 238 
PHE CA  CB   sing N N 239 
PHE CA  HA   sing N N 240 
PHE C   O    doub N N 241 
PHE C   OXT  sing N N 242 
PHE CB  CG   sing N N 243 
PHE CB  HB2  sing N N 244 
PHE CB  HB3  sing N N 245 
PHE CG  CD1  doub Y N 246 
PHE CG  CD2  sing Y N 247 
PHE CD1 CE1  sing Y N 248 
PHE CD1 HD1  sing N N 249 
PHE CD2 CE2  doub Y N 250 
PHE CD2 HD2  sing N N 251 
PHE CE1 CZ   doub Y N 252 
PHE CE1 HE1  sing N N 253 
PHE CE2 CZ   sing Y N 254 
PHE CE2 HE2  sing N N 255 
PHE CZ  HZ   sing N N 256 
PHE OXT HXT  sing N N 257 
PRO N   CA   sing N N 258 
PRO N   CD   sing N N 259 
PRO N   H    sing N N 260 
PRO CA  C    sing N N 261 
PRO CA  CB   sing N N 262 
PRO CA  HA   sing N N 263 
PRO C   O    doub N N 264 
PRO C   OXT  sing N N 265 
PRO CB  CG   sing N N 266 
PRO CB  HB2  sing N N 267 
PRO CB  HB3  sing N N 268 
PRO CG  CD   sing N N 269 
PRO CG  HG2  sing N N 270 
PRO CG  HG3  sing N N 271 
PRO CD  HD2  sing N N 272 
PRO CD  HD3  sing N N 273 
PRO OXT HXT  sing N N 274 
SER N   CA   sing N N 275 
SER N   H    sing N N 276 
SER N   H2   sing N N 277 
SER CA  C    sing N N 278 
SER CA  CB   sing N N 279 
SER CA  HA   sing N N 280 
SER C   O    doub N N 281 
SER C   OXT  sing N N 282 
SER CB  OG   sing N N 283 
SER CB  HB2  sing N N 284 
SER CB  HB3  sing N N 285 
SER OG  HG   sing N N 286 
SER OXT HXT  sing N N 287 
THR N   CA   sing N N 288 
THR N   H    sing N N 289 
THR N   H2   sing N N 290 
THR CA  C    sing N N 291 
THR CA  CB   sing N N 292 
THR CA  HA   sing N N 293 
THR C   O    doub N N 294 
THR C   OXT  sing N N 295 
THR CB  OG1  sing N N 296 
THR CB  CG2  sing N N 297 
THR CB  HB   sing N N 298 
THR OG1 HG1  sing N N 299 
THR CG2 HG21 sing N N 300 
THR CG2 HG22 sing N N 301 
THR CG2 HG23 sing N N 302 
THR OXT HXT  sing N N 303 
TYR N   CA   sing N N 304 
TYR N   H    sing N N 305 
TYR N   H2   sing N N 306 
TYR CA  C    sing N N 307 
TYR CA  CB   sing N N 308 
TYR CA  HA   sing N N 309 
TYR C   O    doub N N 310 
TYR C   OXT  sing N N 311 
TYR CB  CG   sing N N 312 
TYR CB  HB2  sing N N 313 
TYR CB  HB3  sing N N 314 
TYR CG  CD1  doub Y N 315 
TYR CG  CD2  sing Y N 316 
TYR CD1 CE1  sing Y N 317 
TYR CD1 HD1  sing N N 318 
TYR CD2 CE2  doub Y N 319 
TYR CD2 HD2  sing N N 320 
TYR CE1 CZ   doub Y N 321 
TYR CE1 HE1  sing N N 322 
TYR CE2 CZ   sing Y N 323 
TYR CE2 HE2  sing N N 324 
TYR CZ  OH   sing N N 325 
TYR OH  HH   sing N N 326 
TYR OXT HXT  sing N N 327 
VAL N   CA   sing N N 328 
VAL N   H    sing N N 329 
VAL N   H2   sing N N 330 
VAL CA  C    sing N N 331 
VAL CA  CB   sing N N 332 
VAL CA  HA   sing N N 333 
VAL C   O    doub N N 334 
VAL C   OXT  sing N N 335 
VAL CB  CG1  sing N N 336 
VAL CB  CG2  sing N N 337 
VAL CB  HB   sing N N 338 
VAL CG1 HG11 sing N N 339 
VAL CG1 HG12 sing N N 340 
VAL CG1 HG13 sing N N 341 
VAL CG2 HG21 sing N N 342 
VAL CG2 HG22 sing N N 343 
VAL CG2 HG23 sing N N 344 
VAL OXT HXT  sing N N 345 
# 
loop_
_pdbx_nmr_spectrometer.spectrometer_id 
_pdbx_nmr_spectrometer.model 
_pdbx_nmr_spectrometer.manufacturer 
_pdbx_nmr_spectrometer.field_strength 
_pdbx_nmr_spectrometer.type 
1 AVANCE Bruker 700 ? 
2 AVANCE Bruker 500 ? 
# 
_atom_sites.entry_id                    1Z2G 
_atom_sites.fract_transf_matrix[1][1]   1.000000 
_atom_sites.fract_transf_matrix[1][2]   0.000000 
_atom_sites.fract_transf_matrix[1][3]   0.000000 
_atom_sites.fract_transf_matrix[2][1]   0.000000 
_atom_sites.fract_transf_matrix[2][2]   1.000000 
_atom_sites.fract_transf_matrix[2][3]   0.000000 
_atom_sites.fract_transf_matrix[3][1]   0.000000 
_atom_sites.fract_transf_matrix[3][2]   0.000000 
_atom_sites.fract_transf_matrix[3][3]   1.000000 
_atom_sites.fract_transf_vector[1]      0.00000 
_atom_sites.fract_transf_vector[2]      0.00000 
_atom_sites.fract_transf_vector[3]      0.00000 
# 
loop_
_atom_type.symbol 
C 
H 
N 
O 
S 
# 
loop_
_atom_site.group_PDB 
_atom_site.id 
_atom_site.type_symbol 
_atom_site.label_atom_id 
_atom_site.label_alt_id 
_atom_site.label_comp_id 
_atom_site.label_asym_id 
_atom_site.label_entity_id 
_atom_site.label_seq_id 
_atom_site.pdbx_PDB_ins_code 
_atom_site.Cartn_x 
_atom_site.Cartn_y 
_atom_site.Cartn_z 
_atom_site.occupancy 
_atom_site.B_iso_or_equiv 
_atom_site.pdbx_formal_charge 
_atom_site.auth_seq_id 
_atom_site.auth_comp_id 
_atom_site.auth_asym_id 
_atom_site.auth_atom_id 
_atom_site.pdbx_PDB_model_num 
ATOM 1    N N    . MET A 1 1  ? -5.585  -5.024  24.633  1.00 10.00 ? 1  MET A N    1 
ATOM 2    C CA   . MET A 1 1  ? -6.546  -5.926  23.975  1.00 10.00 ? 1  MET A CA   1 
ATOM 3    C C    . MET A 1 1  ? -7.739  -5.095  23.509  1.00 10.00 ? 1  MET A C    1 
ATOM 4    O O    . MET A 1 1  ? -7.786  -3.904  23.812  1.00 10.00 ? 1  MET A O    1 
ATOM 5    C CB   . MET A 1 1  ? -6.998  -7.054  24.917  1.00 10.00 ? 1  MET A CB   1 
ATOM 6    C CG   . MET A 1 1  ? -5.855  -8.004  25.300  1.00 10.00 ? 1  MET A CG   1 
ATOM 7    S SD   . MET A 1 1  ? -6.305  -9.352  26.427  1.00 10.00 ? 1  MET A SD   1 
ATOM 8    C CE   . MET A 1 1  ? -7.465  -10.297 25.411  1.00 10.00 ? 1  MET A CE   1 
ATOM 9    H H1   . MET A 1 1  ? -6.055  -4.593  25.429  1.00 10.00 ? 1  MET A H1   1 
ATOM 10   H H2   . MET A 1 1  ? -4.750  -5.501  24.931  1.00 10.00 ? 1  MET A H2   1 
ATOM 11   H H3   . MET A 1 1  ? -5.365  -4.277  23.991  1.00 10.00 ? 1  MET A H3   1 
ATOM 12   H HA   . MET A 1 1  ? -6.072  -6.365  23.095  1.00 10.00 ? 1  MET A HA   1 
ATOM 13   H HB2  . MET A 1 1  ? -7.426  -6.623  25.823  1.00 10.00 ? 1  MET A HB2  1 
ATOM 14   H HB3  . MET A 1 1  ? -7.769  -7.637  24.416  1.00 10.00 ? 1  MET A HB3  1 
ATOM 15   H HG2  . MET A 1 1  ? -5.434  -8.452  24.400  1.00 10.00 ? 1  MET A HG2  1 
ATOM 16   H HG3  . MET A 1 1  ? -5.071  -7.445  25.808  1.00 10.00 ? 1  MET A HG3  1 
ATOM 17   H HE1  . MET A 1 1  ? -7.761  -11.190 25.961  1.00 10.00 ? 1  MET A HE1  1 
ATOM 18   H HE2  . MET A 1 1  ? -8.350  -9.701  25.201  1.00 10.00 ? 1  MET A HE2  1 
ATOM 19   H HE3  . MET A 1 1  ? -6.981  -10.589 24.481  1.00 10.00 ? 1  MET A HE3  1 
ATOM 20   N N    . THR A 1 2  ? -8.688  -5.702  22.797  1.00 10.00 ? 2  THR A N    1 
ATOM 21   C CA   . THR A 1 2  ? -9.866  -5.052  22.249  1.00 10.00 ? 2  THR A CA   1 
ATOM 22   C C    . THR A 1 2  ? -10.527 -4.143  23.292  1.00 10.00 ? 2  THR A C    1 
ATOM 23   O O    . THR A 1 2  ? -10.696 -2.947  23.065  1.00 10.00 ? 2  THR A O    1 
ATOM 24   C CB   . THR A 1 2  ? -10.807 -6.153  21.724  1.00 10.00 ? 2  THR A CB   1 
ATOM 25   O OG1  . THR A 1 2  ? -10.038 -7.303  21.401  1.00 10.00 ? 2  THR A OG1  1 
ATOM 26   C CG2  . THR A 1 2  ? -11.561 -5.700  20.471  1.00 10.00 ? 2  THR A CG2  1 
ATOM 27   H H    . THR A 1 2  ? -8.618  -6.682  22.542  1.00 10.00 ? 2  THR A H    1 
ATOM 28   H HA   . THR A 1 2  ? -9.534  -4.437  21.411  1.00 10.00 ? 2  THR A HA   1 
ATOM 29   H HB   . THR A 1 2  ? -11.529 -6.434  22.493  1.00 10.00 ? 2  THR A HB   1 
ATOM 30   H HG1  . THR A 1 2  ? -10.631 -7.982  21.068  1.00 10.00 ? 2  THR A HG1  1 
ATOM 31   H HG21 . THR A 1 2  ? -12.230 -6.492  20.136  1.00 10.00 ? 2  THR A HG21 1 
ATOM 32   H HG22 . THR A 1 2  ? -12.153 -4.815  20.694  1.00 10.00 ? 2  THR A HG22 1 
ATOM 33   H HG23 . THR A 1 2  ? -10.856 -5.467  19.672  1.00 10.00 ? 2  THR A HG23 1 
ATOM 34   N N    . GLU A 1 3  ? -10.831 -4.687  24.471  1.00 10.00 ? 3  GLU A N    1 
ATOM 35   C CA   . GLU A 1 3  ? -11.504 -3.946  25.527  1.00 10.00 ? 3  GLU A CA   1 
ATOM 36   C C    . GLU A 1 3  ? -10.637 -2.825  26.107  1.00 10.00 ? 3  GLU A C    1 
ATOM 37   O O    . GLU A 1 3  ? -11.168 -1.840  26.614  1.00 10.00 ? 3  GLU A O    1 
ATOM 38   C CB   . GLU A 1 3  ? -12.005 -4.917  26.606  1.00 10.00 ? 3  GLU A CB   1 
ATOM 39   C CG   . GLU A 1 3  ? -12.810 -6.081  26.004  1.00 10.00 ? 3  GLU A CG   1 
ATOM 40   C CD   . GLU A 1 3  ? -13.810 -5.601  24.961  1.00 10.00 ? 3  GLU A CD   1 
ATOM 41   O OE1  . GLU A 1 3  ? -14.711 -4.820  25.342  1.00 10.00 ? 3  GLU A OE1  1 
ATOM 42   O OE2  . GLU A 1 3  ? -13.615 -5.945  23.777  1.00 10.00 ? 3  GLU A OE2  1 
ATOM 43   H H    . GLU A 1 3  ? -10.715 -5.681  24.595  1.00 10.00 ? 3  GLU A H    1 
ATOM 44   H HA   . GLU A 1 3  ? -12.370 -3.449  25.094  1.00 10.00 ? 3  GLU A HA   1 
ATOM 45   H HB2  . GLU A 1 3  ? -11.167 -5.313  27.180  1.00 10.00 ? 3  GLU A HB2  1 
ATOM 46   H HB3  . GLU A 1 3  ? -12.657 -4.359  27.281  1.00 10.00 ? 3  GLU A HB3  1 
ATOM 47   H HG2  . GLU A 1 3  ? -12.143 -6.810  25.544  1.00 10.00 ? 3  GLU A HG2  1 
ATOM 48   H HG3  . GLU A 1 3  ? -13.358 -6.584  26.800  1.00 10.00 ? 3  GLU A HG3  1 
ATOM 49   N N    . THR A 1 4  ? -9.307  -2.940  26.013  1.00 10.00 ? 4  THR A N    1 
ATOM 50   C CA   . THR A 1 4  ? -8.417  -1.847  26.373  1.00 10.00 ? 4  THR A CA   1 
ATOM 51   C C    . THR A 1 4  ? -8.705  -0.641  25.474  1.00 10.00 ? 4  THR A C    1 
ATOM 52   O O    . THR A 1 4  ? -8.698  0.498   25.942  1.00 10.00 ? 4  THR A O    1 
ATOM 53   C CB   . THR A 1 4  ? -6.952  -2.296  26.251  1.00 10.00 ? 4  THR A CB   1 
ATOM 54   O OG1  . THR A 1 4  ? -6.820  -3.665  26.611  1.00 10.00 ? 4  THR A OG1  1 
ATOM 55   C CG2  . THR A 1 4  ? -6.041  -1.458  27.150  1.00 10.00 ? 4  THR A CG2  1 
ATOM 56   H H    . THR A 1 4  ? -8.900  -3.717  25.509  1.00 10.00 ? 4  THR A H    1 
ATOM 57   H HA   . THR A 1 4  ? -8.620  -1.576  27.410  1.00 10.00 ? 4  THR A HA   1 
ATOM 58   H HB   . THR A 1 4  ? -6.621  -2.165  25.219  1.00 10.00 ? 4  THR A HB   1 
ATOM 59   H HG1  . THR A 1 4  ? -7.225  -3.777  27.479  1.00 10.00 ? 4  THR A HG1  1 
ATOM 60   H HG21 . THR A 1 4  ? -5.006  -1.780  27.028  1.00 10.00 ? 4  THR A HG21 1 
ATOM 61   H HG22 . THR A 1 4  ? -6.114  -0.405  26.876  1.00 10.00 ? 4  THR A HG22 1 
ATOM 62   H HG23 . THR A 1 4  ? -6.326  -1.574  28.197  1.00 10.00 ? 4  THR A HG23 1 
ATOM 63   N N    . ASP A 1 5  ? -8.984  -0.898  24.192  1.00 10.00 ? 5  ASP A N    1 
ATOM 64   C CA   . ASP A 1 5  ? -9.375  0.123   23.235  1.00 10.00 ? 5  ASP A CA   1 
ATOM 65   C C    . ASP A 1 5  ? -10.854 0.479   23.417  1.00 10.00 ? 5  ASP A C    1 
ATOM 66   O O    . ASP A 1 5  ? -11.166 1.501   24.032  1.00 10.00 ? 5  ASP A O    1 
ATOM 67   C CB   . ASP A 1 5  ? -9.061  -0.351  21.809  1.00 10.00 ? 5  ASP A CB   1 
ATOM 68   C CG   . ASP A 1 5  ? -9.806  0.490   20.783  1.00 10.00 ? 5  ASP A CG   1 
ATOM 69   O OD1  . ASP A 1 5  ? -9.655  1.726   20.860  1.00 10.00 ? 5  ASP A OD1  1 
ATOM 70   O OD2  . ASP A 1 5  ? -10.556 -0.120  19.993  1.00 10.00 ? 5  ASP A OD2  1 
ATOM 71   H H    . ASP A 1 5  ? -9.048  -1.862  23.881  1.00 10.00 ? 5  ASP A H    1 
ATOM 72   H HA   . ASP A 1 5  ? -8.793  1.031   23.406  1.00 10.00 ? 5  ASP A HA   1 
ATOM 73   H HB2  . ASP A 1 5  ? -7.991  -0.264  21.622  1.00 10.00 ? 5  ASP A HB2  1 
ATOM 74   H HB3  . ASP A 1 5  ? -9.351  -1.391  21.666  1.00 10.00 ? 5  ASP A HB3  1 
ATOM 75   N N    . LYS A 1 6  ? -11.756 -0.361  22.899  1.00 10.00 ? 6  LYS A N    1 
ATOM 76   C CA   . LYS A 1 6  ? -13.119 0.027   22.548  1.00 10.00 ? 6  LYS A CA   1 
ATOM 77   C C    . LYS A 1 6  ? -13.969 0.441   23.754  1.00 10.00 ? 6  LYS A C    1 
ATOM 78   O O    . LYS A 1 6  ? -14.764 -0.345  24.277  1.00 10.00 ? 6  LYS A O    1 
ATOM 79   C CB   . LYS A 1 6  ? -13.811 -1.044  21.689  1.00 10.00 ? 6  LYS A CB   1 
ATOM 80   C CG   . LYS A 1 6  ? -13.681 -2.462  22.257  1.00 10.00 ? 6  LYS A CG   1 
ATOM 81   C CD   . LYS A 1 6  ? -14.904 -3.344  21.965  1.00 10.00 ? 6  LYS A CD   1 
ATOM 82   C CE   . LYS A 1 6  ? -16.171 -2.951  22.743  1.00 10.00 ? 6  LYS A CE   1 
ATOM 83   N NZ   . LYS A 1 6  ? -15.913 -2.779  24.187  1.00 10.00 ? 6  LYS A NZ   1 
ATOM 84   H H    . LYS A 1 6  ? -11.390 -1.225  22.507  1.00 10.00 ? 6  LYS A H    1 
ATOM 85   H HA   . LYS A 1 6  ? -13.040 0.904   21.903  1.00 10.00 ? 6  LYS A HA   1 
ATOM 86   H HB2  . LYS A 1 6  ? -14.858 -0.764  21.577  1.00 10.00 ? 6  LYS A HB2  1 
ATOM 87   H HB3  . LYS A 1 6  ? -13.363 -1.035  20.694  1.00 10.00 ? 6  LYS A HB3  1 
ATOM 88   H HG2  . LYS A 1 6  ? -12.820 -2.916  21.771  1.00 10.00 ? 6  LYS A HG2  1 
ATOM 89   H HG3  . LYS A 1 6  ? -13.468 -2.441  23.325  1.00 10.00 ? 6  LYS A HG3  1 
ATOM 90   H HD2  . LYS A 1 6  ? -15.116 -3.323  20.894  1.00 10.00 ? 6  LYS A HD2  1 
ATOM 91   H HD3  . LYS A 1 6  ? -14.647 -4.373  22.227  1.00 10.00 ? 6  LYS A HD3  1 
ATOM 92   H HE2  . LYS A 1 6  ? -16.589 -2.025  22.346  1.00 10.00 ? 6  LYS A HE2  1 
ATOM 93   H HE3  . LYS A 1 6  ? -16.910 -3.744  22.612  1.00 10.00 ? 6  LYS A HE3  1 
ATOM 94   H HZ1  . LYS A 1 6  ? -16.772 -2.678  24.701  1.00 10.00 ? 6  LYS A HZ1  1 
ATOM 95   H HZ2  . LYS A 1 6  ? -15.419 -3.591  24.558  1.00 10.00 ? 6  LYS A HZ2  1 
ATOM 96   H HZ3  . LYS A 1 6  ? -15.344 -1.950  24.338  1.00 10.00 ? 6  LYS A HZ3  1 
ATOM 97   N N    . LYS A 1 7  ? -13.810 1.702   24.154  1.00 10.00 ? 7  LYS A N    1 
ATOM 98   C CA   . LYS A 1 7  ? -14.670 2.457   25.047  1.00 10.00 ? 7  LYS A CA   1 
ATOM 99   C C    . LYS A 1 7  ? -15.103 3.698   24.256  1.00 10.00 ? 7  LYS A C    1 
ATOM 100  O O    . LYS A 1 7  ? -16.034 3.626   23.460  1.00 10.00 ? 7  LYS A O    1 
ATOM 101  C CB   . LYS A 1 7  ? -13.880 2.793   26.321  1.00 10.00 ? 7  LYS A CB   1 
ATOM 102  C CG   . LYS A 1 7  ? -13.567 1.542   27.152  1.00 10.00 ? 7  LYS A CG   1 
ATOM 103  C CD   . LYS A 1 7  ? -12.505 1.851   28.218  1.00 10.00 ? 7  LYS A CD   1 
ATOM 104  C CE   . LYS A 1 7  ? -11.076 1.504   27.767  1.00 10.00 ? 7  LYS A CE   1 
ATOM 105  N NZ   . LYS A 1 7  ? -10.642 2.181   26.527  1.00 10.00 ? 7  LYS A NZ   1 
ATOM 106  H H    . LYS A 1 7  ? -13.033 2.195   23.726  1.00 10.00 ? 7  LYS A H    1 
ATOM 107  H HA   . LYS A 1 7  ? -15.562 1.884   25.308  1.00 10.00 ? 7  LYS A HA   1 
ATOM 108  H HB2  . LYS A 1 7  ? -12.946 3.278   26.047  1.00 10.00 ? 7  LYS A HB2  1 
ATOM 109  H HB3  . LYS A 1 7  ? -14.464 3.482   26.934  1.00 10.00 ? 7  LYS A HB3  1 
ATOM 110  H HG2  . LYS A 1 7  ? -14.491 1.233   27.644  1.00 10.00 ? 7  LYS A HG2  1 
ATOM 111  H HG3  . LYS A 1 7  ? -13.233 0.712   26.527  1.00 10.00 ? 7  LYS A HG3  1 
ATOM 112  H HD2  . LYS A 1 7  ? -12.573 2.896   28.531  1.00 10.00 ? 7  LYS A HD2  1 
ATOM 113  H HD3  . LYS A 1 7  ? -12.721 1.233   29.093  1.00 10.00 ? 7  LYS A HD3  1 
ATOM 114  H HE2  . LYS A 1 7  ? -10.383 1.762   28.568  1.00 10.00 ? 7  LYS A HE2  1 
ATOM 115  H HE3  . LYS A 1 7  ? -11.013 0.427   27.609  1.00 10.00 ? 7  LYS A HE3  1 
ATOM 116  H HZ1  . LYS A 1 7  ? -9.713  1.838   26.290  1.00 10.00 ? 7  LYS A HZ1  1 
ATOM 117  H HZ2  . LYS A 1 7  ? -11.215 1.930   25.723  1.00 10.00 ? 7  LYS A HZ2  1 
ATOM 118  H HZ3  . LYS A 1 7  ? -10.616 3.185   26.620  1.00 10.00 ? 7  LYS A HZ3  1 
ATOM 119  N N    . GLN A 1 8  ? -14.372 4.804   24.419  1.00 10.00 ? 8  GLN A N    1 
ATOM 120  C CA   . GLN A 1 8  ? -14.273 5.913   23.487  1.00 10.00 ? 8  GLN A CA   1 
ATOM 121  C C    . GLN A 1 8  ? -12.822 6.390   23.584  1.00 10.00 ? 8  GLN A C    1 
ATOM 122  O O    . GLN A 1 8  ? -12.117 5.975   24.507  1.00 10.00 ? 8  GLN A O    1 
ATOM 123  C CB   . GLN A 1 8  ? -15.237 7.047   23.861  1.00 10.00 ? 8  GLN A CB   1 
ATOM 124  C CG   . GLN A 1 8  ? -16.709 6.631   23.750  1.00 10.00 ? 8  GLN A CG   1 
ATOM 125  C CD   . GLN A 1 8  ? -17.658 7.811   23.933  1.00 10.00 ? 8  GLN A CD   1 
ATOM 126  O OE1  . GLN A 1 8  ? -17.236 8.938   24.180  1.00 10.00 ? 8  GLN A OE1  1 
ATOM 127  N NE2  . GLN A 1 8  ? -18.961 7.567   23.818  1.00 10.00 ? 8  GLN A NE2  1 
ATOM 128  H H    . GLN A 1 8  ? -13.602 4.797   25.075  1.00 10.00 ? 8  GLN A H    1 
ATOM 129  H HA   . GLN A 1 8  ? -14.470 5.571   22.470  1.00 10.00 ? 8  GLN A HA   1 
ATOM 130  H HB2  . GLN A 1 8  ? -15.031 7.386   24.878  1.00 10.00 ? 8  GLN A HB2  1 
ATOM 131  H HB3  . GLN A 1 8  ? -15.064 7.879   23.176  1.00 10.00 ? 8  GLN A HB3  1 
ATOM 132  H HG2  . GLN A 1 8  ? -16.884 6.194   22.766  1.00 10.00 ? 8  GLN A HG2  1 
ATOM 133  H HG3  . GLN A 1 8  ? -16.936 5.889   24.516  1.00 10.00 ? 8  GLN A HG3  1 
ATOM 134  H HE21 . GLN A 1 8  ? -19.290 6.636   23.611  1.00 10.00 ? 8  GLN A HE21 1 
ATOM 135  H HE22 . GLN A 1 8  ? -19.605 8.336   23.930  1.00 10.00 ? 8  GLN A HE22 1 
ATOM 136  N N    . GLU A 1 9  ? -12.397 7.250   22.656  1.00 10.00 ? 9  GLU A N    1 
ATOM 137  C CA   . GLU A 1 9  ? -11.089 7.890   22.666  1.00 10.00 ? 9  GLU A CA   1 
ATOM 138  C C    . GLU A 1 9  ? -11.238 9.347   23.119  1.00 10.00 ? 9  GLU A C    1 
ATOM 139  O O    . GLU A 1 9  ? -10.729 9.712   24.175  1.00 10.00 ? 9  GLU A O    1 
ATOM 140  C CB   . GLU A 1 9  ? -10.364 7.685   21.320  1.00 10.00 ? 9  GLU A CB   1 
ATOM 141  C CG   . GLU A 1 9  ? -11.178 7.846   20.018  1.00 10.00 ? 9  GLU A CG   1 
ATOM 142  C CD   . GLU A 1 9  ? -10.946 9.181   19.336  1.00 10.00 ? 9  GLU A CD   1 
ATOM 143  O OE1  . GLU A 1 9  ? -11.588 10.154  19.789  1.00 10.00 ? 9  GLU A OE1  1 
ATOM 144  O OE2  . GLU A 1 9  ? -10.099 9.230   18.428  1.00 10.00 ? 9  GLU A OE2  1 
ATOM 145  H H    . GLU A 1 9  ? -13.040 7.545   21.939  1.00 10.00 ? 9  GLU A H    1 
ATOM 146  H HA   . GLU A 1 9  ? -10.452 7.412   23.413  1.00 10.00 ? 9  GLU A HA   1 
ATOM 147  H HB2  . GLU A 1 9  ? -9.482  8.326   21.277  1.00 10.00 ? 9  GLU A HB2  1 
ATOM 148  H HB3  . GLU A 1 9  ? -10.007 6.653   21.325  1.00 10.00 ? 9  GLU A HB3  1 
ATOM 149  H HG2  . GLU A 1 9  ? -10.833 7.083   19.315  1.00 10.00 ? 9  GLU A HG2  1 
ATOM 150  H HG3  . GLU A 1 9  ? -12.247 7.695   20.152  1.00 10.00 ? 9  GLU A HG3  1 
ATOM 151  N N    . GLN A 1 10 ? -11.985 10.148  22.356  1.00 10.00 ? 10 GLN A N    1 
ATOM 152  C CA   . GLN A 1 10 ? -12.171 11.580  22.553  1.00 10.00 ? 10 GLN A CA   1 
ATOM 153  C C    . GLN A 1 10 ? -10.848 12.317  22.319  1.00 10.00 ? 10 GLN A C    1 
ATOM 154  O O    . GLN A 1 10 ? -10.498 13.234  23.057  1.00 10.00 ? 10 GLN A O    1 
ATOM 155  C CB   . GLN A 1 10 ? -12.821 11.909  23.909  1.00 10.00 ? 10 GLN A CB   1 
ATOM 156  C CG   . GLN A 1 10 ? -14.126 11.131  24.133  1.00 10.00 ? 10 GLN A CG   1 
ATOM 157  C CD   . GLN A 1 10 ? -14.841 11.552  25.415  1.00 10.00 ? 10 GLN A CD   1 
ATOM 158  O OE1  . GLN A 1 10 ? -14.362 12.392  26.170  1.00 10.00 ? 10 GLN A OE1  1 
ATOM 159  N NE2  . GLN A 1 10 ? -16.008 10.974  25.682  1.00 10.00 ? 10 GLN A NE2  1 
ATOM 160  H H    . GLN A 1 10 ? -12.164 9.828   21.402  1.00 10.00 ? 10 GLN A H    1 
ATOM 161  H HA   . GLN A 1 10 ? -12.855 11.914  21.774  1.00 10.00 ? 10 GLN A HA   1 
ATOM 162  H HB2  . GLN A 1 10 ? -12.129 11.704  24.727  1.00 10.00 ? 10 GLN A HB2  1 
ATOM 163  H HB3  . GLN A 1 10 ? -13.047 12.976  23.920  1.00 10.00 ? 10 GLN A HB3  1 
ATOM 164  H HG2  . GLN A 1 10 ? -14.793 11.304  23.287  1.00 10.00 ? 10 GLN A HG2  1 
ATOM 165  H HG3  . GLN A 1 10 ? -13.906 10.066  24.199  1.00 10.00 ? 10 GLN A HG3  1 
ATOM 166  H HE21 . GLN A 1 10 ? -16.404 10.280  25.052  1.00 10.00 ? 10 GLN A HE21 1 
ATOM 167  H HE22 . GLN A 1 10 ? -16.495 11.244  26.520  1.00 10.00 ? 10 GLN A HE22 1 
ATOM 168  N N    . GLU A 1 11 ? -10.137 11.918  21.260  1.00 10.00 ? 11 GLU A N    1 
ATOM 169  C CA   . GLU A 1 11 ? -8.880  12.515  20.837  1.00 10.00 ? 11 GLU A CA   1 
ATOM 170  C C    . GLU A 1 11 ? -9.190  13.695  19.915  1.00 10.00 ? 11 GLU A C    1 
ATOM 171  O O    . GLU A 1 11 ? -8.758  14.821  20.159  1.00 10.00 ? 11 GLU A O    1 
ATOM 172  C CB   . GLU A 1 11 ? -8.029  11.440  20.136  1.00 10.00 ? 11 GLU A CB   1 
ATOM 173  C CG   . GLU A 1 11 ? -6.629  11.926  19.723  1.00 10.00 ? 11 GLU A CG   1 
ATOM 174  C CD   . GLU A 1 11 ? -5.726  12.252  20.909  1.00 10.00 ? 11 GLU A CD   1 
ATOM 175  O OE1  . GLU A 1 11 ? -5.736  11.454  21.872  1.00 10.00 ? 11 GLU A OE1  1 
ATOM 176  O OE2  . GLU A 1 11 ? -5.026  13.283  20.821  1.00 10.00 ? 11 GLU A OE2  1 
ATOM 177  H H    . GLU A 1 11 ? -10.557 11.200  20.667  1.00 10.00 ? 11 GLU A H    1 
ATOM 178  H HA   . GLU A 1 11 ? -8.334  12.875  21.711  1.00 10.00 ? 11 GLU A HA   1 
ATOM 179  H HB2  . GLU A 1 11 ? -7.909  10.590  20.810  1.00 10.00 ? 11 GLU A HB2  1 
ATOM 180  H HB3  . GLU A 1 11 ? -8.545  11.091  19.241  1.00 10.00 ? 11 GLU A HB3  1 
ATOM 181  H HG2  . GLU A 1 11 ? -6.143  11.132  19.156  1.00 10.00 ? 11 GLU A HG2  1 
ATOM 182  H HG3  . GLU A 1 11 ? -6.709  12.803  19.082  1.00 10.00 ? 11 GLU A HG3  1 
ATOM 183  N N    . ASN A 1 12 ? -9.946  13.435  18.844  1.00 10.00 ? 12 ASN A N    1 
ATOM 184  C CA   . ASN A 1 12 ? -10.189 14.394  17.773  1.00 10.00 ? 12 ASN A CA   1 
ATOM 185  C C    . ASN A 1 12 ? -11.659 14.370  17.361  1.00 10.00 ? 12 ASN A C    1 
ATOM 186  O O    . ASN A 1 12 ? -12.159 13.341  16.922  1.00 10.00 ? 12 ASN A O    1 
ATOM 187  C CB   . ASN A 1 12 ? -9.295  14.048  16.577  1.00 10.00 ? 12 ASN A CB   1 
ATOM 188  C CG   . ASN A 1 12 ? -9.695  14.836  15.333  1.00 10.00 ? 12 ASN A CG   1 
ATOM 189  O OD1  . ASN A 1 12 ? -10.443 14.345  14.499  1.00 10.00 ? 12 ASN A OD1  1 
ATOM 190  N ND2  . ASN A 1 12 ? -9.221  16.070  15.192  1.00 10.00 ? 12 ASN A ND2  1 
ATOM 191  H H    . ASN A 1 12 ? -10.315 12.498  18.729  1.00 10.00 ? 12 ASN A H    1 
ATOM 192  H HA   . ASN A 1 12 ? -9.935  15.404  18.097  1.00 10.00 ? 12 ASN A HA   1 
ATOM 193  H HB2  . ASN A 1 12 ? -8.252  14.244  16.826  1.00 10.00 ? 12 ASN A HB2  1 
ATOM 194  H HB3  . ASN A 1 12 ? -9.402  12.985  16.351  1.00 10.00 ? 12 ASN A HB3  1 
ATOM 195  H HD21 . ASN A 1 12 ? -8.575  16.462  15.861  1.00 10.00 ? 12 ASN A HD21 1 
ATOM 196  H HD22 . ASN A 1 12 ? -9.450  16.552  14.325  1.00 10.00 ? 12 ASN A HD22 1 
ATOM 197  N N    . HIS A 1 13 ? -12.335 15.518  17.469  1.00 10.00 ? 13 HIS A N    1 
ATOM 198  C CA   . HIS A 1 13 ? -13.650 15.724  16.870  1.00 10.00 ? 13 HIS A CA   1 
ATOM 199  C C    . HIS A 1 13 ? -13.490 16.249  15.439  1.00 10.00 ? 13 HIS A C    1 
ATOM 200  O O    . HIS A 1 13 ? -14.258 15.885  14.550  1.00 10.00 ? 13 HIS A O    1 
ATOM 201  C CB   . HIS A 1 13 ? -14.466 16.696  17.733  1.00 10.00 ? 13 HIS A CB   1 
ATOM 202  C CG   . HIS A 1 13 ? -15.908 16.858  17.305  1.00 10.00 ? 13 HIS A CG   1 
ATOM 203  N ND1  . HIS A 1 13 ? -16.466 16.465  16.107  1.00 10.00 ? 13 HIS A ND1  1 
ATOM 204  C CD2  . HIS A 1 13 ? -16.905 17.432  18.050  1.00 10.00 ? 13 HIS A CD2  1 
ATOM 205  C CE1  . HIS A 1 13 ? -17.768 16.798  16.134  1.00 10.00 ? 13 HIS A CE1  1 
ATOM 206  N NE2  . HIS A 1 13 ? -18.081 17.392  17.298  1.00 10.00 ? 13 HIS A NE2  1 
ATOM 207  H H    . HIS A 1 13 ? -11.883 16.305  17.907  1.00 10.00 ? 13 HIS A H    1 
ATOM 208  H HA   . HIS A 1 13 ? -14.190 14.776  16.835  1.00 10.00 ? 13 HIS A HA   1 
ATOM 209  H HB2  . HIS A 1 13 ? -14.465 16.328  18.759  1.00 10.00 ? 13 HIS A HB2  1 
ATOM 210  H HB3  . HIS A 1 13 ? -13.991 17.678  17.721  1.00 10.00 ? 13 HIS A HB3  1 
ATOM 211  H HD1  . HIS A 1 13 ? -15.977 16.028  15.330  1.00 10.00 ? 13 HIS A HD1  1 
ATOM 212  H HD2  . HIS A 1 13 ? -16.800 17.848  19.041  1.00 10.00 ? 13 HIS A HD2  1 
ATOM 213  H HE1  . HIS A 1 13 ? -18.463 16.622  15.327  1.00 10.00 ? 13 HIS A HE1  1 
ATOM 214  N N    . ALA A 1 14 ? -12.531 17.154  15.223  1.00 10.00 ? 14 ALA A N    1 
ATOM 215  C CA   . ALA A 1 14 ? -12.310 17.782  13.930  1.00 10.00 ? 14 ALA A CA   1 
ATOM 216  C C    . ALA A 1 14 ? -11.603 16.802  12.993  1.00 10.00 ? 14 ALA A C    1 
ATOM 217  O O    . ALA A 1 14 ? -10.399 16.927  12.760  1.00 10.00 ? 14 ALA A O    1 
ATOM 218  C CB   . ALA A 1 14 ? -11.513 19.078  14.120  1.00 10.00 ? 14 ALA A CB   1 
ATOM 219  H H    . ALA A 1 14 ? -11.912 17.395  15.978  1.00 10.00 ? 14 ALA A H    1 
ATOM 220  H HA   . ALA A 1 14 ? -13.270 18.054  13.488  1.00 10.00 ? 14 ALA A HA   1 
ATOM 221  H HB1  . ALA A 1 14 ? -11.346 19.549  13.152  1.00 10.00 ? 14 ALA A HB1  1 
ATOM 222  H HB2  . ALA A 1 14 ? -12.075 19.764  14.755  1.00 10.00 ? 14 ALA A HB2  1 
ATOM 223  H HB3  . ALA A 1 14 ? -10.549 18.868  14.586  1.00 10.00 ? 14 ALA A HB3  1 
ATOM 224  N N    . GLU A 1 15 ? -12.359 15.834  12.469  1.00 10.00 ? 15 GLU A N    1 
ATOM 225  C CA   . GLU A 1 15 ? -11.906 14.792  11.556  1.00 10.00 ? 15 GLU A CA   1 
ATOM 226  C C    . GLU A 1 15 ? -11.562 15.368  10.171  1.00 10.00 ? 15 GLU A C    1 
ATOM 227  O O    . GLU A 1 15 ? -12.179 15.047  9.160   1.00 10.00 ? 15 GLU A O    1 
ATOM 228  C CB   . GLU A 1 15 ? -12.951 13.661  11.515  1.00 10.00 ? 15 GLU A CB   1 
ATOM 229  C CG   . GLU A 1 15 ? -14.401 14.121  11.262  1.00 10.00 ? 15 GLU A CG   1 
ATOM 230  C CD   . GLU A 1 15 ? -15.387 12.956  11.220  1.00 10.00 ? 15 GLU A CD   1 
ATOM 231  O OE1  . GLU A 1 15 ? -14.921 11.801  11.112  1.00 10.00 ? 15 GLU A OE1  1 
ATOM 232  O OE2  . GLU A 1 15 ? -16.599 13.250  11.303  1.00 10.00 ? 15 GLU A OE2  1 
ATOM 233  H H    . GLU A 1 15 ? -13.305 15.759  12.825  1.00 10.00 ? 15 GLU A H    1 
ATOM 234  H HA   . GLU A 1 15 ? -10.987 14.357  11.949  1.00 10.00 ? 15 GLU A HA   1 
ATOM 235  H HB2  . GLU A 1 15 ? -12.667 12.946  10.740  1.00 10.00 ? 15 GLU A HB2  1 
ATOM 236  H HB3  . GLU A 1 15 ? -12.933 13.137  12.472  1.00 10.00 ? 15 GLU A HB3  1 
ATOM 237  H HG2  . GLU A 1 15 ? -14.748 14.784  12.049  1.00 10.00 ? 15 GLU A HG2  1 
ATOM 238  H HG3  . GLU A 1 15 ? -14.464 14.641  10.307  1.00 10.00 ? 15 GLU A HG3  1 
ATOM 239  N N    . CYS A 1 16 ? -10.552 16.238  10.119  1.00 10.00 ? 16 CYS A N    1 
ATOM 240  C CA   . CYS A 1 16 ? -10.212 17.005  8.927   1.00 10.00 ? 16 CYS A CA   1 
ATOM 241  C C    . CYS A 1 16 ? -9.691  16.135  7.784   1.00 10.00 ? 16 CYS A C    1 
ATOM 242  O O    . CYS A 1 16 ? -9.889  16.471  6.616   1.00 10.00 ? 16 CYS A O    1 
ATOM 243  C CB   . CYS A 1 16 ? -9.219  18.124  9.270   1.00 10.00 ? 16 CYS A CB   1 
ATOM 244  S SG   . CYS A 1 16 ? -7.553  17.456  9.511   1.00 10.00 ? 16 CYS A SG   1 
ATOM 245  H H    . CYS A 1 16 ? -10.090 16.471  10.993  1.00 10.00 ? 16 CYS A H    1 
ATOM 246  H HA   . CYS A 1 16 ? -11.126 17.487  8.583   1.00 10.00 ? 16 CYS A HA   1 
ATOM 247  H HB2  . CYS A 1 16 ? -9.181  18.832  8.441   1.00 10.00 ? 16 CYS A HB2  1 
ATOM 248  H HB3  . CYS A 1 16 ? -9.539  18.650  10.172  1.00 10.00 ? 16 CYS A HB3  1 
ATOM 249  H HG   . CYS A 1 16 ? -6.963  18.625  9.785   1.00 10.00 ? 16 CYS A HG   1 
ATOM 250  N N    . GLU A 1 17 ? -9.005  15.027  8.084   1.00 10.00 ? 17 GLU A N    1 
ATOM 251  C CA   . GLU A 1 17 ? -8.385  14.201  7.059   1.00 10.00 ? 17 GLU A CA   1 
ATOM 252  C C    . GLU A 1 17 ? -9.420  13.290  6.387   1.00 10.00 ? 17 GLU A C    1 
ATOM 253  O O    . GLU A 1 17 ? -9.376  12.068  6.516   1.00 10.00 ? 17 GLU A O    1 
ATOM 254  C CB   . GLU A 1 17 ? -7.128  13.500  7.609   1.00 10.00 ? 17 GLU A CB   1 
ATOM 255  C CG   . GLU A 1 17 ? -7.361  12.455  8.720   1.00 10.00 ? 17 GLU A CG   1 
ATOM 256  C CD   . GLU A 1 17 ? -7.215  11.016  8.236   1.00 10.00 ? 17 GLU A CD   1 
ATOM 257  O OE1  . GLU A 1 17 ? -6.330  10.742  7.391   1.00 10.00 ? 17 GLU A OE1  1 
ATOM 258  O OE2  . GLU A 1 17 ? -7.986  10.141  8.684   1.00 10.00 ? 17 GLU A OE2  1 
ATOM 259  H H    . GLU A 1 17 ? -8.892  14.757  9.050   1.00 10.00 ? 17 GLU A H    1 
ATOM 260  H HA   . GLU A 1 17 ? -8.004  14.865  6.282   1.00 10.00 ? 17 GLU A HA   1 
ATOM 261  H HB2  . GLU A 1 17 ? -6.597  13.042  6.776   1.00 10.00 ? 17 GLU A HB2  1 
ATOM 262  H HB3  . GLU A 1 17 ? -6.478  14.274  8.018   1.00 10.00 ? 17 GLU A HB3  1 
ATOM 263  H HG2  . GLU A 1 17 ? -6.612  12.599  9.504   1.00 10.00 ? 17 GLU A HG2  1 
ATOM 264  H HG3  . GLU A 1 17 ? -8.349  12.584  9.170   1.00 10.00 ? 17 GLU A HG3  1 
ATOM 265  N N    . ASP A 1 18 ? -10.321 13.894  5.603   1.00 10.00 ? 18 ASP A N    1 
ATOM 266  C CA   . ASP A 1 18 ? -11.285 13.183  4.767   1.00 10.00 ? 18 ASP A CA   1 
ATOM 267  C C    . ASP A 1 18 ? -10.555 12.425  3.653   1.00 10.00 ? 18 ASP A C    1 
ATOM 268  O O    . ASP A 1 18 ? -10.481 12.868  2.507   1.00 10.00 ? 18 ASP A O    1 
ATOM 269  C CB   . ASP A 1 18 ? -12.315 14.166  4.197   1.00 10.00 ? 18 ASP A CB   1 
ATOM 270  C CG   . ASP A 1 18 ? -13.292 13.469  3.253   1.00 10.00 ? 18 ASP A CG   1 
ATOM 271  O OD1  . ASP A 1 18 ? -13.452 12.237  3.398   1.00 10.00 ? 18 ASP A OD1  1 
ATOM 272  O OD2  . ASP A 1 18 ? -13.858 14.184  2.400   1.00 10.00 ? 18 ASP A OD2  1 
ATOM 273  H H    . ASP A 1 18 ? -10.338 14.911  5.608   1.00 10.00 ? 18 ASP A H    1 
ATOM 274  H HA   . ASP A 1 18 ? -11.820 12.462  5.389   1.00 10.00 ? 18 ASP A HA   1 
ATOM 275  H HB2  . ASP A 1 18 ? -12.885 14.613  5.010   1.00 10.00 ? 18 ASP A HB2  1 
ATOM 276  H HB3  . ASP A 1 18 ? -11.808 14.955  3.640   1.00 10.00 ? 18 ASP A HB3  1 
ATOM 277  N N    . LYS A 1 19 ? -9.914  11.318  4.026   1.00 10.00 ? 19 LYS A N    1 
ATOM 278  C CA   . LYS A 1 19 ? -9.080  10.491  3.179   1.00 10.00 ? 19 LYS A CA   1 
ATOM 279  C C    . LYS A 1 19 ? -9.267  9.046   3.656   1.00 10.00 ? 19 LYS A C    1 
ATOM 280  O O    . LYS A 1 19 ? -8.588  8.633   4.600   1.00 10.00 ? 19 LYS A O    1 
ATOM 281  C CB   . LYS A 1 19 ? -7.606  10.940  3.291   1.00 10.00 ? 19 LYS A CB   1 
ATOM 282  C CG   . LYS A 1 19 ? -7.350  12.420  2.951   1.00 10.00 ? 19 LYS A CG   1 
ATOM 283  C CD   . LYS A 1 19 ? -7.558  12.749  1.462   1.00 10.00 ? 19 LYS A CD   1 
ATOM 284  C CE   . LYS A 1 19 ? -7.847  14.238  1.213   1.00 10.00 ? 19 LYS A CE   1 
ATOM 285  N NZ   . LYS A 1 19 ? -6.841  15.131  1.821   1.00 10.00 ? 19 LYS A NZ   1 
ATOM 286  H H    . LYS A 1 19 ? -9.929  11.111  5.021   1.00 10.00 ? 19 LYS A H    1 
ATOM 287  H HA   . LYS A 1 19 ? -9.391  10.582  2.142   1.00 10.00 ? 19 LYS A HA   1 
ATOM 288  H HB2  . LYS A 1 19 ? -7.275  10.790  4.320   1.00 10.00 ? 19 LYS A HB2  1 
ATOM 289  H HB3  . LYS A 1 19 ? -6.993  10.314  2.642   1.00 10.00 ? 19 LYS A HB3  1 
ATOM 290  H HG2  . LYS A 1 19 ? -7.994  13.038  3.577   1.00 10.00 ? 19 LYS A HG2  1 
ATOM 291  H HG3  . LYS A 1 19 ? -6.316  12.639  3.223   1.00 10.00 ? 19 LYS A HG3  1 
ATOM 292  H HD2  . LYS A 1 19 ? -6.687  12.421  0.893   1.00 10.00 ? 19 LYS A HD2  1 
ATOM 293  H HD3  . LYS A 1 19 ? -8.422  12.206  1.076   1.00 10.00 ? 19 LYS A HD3  1 
ATOM 294  H HE2  . LYS A 1 19 ? -7.888  14.412  0.136   1.00 10.00 ? 19 LYS A HE2  1 
ATOM 295  H HE3  . LYS A 1 19 ? -8.827  14.490  1.627   1.00 10.00 ? 19 LYS A HE3  1 
ATOM 296  H HZ1  . LYS A 1 19 ? -7.079  16.092  1.617   1.00 10.00 ? 19 LYS A HZ1  1 
ATOM 297  H HZ2  . LYS A 1 19 ? -6.837  15.006  2.824   1.00 10.00 ? 19 LYS A HZ2  1 
ATOM 298  H HZ3  . LYS A 1 19 ? -5.924  14.929  1.451   1.00 10.00 ? 19 LYS A HZ3  1 
ATOM 299  N N    . PRO A 1 20 ? -10.196 8.271   3.073   1.00 10.00 ? 20 PRO A N    1 
ATOM 300  C CA   . PRO A 1 20 ? -10.415 6.898   3.497   1.00 10.00 ? 20 PRO A CA   1 
ATOM 301  C C    . PRO A 1 20 ? -9.169  6.063   3.198   1.00 10.00 ? 20 PRO A C    1 
ATOM 302  O O    . PRO A 1 20 ? -8.443  6.337   2.243   1.00 10.00 ? 20 PRO A O    1 
ATOM 303  C CB   . PRO A 1 20 ? -11.655 6.416   2.738   1.00 10.00 ? 20 PRO A CB   1 
ATOM 304  C CG   . PRO A 1 20 ? -11.662 7.289   1.484   1.00 10.00 ? 20 PRO A CG   1 
ATOM 305  C CD   . PRO A 1 20 ? -11.079 8.617   1.970   1.00 10.00 ? 20 PRO A CD   1 
ATOM 306  H HA   . PRO A 1 20 ? -10.622 6.874   4.570   1.00 10.00 ? 20 PRO A HA   1 
ATOM 307  H HB2  . PRO A 1 20 ? -11.620 5.351   2.503   1.00 10.00 ? 20 PRO A HB2  1 
ATOM 308  H HB3  . PRO A 1 20 ? -12.544 6.640   3.329   1.00 10.00 ? 20 PRO A HB3  1 
ATOM 309  H HG2  . PRO A 1 20 ? -10.992 6.852   0.741   1.00 10.00 ? 20 PRO A HG2  1 
ATOM 310  H HG3  . PRO A 1 20 ? -12.663 7.405   1.064   1.00 10.00 ? 20 PRO A HG3  1 
ATOM 311  H HD2  . PRO A 1 20 ? -10.560 9.091   1.138   1.00 10.00 ? 20 PRO A HD2  1 
ATOM 312  H HD3  . PRO A 1 20 ? -11.876 9.269   2.335   1.00 10.00 ? 20 PRO A HD3  1 
ATOM 313  N N    . LYS A 1 21 ? -8.896  5.070   4.048   1.00 10.00 ? 21 LYS A N    1 
ATOM 314  C CA   . LYS A 1 21 ? -7.677  4.272   4.021   1.00 10.00 ? 21 LYS A CA   1 
ATOM 315  C C    . LYS A 1 21 ? -8.062  2.785   4.006   1.00 10.00 ? 21 LYS A C    1 
ATOM 316  O O    . LYS A 1 21 ? -8.183  2.186   5.070   1.00 10.00 ? 21 LYS A O    1 
ATOM 317  C CB   . LYS A 1 21 ? -6.830  4.646   5.250   1.00 10.00 ? 21 LYS A CB   1 
ATOM 318  C CG   . LYS A 1 21 ? -6.217  6.049   5.092   1.00 10.00 ? 21 LYS A CG   1 
ATOM 319  C CD   . LYS A 1 21 ? -5.619  6.589   6.401   1.00 10.00 ? 21 LYS A CD   1 
ATOM 320  C CE   . LYS A 1 21 ? -6.669  7.126   7.391   1.00 10.00 ? 21 LYS A CE   1 
ATOM 321  N NZ   . LYS A 1 21 ? -7.292  8.390   6.946   1.00 10.00 ? 21 LYS A NZ   1 
ATOM 322  H H    . LYS A 1 21 ? -9.547  4.881   4.796   1.00 10.00 ? 21 LYS A H    1 
ATOM 323  H HA   . LYS A 1 21 ? -7.072  4.485   3.139   1.00 10.00 ? 21 LYS A HA   1 
ATOM 324  H HB2  . LYS A 1 21 ? -7.458  4.597   6.140   1.00 10.00 ? 21 LYS A HB2  1 
ATOM 325  H HB3  . LYS A 1 21 ? -6.018  3.925   5.362   1.00 10.00 ? 21 LYS A HB3  1 
ATOM 326  H HG2  . LYS A 1 21 ? -5.421  5.979   4.348   1.00 10.00 ? 21 LYS A HG2  1 
ATOM 327  H HG3  . LYS A 1 21 ? -6.955  6.751   4.710   1.00 10.00 ? 21 LYS A HG3  1 
ATOM 328  H HD2  . LYS A 1 21 ? -5.055  5.787   6.881   1.00 10.00 ? 21 LYS A HD2  1 
ATOM 329  H HD3  . LYS A 1 21 ? -4.916  7.393   6.166   1.00 10.00 ? 21 LYS A HD3  1 
ATOM 330  H HE2  . LYS A 1 21 ? -7.446  6.383   7.567   1.00 10.00 ? 21 LYS A HE2  1 
ATOM 331  H HE3  . LYS A 1 21 ? -6.173  7.329   8.342   1.00 10.00 ? 21 LYS A HE3  1 
ATOM 332  H HZ1  . LYS A 1 21 ? -7.895  8.781   7.676   1.00 10.00 ? 21 LYS A HZ1  1 
ATOM 333  H HZ2  . LYS A 1 21 ? -6.616  9.152   6.864   1.00 10.00 ? 21 LYS A HZ2  1 
ATOM 334  H HZ3  . LYS A 1 21 ? -7.819  8.328   6.083   1.00 10.00 ? 21 LYS A HZ3  1 
ATOM 335  N N    . PRO A 1 22 ? -8.267  2.184   2.820   1.00 10.00 ? 22 PRO A N    1 
ATOM 336  C CA   . PRO A 1 22 ? -8.642  0.781   2.677   1.00 10.00 ? 22 PRO A CA   1 
ATOM 337  C C    . PRO A 1 22 ? -7.638  -0.199  3.291   1.00 10.00 ? 22 PRO A C    1 
ATOM 338  O O    . PRO A 1 22 ? -8.024  -1.301  3.670   1.00 10.00 ? 22 PRO A O    1 
ATOM 339  C CB   . PRO A 1 22 ? -8.764  0.534   1.170   1.00 10.00 ? 22 PRO A CB   1 
ATOM 340  C CG   . PRO A 1 22 ? -9.080  1.917   0.607   1.00 10.00 ? 22 PRO A CG   1 
ATOM 341  C CD   . PRO A 1 22 ? -8.279  2.840   1.521   1.00 10.00 ? 22 PRO A CD   1 
ATOM 342  H HA   . PRO A 1 22 ? -9.618  0.636   3.145   1.00 10.00 ? 22 PRO A HA   1 
ATOM 343  H HB2  . PRO A 1 22 ? -7.805  0.200   0.770   1.00 10.00 ? 22 PRO A HB2  1 
ATOM 344  H HB3  . PRO A 1 22 ? -9.538  -0.198  0.939   1.00 10.00 ? 22 PRO A HB3  1 
ATOM 345  H HG2  . PRO A 1 22 ? -8.793  2.015   -0.441  1.00 10.00 ? 22 PRO A HG2  1 
ATOM 346  H HG3  . PRO A 1 22 ? -10.146 2.121   0.727   1.00 10.00 ? 22 PRO A HG3  1 
ATOM 347  H HD2  . PRO A 1 22 ? -7.256  2.932   1.151   1.00 10.00 ? 22 PRO A HD2  1 
ATOM 348  H HD3  . PRO A 1 22 ? -8.756  3.820   1.544   1.00 10.00 ? 22 PRO A HD3  1 
ATOM 349  N N    . CYS A 1 23 ? -6.356  0.188   3.325   1.00 10.00 ? 23 CYS A N    1 
ATOM 350  C CA   . CYS A 1 23 ? -5.213  -0.650  3.681   1.00 10.00 ? 23 CYS A CA   1 
ATOM 351  C C    . CYS A 1 23 ? -4.880  -1.625  2.550   1.00 10.00 ? 23 CYS A C    1 
ATOM 352  O O    . CYS A 1 23 ? -5.630  -1.766  1.583   1.00 10.00 ? 23 CYS A O    1 
ATOM 353  C CB   . CYS A 1 23 ? -5.353  -1.357  5.044   1.00 10.00 ? 23 CYS A CB   1 
ATOM 354  S SG   . CYS A 1 23 ? -5.397  -0.143  6.385   1.00 10.00 ? 23 CYS A SG   1 
ATOM 355  H H    . CYS A 1 23 ? -6.142  1.098   2.953   1.00 10.00 ? 23 CYS A H    1 
ATOM 356  H HA   . CYS A 1 23 ? -4.359  0.023   3.768   1.00 10.00 ? 23 CYS A HA   1 
ATOM 357  H HB2  . CYS A 1 23 ? -6.231  -1.998  5.094   1.00 10.00 ? 23 CYS A HB2  1 
ATOM 358  H HB3  . CYS A 1 23 ? -4.477  -1.980  5.218   1.00 10.00 ? 23 CYS A HB3  1 
ATOM 359  H HG   . CYS A 1 23 ? -5.441  -1.031  7.382   1.00 10.00 ? 23 CYS A HG   1 
ATOM 360  N N    . CYS A 1 24 ? -3.700  -2.245  2.644   1.00 10.00 ? 24 CYS A N    1 
ATOM 361  C CA   . CYS A 1 24 ? -3.074  -3.018  1.578   1.00 10.00 ? 24 CYS A CA   1 
ATOM 362  C C    . CYS A 1 24 ? -2.894  -2.146  0.333   1.00 10.00 ? 24 CYS A C    1 
ATOM 363  O O    . CYS A 1 24 ? -1.870  -1.475  0.220   1.00 10.00 ? 24 CYS A O    1 
ATOM 364  C CB   . CYS A 1 24 ? -3.805  -4.337  1.284   1.00 10.00 ? 24 CYS A CB   1 
ATOM 365  S SG   . CYS A 1 24 ? -3.597  -5.506  2.648   1.00 10.00 ? 24 CYS A SG   1 
ATOM 366  H H    . CYS A 1 24 ? -3.139  -2.074  3.464   1.00 10.00 ? 24 CYS A H    1 
ATOM 367  H HA   . CYS A 1 24 ? -2.072  -3.282  1.917   1.00 10.00 ? 24 CYS A HA   1 
ATOM 368  H HB2  . CYS A 1 24 ? -4.867  -4.179  1.114   1.00 10.00 ? 24 CYS A HB2  1 
ATOM 369  H HB3  . CYS A 1 24 ? -3.360  -4.796  0.402   1.00 10.00 ? 24 CYS A HB3  1 
ATOM 370  H HG   . CYS A 1 24 ? -4.284  -6.507  2.088   1.00 10.00 ? 24 CYS A HG   1 
ATOM 371  N N    . VAL A 1 25 ? -3.876  -2.136  -0.580  1.00 10.00 ? 25 VAL A N    1 
ATOM 372  C CA   . VAL A 1 25 ? -3.757  -1.587  -1.932  1.00 10.00 ? 25 VAL A CA   1 
ATOM 373  C C    . VAL A 1 25 ? -2.348  -1.861  -2.489  1.00 10.00 ? 25 VAL A C    1 
ATOM 374  O O    . VAL A 1 25 ? -1.886  -2.992  -2.357  1.00 10.00 ? 25 VAL A O    1 
ATOM 375  C CB   . VAL A 1 25 ? -4.243  -0.121  -1.988  1.00 10.00 ? 25 VAL A CB   1 
ATOM 376  C CG1  . VAL A 1 25 ? -5.755  -0.064  -1.741  1.00 10.00 ? 25 VAL A CG1  1 
ATOM 377  C CG2  . VAL A 1 25 ? -3.547  0.809   -0.984  1.00 10.00 ? 25 VAL A CG2  1 
ATOM 378  H H    . VAL A 1 25 ? -4.747  -2.579  -0.320  1.00 10.00 ? 25 VAL A H    1 
ATOM 379  H HA   . VAL A 1 25 ? -4.428  -2.170  -2.564  1.00 10.00 ? 25 VAL A HA   1 
ATOM 380  H HB   . VAL A 1 25 ? -4.081  0.266   -2.994  1.00 10.00 ? 25 VAL A HB   1 
ATOM 381  H HG11 . VAL A 1 25 ? -6.101  0.968   -1.793  1.00 10.00 ? 25 VAL A HG11 1 
ATOM 382  H HG12 . VAL A 1 25 ? -6.272  -0.641  -2.507  1.00 10.00 ? 25 VAL A HG12 1 
ATOM 383  H HG13 . VAL A 1 25 ? -6.000  -0.471  -0.760  1.00 10.00 ? 25 VAL A HG13 1 
ATOM 384  H HG21 . VAL A 1 25 ? -3.872  1.836   -1.157  1.00 10.00 ? 25 VAL A HG21 1 
ATOM 385  H HG22 . VAL A 1 25 ? -3.811  0.532   0.038   1.00 10.00 ? 25 VAL A HG22 1 
ATOM 386  H HG23 . VAL A 1 25 ? -2.465  0.765   -1.095  1.00 10.00 ? 25 VAL A HG23 1 
ATOM 387  N N    . CYS A 1 26 ? -1.661  -0.864  -3.072  1.00 10.00 ? 26 CYS A N    1 
ATOM 388  C CA   . CYS A 1 26 ? -0.206  -0.910  -3.245  1.00 10.00 ? 26 CYS A CA   1 
ATOM 389  C C    . CYS A 1 26 ? 0.382   0.429   -3.699  1.00 10.00 ? 26 CYS A C    1 
ATOM 390  O O    . CYS A 1 26 ? 1.284   0.464   -4.535  1.00 10.00 ? 26 CYS A O    1 
ATOM 391  C CB   . CYS A 1 26 ? 0.220   -2.005  -4.233  1.00 10.00 ? 26 CYS A CB   1 
ATOM 392  S SG   . CYS A 1 26 ? 1.849   -2.655  -3.813  1.00 10.00 ? 26 CYS A SG   1 
ATOM 393  H H    . CYS A 1 26 ? -2.116  0.023   -3.213  1.00 10.00 ? 26 CYS A H    1 
ATOM 394  H HA   . CYS A 1 26 ? 0.218   -1.126  -2.262  1.00 10.00 ? 26 CYS A HA   1 
ATOM 395  H HB2  . CYS A 1 26 ? -0.471  -2.840  -4.254  1.00 10.00 ? 26 CYS A HB2  1 
ATOM 396  H HB3  . CYS A 1 26 ? 0.248   -1.614  -5.249  1.00 10.00 ? 26 CYS A HB3  1 
ATOM 397  N N    . LYS A 1 27 ? -0.174  1.552   -3.225  1.00 10.00 ? 27 LYS A N    1 
ATOM 398  C CA   . LYS A 1 27 ? 0.193   2.863   -3.751  1.00 10.00 ? 27 LYS A CA   1 
ATOM 399  C C    . LYS A 1 27 ? 1.704   3.126   -3.667  1.00 10.00 ? 27 LYS A C    1 
ATOM 400  O O    . LYS A 1 27 ? 2.340   3.226   -4.718  1.00 10.00 ? 27 LYS A O    1 
ATOM 401  C CB   . LYS A 1 27 ? -0.677  3.985   -3.152  1.00 10.00 ? 27 LYS A CB   1 
ATOM 402  C CG   . LYS A 1 27 ? -0.066  5.372   -3.422  1.00 10.00 ? 27 LYS A CG   1 
ATOM 403  C CD   . LYS A 1 27 ? -1.064  6.509   -3.174  1.00 10.00 ? 27 LYS A CD   1 
ATOM 404  C CE   . LYS A 1 27 ? -0.369  7.849   -2.875  1.00 10.00 ? 27 LYS A CE   1 
ATOM 405  N NZ   . LYS A 1 27 ? 0.773   8.138   -3.771  1.00 10.00 ? 27 LYS A NZ   1 
ATOM 406  H H    . LYS A 1 27 ? -0.849  1.491   -2.480  1.00 10.00 ? 27 LYS A H    1 
ATOM 407  H HA   . LYS A 1 27 ? -0.042  2.845   -4.818  1.00 10.00 ? 27 LYS A HA   1 
ATOM 408  H HB2  . LYS A 1 27 ? -1.663  3.930   -3.616  1.00 10.00 ? 27 LYS A HB2  1 
ATOM 409  H HB3  . LYS A 1 27 ? -0.801  3.847   -2.079  1.00 10.00 ? 27 LYS A HB3  1 
ATOM 410  H HG2  . LYS A 1 27 ? 0.801   5.508   -2.774  1.00 10.00 ? 27 LYS A HG2  1 
ATOM 411  H HG3  . LYS A 1 27 ? 0.259   5.417   -4.464  1.00 10.00 ? 27 LYS A HG3  1 
ATOM 412  H HD2  . LYS A 1 27 ? -1.704  6.608   -4.053  1.00 10.00 ? 27 LYS A HD2  1 
ATOM 413  H HD3  . LYS A 1 27 ? -1.696  6.258   -2.319  1.00 10.00 ? 27 LYS A HD3  1 
ATOM 414  H HE2  . LYS A 1 27 ? -1.105  8.650   -2.962  1.00 10.00 ? 27 LYS A HE2  1 
ATOM 415  H HE3  . LYS A 1 27 ? 0.004   7.836   -1.849  1.00 10.00 ? 27 LYS A HE3  1 
ATOM 416  H HZ1  . LYS A 1 27 ? 1.135   9.070   -3.657  1.00 10.00 ? 27 LYS A HZ1  1 
ATOM 417  H HZ2  . LYS A 1 27 ? 1.552   7.490   -3.637  1.00 10.00 ? 27 LYS A HZ2  1 
ATOM 418  H HZ3  . LYS A 1 27 ? 0.581   7.984   -4.765  1.00 10.00 ? 27 LYS A HZ3  1 
ATOM 419  N N    . PRO A 1 28 ? 2.286   3.286   -2.465  1.00 10.00 ? 28 PRO A N    1 
ATOM 420  C CA   . PRO A 1 28 ? 3.672   3.689   -2.353  1.00 10.00 ? 28 PRO A CA   1 
ATOM 421  C C    . PRO A 1 28 ? 4.569   2.680   -3.059  1.00 10.00 ? 28 PRO A C    1 
ATOM 422  O O    . PRO A 1 28 ? 5.415   3.076   -3.849  1.00 10.00 ? 28 PRO A O    1 
ATOM 423  C CB   . PRO A 1 28 ? 3.974   3.831   -0.859  1.00 10.00 ? 28 PRO A CB   1 
ATOM 424  C CG   . PRO A 1 28 ? 2.889   3.001   -0.178  1.00 10.00 ? 28 PRO A CG   1 
ATOM 425  C CD   . PRO A 1 28 ? 1.705   3.087   -1.144  1.00 10.00 ? 28 PRO A CD   1 
ATOM 426  H HA   . PRO A 1 28 ? 3.811   4.661   -2.831  1.00 10.00 ? 28 PRO A HA   1 
ATOM 427  H HB2  . PRO A 1 28 ? 4.980   3.488   -0.604  1.00 10.00 ? 28 PRO A HB2  1 
ATOM 428  H HB3  . PRO A 1 28 ? 3.857   4.876   -0.571  1.00 10.00 ? 28 PRO A HB3  1 
ATOM 429  H HG2  . PRO A 1 28 ? 3.231   1.970   -0.098  1.00 10.00 ? 28 PRO A HG2  1 
ATOM 430  H HG3  . PRO A 1 28 ? 2.641   3.378   0.814   1.00 10.00 ? 28 PRO A HG3  1 
ATOM 431  H HD2  . PRO A 1 28 ? 1.114   2.175   -1.074  1.00 10.00 ? 28 PRO A HD2  1 
ATOM 432  H HD3  . PRO A 1 28 ? 1.103   3.953   -0.873  1.00 10.00 ? 28 PRO A HD3  1 
ATOM 433  N N    . GLU A 1 29 ? 4.364   1.381   -2.837  1.00 10.00 ? 29 GLU A N    1 
ATOM 434  C CA   . GLU A 1 29 ? 5.265   0.386   -3.386  1.00 10.00 ? 29 GLU A CA   1 
ATOM 435  C C    . GLU A 1 29 ? 5.161   0.325   -4.912  1.00 10.00 ? 29 GLU A C    1 
ATOM 436  O O    . GLU A 1 29 ? 6.172   0.112   -5.580  1.00 10.00 ? 29 GLU A O    1 
ATOM 437  C CB   . GLU A 1 29 ? 5.053   -0.976  -2.725  1.00 10.00 ? 29 GLU A CB   1 
ATOM 438  C CG   . GLU A 1 29 ? 4.843   -0.847  -1.207  1.00 10.00 ? 29 GLU A CG   1 
ATOM 439  C CD   . GLU A 1 29 ? 3.369   -0.898  -0.835  1.00 10.00 ? 29 GLU A CD   1 
ATOM 440  O OE1  . GLU A 1 29 ? 2.605   -0.063  -1.366  1.00 10.00 ? 29 GLU A OE1  1 
ATOM 441  O OE2  . GLU A 1 29 ? 3.044   -1.817  -0.051  1.00 10.00 ? 29 GLU A OE2  1 
ATOM 442  H H    . GLU A 1 29 ? 3.615   1.055   -2.223  1.00 10.00 ? 29 GLU A H    1 
ATOM 443  H HA   . GLU A 1 29 ? 6.279   0.694   -3.126  1.00 10.00 ? 29 GLU A HA   1 
ATOM 444  H HB2  . GLU A 1 29 ? 4.196   -1.471  -3.173  1.00 10.00 ? 29 GLU A HB2  1 
ATOM 445  H HB3  . GLU A 1 29 ? 5.940   -1.578  -2.924  1.00 10.00 ? 29 GLU A HB3  1 
ATOM 446  H HG2  . GLU A 1 29 ? 5.342   -1.670  -0.708  1.00 10.00 ? 29 GLU A HG2  1 
ATOM 447  H HG3  . GLU A 1 29 ? 5.290   0.071   -0.824  1.00 10.00 ? 29 GLU A HG3  1 
ATOM 448  N N    . LYS A 1 30 ? 3.969   0.535   -5.488  1.00 10.00 ? 30 LYS A N    1 
ATOM 449  C CA   . LYS A 1 30 ? 3.876   0.724   -6.930  1.00 10.00 ? 30 LYS A CA   1 
ATOM 450  C C    . LYS A 1 30 ? 4.711   1.934   -7.345  1.00 10.00 ? 30 LYS A C    1 
ATOM 451  O O    . LYS A 1 30 ? 5.571   1.815   -8.210  1.00 10.00 ? 30 LYS A O    1 
ATOM 452  C CB   . LYS A 1 30 ? 2.425   0.851   -7.421  1.00 10.00 ? 30 LYS A CB   1 
ATOM 453  C CG   . LYS A 1 30 ? 2.431   1.143   -8.933  1.00 10.00 ? 30 LYS A CG   1 
ATOM 454  C CD   . LYS A 1 30 ? 1.221   0.623   -9.715  1.00 10.00 ? 30 LYS A CD   1 
ATOM 455  C CE   . LYS A 1 30 ? -0.131  1.041   -9.129  1.00 10.00 ? 30 LYS A CE   1 
ATOM 456  N NZ   . LYS A 1 30 ? -1.221  0.710   -10.067 1.00 10.00 ? 30 LYS A NZ   1 
ATOM 457  H H    . LYS A 1 30 ? 3.141   0.687   -4.916  1.00 10.00 ? 30 LYS A H    1 
ATOM 458  H HA   . LYS A 1 30 ? 4.300   -0.164  -7.403  1.00 10.00 ? 30 LYS A HA   1 
ATOM 459  H HB2  . LYS A 1 30 ? 1.915   -0.084  -7.211  1.00 10.00 ? 30 LYS A HB2  1 
ATOM 460  H HB3  . LYS A 1 30 ? 1.912   1.660   -6.899  1.00 10.00 ? 30 LYS A HB3  1 
ATOM 461  H HG2  . LYS A 1 30 ? 2.537   2.220   -9.093  1.00 10.00 ? 30 LYS A HG2  1 
ATOM 462  H HG3  . LYS A 1 30 ? 3.306   0.667   -9.377  1.00 10.00 ? 30 LYS A HG3  1 
ATOM 463  H HD2  . LYS A 1 30 ? 1.306   1.013   -10.732 1.00 10.00 ? 30 LYS A HD2  1 
ATOM 464  H HD3  . LYS A 1 30 ? 1.270   -0.463  -9.766  1.00 10.00 ? 30 LYS A HD3  1 
ATOM 465  H HE2  . LYS A 1 30 ? -0.300  0.535   -8.178  1.00 10.00 ? 30 LYS A HE2  1 
ATOM 466  H HE3  . LYS A 1 30 ? -0.130  2.120   -8.960  1.00 10.00 ? 30 LYS A HE3  1 
ATOM 467  H HZ1  . LYS A 1 30 ? -2.147  0.996   -9.760  1.00 10.00 ? 30 LYS A HZ1  1 
ATOM 468  H HZ2  . LYS A 1 30 ? -1.079  1.168   -10.970 1.00 10.00 ? 30 LYS A HZ2  1 
ATOM 469  H HZ3  . LYS A 1 30 ? -1.275  -0.270  -10.356 1.00 10.00 ? 30 LYS A HZ3  1 
ATOM 470  N N    . GLU A 1 31 ? 4.466   3.096   -6.744  1.00 10.00 ? 31 GLU A N    1 
ATOM 471  C CA   . GLU A 1 31 ? 5.170   4.314   -7.123  1.00 10.00 ? 31 GLU A CA   1 
ATOM 472  C C    . GLU A 1 31 ? 6.693   4.096   -7.056  1.00 10.00 ? 31 GLU A C    1 
ATOM 473  O O    . GLU A 1 31 ? 7.411   4.388   -8.015  1.00 10.00 ? 31 GLU A O    1 
ATOM 474  C CB   . GLU A 1 31 ? 4.646   5.472   -6.261  1.00 10.00 ? 31 GLU A CB   1 
ATOM 475  C CG   . GLU A 1 31 ? 3.183   5.766   -6.653  1.00 10.00 ? 31 GLU A CG   1 
ATOM 476  C CD   . GLU A 1 31 ? 2.427   6.631   -5.657  1.00 10.00 ? 31 GLU A CD   1 
ATOM 477  O OE1  . GLU A 1 31 ? 2.745   6.616   -4.446  1.00 10.00 ? 31 GLU A OE1  1 
ATOM 478  O OE2  . GLU A 1 31 ? 1.445   7.290   -6.069  1.00 10.00 ? 31 GLU A OE2  1 
ATOM 479  H H    . GLU A 1 31 ? 3.768   3.145   -6.005  1.00 10.00 ? 31 GLU A H    1 
ATOM 480  H HA   . GLU A 1 31 ? 4.926   4.536   -8.164  1.00 10.00 ? 31 GLU A HA   1 
ATOM 481  H HB2  . GLU A 1 31 ? 4.709   5.199   -5.206  1.00 10.00 ? 31 GLU A HB2  1 
ATOM 482  H HB3  . GLU A 1 31 ? 5.247   6.367   -6.427  1.00 10.00 ? 31 GLU A HB3  1 
ATOM 483  H HG2  . GLU A 1 31 ? 3.172   6.261   -7.625  1.00 10.00 ? 31 GLU A HG2  1 
ATOM 484  H HG3  . GLU A 1 31 ? 2.615   4.843   -6.744  1.00 10.00 ? 31 GLU A HG3  1 
ATOM 485  N N    . GLU A 1 32 ? 7.183   3.516   -5.957  1.00 10.00 ? 32 GLU A N    1 
ATOM 486  C CA   . GLU A 1 32 ? 8.564   3.084   -5.798  1.00 10.00 ? 32 GLU A CA   1 
ATOM 487  C C    . GLU A 1 32 ? 8.988   2.148   -6.936  1.00 10.00 ? 32 GLU A C    1 
ATOM 488  O O    . GLU A 1 32 ? 10.039  2.358   -7.535  1.00 10.00 ? 32 GLU A O    1 
ATOM 489  C CB   . GLU A 1 32 ? 8.743   2.384   -4.448  1.00 10.00 ? 32 GLU A CB   1 
ATOM 490  C CG   . GLU A 1 32 ? 8.589   3.332   -3.250  1.00 10.00 ? 32 GLU A CG   1 
ATOM 491  C CD   . GLU A 1 32 ? 8.486   2.560   -1.939  1.00 10.00 ? 32 GLU A CD   1 
ATOM 492  O OE1  . GLU A 1 32 ? 9.082   1.462   -1.878  1.00 10.00 ? 32 GLU A OE1  1 
ATOM 493  O OE2  . GLU A 1 32 ? 7.819   3.084   -1.021  1.00 10.00 ? 32 GLU A OE2  1 
ATOM 494  H H    . GLU A 1 32 ? 6.539   3.311   -5.202  1.00 10.00 ? 32 GLU A H    1 
ATOM 495  H HA   . GLU A 1 32 ? 9.209   3.964   -5.812  1.00 10.00 ? 32 GLU A HA   1 
ATOM 496  H HB2  . GLU A 1 32 ? 8.022   1.571   -4.361  1.00 10.00 ? 32 GLU A HB2  1 
ATOM 497  H HB3  . GLU A 1 32 ? 9.743   1.954   -4.403  1.00 10.00 ? 32 GLU A HB3  1 
ATOM 498  H HG2  . GLU A 1 32 ? 9.453   3.994   -3.195  1.00 10.00 ? 32 GLU A HG2  1 
ATOM 499  H HG3  . GLU A 1 32 ? 7.695   3.944   -3.355  1.00 10.00 ? 32 GLU A HG3  1 
ATOM 500  N N    . ARG A 1 33 ? 8.189   1.122   -7.243  1.00 10.00 ? 33 ARG A N    1 
ATOM 501  C CA   . ARG A 1 33 ? 8.456   0.210   -8.347  1.00 10.00 ? 33 ARG A CA   1 
ATOM 502  C C    . ARG A 1 33 ? 8.660   0.991   -9.648  1.00 10.00 ? 33 ARG A C    1 
ATOM 503  O O    . ARG A 1 33 ? 9.721   0.904   -10.258 1.00 10.00 ? 33 ARG A O    1 
ATOM 504  C CB   . ARG A 1 33 ? 7.328   -0.828  -8.471  1.00 10.00 ? 33 ARG A CB   1 
ATOM 505  C CG   . ARG A 1 33 ? 7.524   -1.805  -9.638  1.00 10.00 ? 33 ARG A CG   1 
ATOM 506  C CD   . ARG A 1 33 ? 6.175   -2.298  -10.177 1.00 10.00 ? 33 ARG A CD   1 
ATOM 507  N NE   . ARG A 1 33 ? 5.366   -1.224  -10.803 1.00 10.00 ? 33 ARG A NE   1 
ATOM 508  C CZ   . ARG A 1 33 ? 4.279   -1.441  -11.562 1.00 10.00 ? 33 ARG A CZ   1 
ATOM 509  N NH1  . ARG A 1 33 ? 3.855   -2.688  -11.779 1.00 10.00 ? 33 ARG A NH1  1 
ATOM 510  N NH2  . ARG A 1 33 ? 3.616   -0.415  -12.096 1.00 10.00 ? 33 ARG A NH2  1 
ATOM 511  H H    . ARG A 1 33 ? 7.331   0.998   -6.714  1.00 10.00 ? 33 ARG A H    1 
ATOM 512  H HA   . ARG A 1 33 ? 9.382   -0.319  -8.127  1.00 10.00 ? 33 ARG A HA   1 
ATOM 513  H HB2  . ARG A 1 33 ? 7.244   -1.397  -7.544  1.00 10.00 ? 33 ARG A HB2  1 
ATOM 514  H HB3  . ARG A 1 33 ? 6.387   -0.316  -8.619  1.00 10.00 ? 33 ARG A HB3  1 
ATOM 515  H HG2  . ARG A 1 33 ? 8.071   -1.351  -10.464 1.00 10.00 ? 33 ARG A HG2  1 
ATOM 516  H HG3  . ARG A 1 33 ? 8.107   -2.656  -9.280  1.00 10.00 ? 33 ARG A HG3  1 
ATOM 517  H HD2  . ARG A 1 33 ? 6.399   -3.066  -10.919 1.00 10.00 ? 33 ARG A HD2  1 
ATOM 518  H HD3  . ARG A 1 33 ? 5.614   -2.746  -9.353  1.00 10.00 ? 33 ARG A HD3  1 
ATOM 519  H HE   . ARG A 1 33 ? 5.609   -0.236  -10.653 1.00 10.00 ? 33 ARG A HE   1 
ATOM 520  H HH11 . ARG A 1 33 ? 4.325   -3.452  -11.320 1.00 10.00 ? 33 ARG A HH11 1 
ATOM 521  H HH12 . ARG A 1 33 ? 3.051   -2.874  -12.357 1.00 10.00 ? 33 ARG A HH12 1 
ATOM 522  H HH21 . ARG A 1 33 ? 3.978   0.515   -11.856 1.00 10.00 ? 33 ARG A HH21 1 
ATOM 523  H HH22 . ARG A 1 33 ? 2.811   -0.501  -12.693 1.00 10.00 ? 33 ARG A HH22 1 
ATOM 524  N N    . ASP A 1 34 ? 7.663   1.739   -10.116 1.00 10.00 ? 34 ASP A N    1 
ATOM 525  C CA   . ASP A 1 34 ? 7.791   2.404   -11.412 1.00 10.00 ? 34 ASP A CA   1 
ATOM 526  C C    . ASP A 1 34 ? 8.963   3.390   -11.386 1.00 10.00 ? 34 ASP A C    1 
ATOM 527  O O    . ASP A 1 34 ? 9.689   3.521   -12.368 1.00 10.00 ? 34 ASP A O    1 
ATOM 528  C CB   . ASP A 1 34 ? 6.490   3.048   -11.934 1.00 10.00 ? 34 ASP A CB   1 
ATOM 529  C CG   . ASP A 1 34 ? 5.236   2.672   -11.165 1.00 10.00 ? 34 ASP A CG   1 
ATOM 530  O OD1  . ASP A 1 34 ? 5.021   1.449   -11.021 1.00 10.00 ? 34 ASP A OD1  1 
ATOM 531  O OD2  . ASP A 1 34 ? 4.496   3.597   -10.763 1.00 10.00 ? 34 ASP A OD2  1 
ATOM 532  H H    . ASP A 1 34 ? 6.789   1.800   -9.594  1.00 10.00 ? 34 ASP A H    1 
ATOM 533  H HA   . ASP A 1 34 ? 8.041   1.624   -12.130 1.00 10.00 ? 34 ASP A HA   1 
ATOM 534  H HB2  . ASP A 1 34 ? 6.588   4.133   -11.959 1.00 10.00 ? 34 ASP A HB2  1 
ATOM 535  H HB3  . ASP A 1 34 ? 6.339   2.710   -12.962 1.00 10.00 ? 34 ASP A HB3  1 
ATOM 536  N N    . THR A 1 35 ? 9.192   4.036   -10.240 1.00 10.00 ? 35 THR A N    1 
ATOM 537  C CA   . THR A 1 35 ? 10.377  4.856   -10.030 1.00 10.00 ? 35 THR A CA   1 
ATOM 538  C C    . THR A 1 35 ? 11.670  4.038   -10.209 1.00 10.00 ? 35 THR A C    1 
ATOM 539  O O    . THR A 1 35 ? 12.576  4.475   -10.919 1.00 10.00 ? 35 THR A O    1 
ATOM 540  C CB   . THR A 1 35 ? 10.269  5.565   -8.670  1.00 10.00 ? 35 THR A CB   1 
ATOM 541  O OG1  . THR A 1 35 ? 9.121   6.388   -8.673  1.00 10.00 ? 35 THR A OG1  1 
ATOM 542  C CG2  . THR A 1 35 ? 11.472  6.456   -8.375  1.00 10.00 ? 35 THR A CG2  1 
ATOM 543  H H    . THR A 1 35 ? 8.538   3.915   -9.470  1.00 10.00 ? 35 THR A H    1 
ATOM 544  H HA   . THR A 1 35 ? 10.374  5.633   -10.796 1.00 10.00 ? 35 THR A HA   1 
ATOM 545  H HB   . THR A 1 35 ? 10.180  4.835   -7.868  1.00 10.00 ? 35 THR A HB   1 
ATOM 546  H HG1  . THR A 1 35 ? 8.344   5.818   -8.600  1.00 10.00 ? 35 THR A HG1  1 
ATOM 547  H HG21 . THR A 1 35 ? 11.264  7.065   -7.494  1.00 10.00 ? 35 THR A HG21 1 
ATOM 548  H HG22 . THR A 1 35 ? 12.337  5.830   -8.166  1.00 10.00 ? 35 THR A HG22 1 
ATOM 549  H HG23 . THR A 1 35 ? 11.675  7.109   -9.224  1.00 10.00 ? 35 THR A HG23 1 
ATOM 550  N N    . CYS A 1 36 ? 11.781  2.850   -9.601  1.00 10.00 ? 36 CYS A N    1 
ATOM 551  C CA   . CYS A 1 36 ? 12.956  1.989   -9.763  1.00 10.00 ? 36 CYS A CA   1 
ATOM 552  C C    . CYS A 1 36 ? 13.129  1.620   -11.236 1.00 10.00 ? 36 CYS A C    1 
ATOM 553  O O    . CYS A 1 36 ? 14.241  1.697   -11.762 1.00 10.00 ? 36 CYS A O    1 
ATOM 554  C CB   . CYS A 1 36 ? 12.928  0.755   -8.836  1.00 10.00 ? 36 CYS A CB   1 
ATOM 555  S SG   . CYS A 1 36 ? 12.076  -0.741  -9.423  1.00 10.00 ? 36 CYS A SG   1 
ATOM 556  H H    . CYS A 1 36 ? 10.999  2.499   -9.057  1.00 10.00 ? 36 CYS A H    1 
ATOM 557  H HA   . CYS A 1 36 ? 13.821  2.584   -9.462  1.00 10.00 ? 36 CYS A HA   1 
ATOM 558  H HB2  . CYS A 1 36 ? 13.955  0.454   -8.631  1.00 10.00 ? 36 CYS A HB2  1 
ATOM 559  H HB3  . CYS A 1 36 ? 12.471  1.046   -7.890  1.00 10.00 ? 36 CYS A HB3  1 
ATOM 560  N N    . ILE A 1 37 ? 12.025  1.254   -11.901 1.00 10.00 ? 37 ILE A N    1 
ATOM 561  C CA   . ILE A 1 37 ? 12.006  0.932   -13.321 1.00 10.00 ? 37 ILE A CA   1 
ATOM 562  C C    . ILE A 1 37 ? 12.611  2.090   -14.108 1.00 10.00 ? 37 ILE A C    1 
ATOM 563  O O    . ILE A 1 37 ? 13.605  1.895   -14.809 1.00 10.00 ? 37 ILE A O    1 
ATOM 564  C CB   . ILE A 1 37 ? 10.595  0.515   -13.788 1.00 10.00 ? 37 ILE A CB   1 
ATOM 565  C CG1  . ILE A 1 37 ? 10.248  -0.854  -13.171 1.00 10.00 ? 37 ILE A CG1  1 
ATOM 566  C CG2  . ILE A 1 37 ? 10.509  0.448   -15.322 1.00 10.00 ? 37 ILE A CG2  1 
ATOM 567  C CD1  . ILE A 1 37 ? 8.810   -1.311  -13.445 1.00 10.00 ? 37 ILE A CD1  1 
ATOM 568  H H    . ILE A 1 37 ? 11.157  1.192   -11.374 1.00 10.00 ? 37 ILE A H    1 
ATOM 569  H HA   . ILE A 1 37 ? 12.645  0.075   -13.478 1.00 10.00 ? 37 ILE A HA   1 
ATOM 570  H HB   . ILE A 1 37 ? 9.874   1.254   -13.450 1.00 10.00 ? 37 ILE A HB   1 
ATOM 571  H HG12 . ILE A 1 37 ? 10.932  -1.613  -13.550 1.00 10.00 ? 37 ILE A HG12 1 
ATOM 572  H HG13 . ILE A 1 37 ? 10.368  -0.803  -12.091 1.00 10.00 ? 37 ILE A HG13 1 
ATOM 573  H HG21 . ILE A 1 37 ? 9.506   0.163   -15.635 1.00 10.00 ? 37 ILE A HG21 1 
ATOM 574  H HG22 . ILE A 1 37 ? 10.715  1.422   -15.765 1.00 10.00 ? 37 ILE A HG22 1 
ATOM 575  H HG23 . ILE A 1 37 ? 11.223  -0.276  -15.710 1.00 10.00 ? 37 ILE A HG23 1 
ATOM 576  H HD11 . ILE A 1 37 ? 8.606   -2.208  -12.859 1.00 10.00 ? 37 ILE A HD11 1 
ATOM 577  H HD12 . ILE A 1 37 ? 8.105   -0.533  -13.155 1.00 10.00 ? 37 ILE A HD12 1 
ATOM 578  H HD13 . ILE A 1 37 ? 8.675   -1.553  -14.498 1.00 10.00 ? 37 ILE A HD13 1 
ATOM 579  N N    . LEU A 1 38 ? 12.015  3.276   -13.958 1.00 10.00 ? 38 LEU A N    1 
ATOM 580  C CA   . LEU A 1 38 ? 12.438  4.514   -14.595 1.00 10.00 ? 38 LEU A CA   1 
ATOM 581  C C    . LEU A 1 38 ? 13.932  4.737   -14.376 1.00 10.00 ? 38 LEU A C    1 
ATOM 582  O O    . LEU A 1 38 ? 14.665  4.951   -15.340 1.00 10.00 ? 38 LEU A O    1 
ATOM 583  C CB   . LEU A 1 38 ? 11.573  5.668   -14.057 1.00 10.00 ? 38 LEU A CB   1 
ATOM 584  C CG   . LEU A 1 38 ? 11.832  7.076   -14.629 1.00 10.00 ? 38 LEU A CG   1 
ATOM 585  C CD1  . LEU A 1 38 ? 13.072  7.763   -14.040 1.00 10.00 ? 38 LEU A CD1  1 
ATOM 586  C CD2  . LEU A 1 38 ? 11.882  7.089   -16.160 1.00 10.00 ? 38 LEU A CD2  1 
ATOM 587  H H    . LEU A 1 38 ? 11.214  3.325   -13.335 1.00 10.00 ? 38 LEU A H    1 
ATOM 588  H HA   . LEU A 1 38 ? 12.258  4.407   -15.665 1.00 10.00 ? 38 LEU A HA   1 
ATOM 589  H HB2  . LEU A 1 38 ? 10.534  5.420   -14.281 1.00 10.00 ? 38 LEU A HB2  1 
ATOM 590  H HB3  . LEU A 1 38 ? 11.667  5.720   -12.974 1.00 10.00 ? 38 LEU A HB3  1 
ATOM 591  H HG   . LEU A 1 38 ? 10.976  7.683   -14.328 1.00 10.00 ? 38 LEU A HG   1 
ATOM 592  H HD11 . LEU A 1 38 ? 13.037  8.826   -14.282 1.00 10.00 ? 38 LEU A HD11 1 
ATOM 593  H HD12 . LEU A 1 38 ? 13.083  7.655   -12.954 1.00 10.00 ? 38 LEU A HD12 1 
ATOM 594  H HD13 . LEU A 1 38 ? 13.991  7.355   -14.454 1.00 10.00 ? 38 LEU A HD13 1 
ATOM 595  H HD21 . LEU A 1 38 ? 11.916  8.120   -16.513 1.00 10.00 ? 38 LEU A HD21 1 
ATOM 596  H HD22 . LEU A 1 38 ? 12.769  6.569   -16.521 1.00 10.00 ? 38 LEU A HD22 1 
ATOM 597  H HD23 . LEU A 1 38 ? 10.990  6.607   -16.564 1.00 10.00 ? 38 LEU A HD23 1 
ATOM 598  N N    . PHE A 1 39 ? 14.387  4.697   -13.120 1.00 10.00 ? 39 PHE A N    1 
ATOM 599  C CA   . PHE A 1 39 ? 15.787  4.937   -12.809 1.00 10.00 ? 39 PHE A CA   1 
ATOM 600  C C    . PHE A 1 39 ? 16.705  3.919   -13.485 1.00 10.00 ? 39 PHE A C    1 
ATOM 601  O O    . PHE A 1 39 ? 17.539  4.302   -14.300 1.00 10.00 ? 39 PHE A O    1 
ATOM 602  C CB   . PHE A 1 39 ? 16.027  4.955   -11.293 1.00 10.00 ? 39 PHE A CB   1 
ATOM 603  C CG   . PHE A 1 39 ? 15.764  6.287   -10.617 1.00 10.00 ? 39 PHE A CG   1 
ATOM 604  C CD1  . PHE A 1 39 ? 16.529  7.416   -10.972 1.00 10.00 ? 39 PHE A CD1  1 
ATOM 605  C CD2  . PHE A 1 39 ? 14.874  6.367   -9.531  1.00 10.00 ? 39 PHE A CD2  1 
ATOM 606  C CE1  . PHE A 1 39 ? 16.364  8.628   -10.281 1.00 10.00 ? 39 PHE A CE1  1 
ATOM 607  C CE2  . PHE A 1 39 ? 14.718  7.578   -8.832  1.00 10.00 ? 39 PHE A CE2  1 
ATOM 608  C CZ   . PHE A 1 39 ? 15.456  8.711   -9.213  1.00 10.00 ? 39 PHE A CZ   1 
ATOM 609  H H    . PHE A 1 39 ? 13.728  4.542   -12.362 1.00 10.00 ? 39 PHE A H    1 
ATOM 610  H HA   . PHE A 1 39 ? 16.052  5.914   -13.217 1.00 10.00 ? 39 PHE A HA   1 
ATOM 611  H HB2  . PHE A 1 39 ? 15.445  4.161   -10.825 1.00 10.00 ? 39 PHE A HB2  1 
ATOM 612  H HB3  . PHE A 1 39 ? 17.079  4.735   -11.112 1.00 10.00 ? 39 PHE A HB3  1 
ATOM 613  H HD1  . PHE A 1 39 ? 17.258  7.353   -11.767 1.00 10.00 ? 39 PHE A HD1  1 
ATOM 614  H HD2  . PHE A 1 39 ? 14.330  5.490   -9.217  1.00 10.00 ? 39 PHE A HD2  1 
ATOM 615  H HE1  . PHE A 1 39 ? 16.951  9.492   -10.561 1.00 10.00 ? 39 PHE A HE1  1 
ATOM 616  H HE2  . PHE A 1 39 ? 14.045  7.637   -7.989  1.00 10.00 ? 39 PHE A HE2  1 
ATOM 617  H HZ   . PHE A 1 39 ? 15.335  9.641   -8.675  1.00 10.00 ? 39 PHE A HZ   1 
ATOM 618  N N    . ASN A 1 40 ? 16.629  2.645   -13.087 1.00 10.00 ? 40 ASN A N    1 
ATOM 619  C CA   . ASN A 1 40 ? 17.633  1.652   -13.477 1.00 10.00 ? 40 ASN A CA   1 
ATOM 620  C C    . ASN A 1 40 ? 17.054  0.242   -13.365 1.00 10.00 ? 40 ASN A C    1 
ATOM 621  O O    . ASN A 1 40 ? 17.699  -0.640  -12.798 1.00 10.00 ? 40 ASN A O    1 
ATOM 622  C CB   . ASN A 1 40 ? 18.895  1.766   -12.592 1.00 10.00 ? 40 ASN A CB   1 
ATOM 623  C CG   . ASN A 1 40 ? 19.738  3.011   -12.846 1.00 10.00 ? 40 ASN A CG   1 
ATOM 624  O OD1  . ASN A 1 40 ? 20.438  3.100   -13.848 1.00 10.00 ? 40 ASN A OD1  1 
ATOM 625  N ND2  . ASN A 1 40 ? 19.723  3.966   -11.917 1.00 10.00 ? 40 ASN A ND2  1 
ATOM 626  H H    . ASN A 1 40 ? 15.855  2.354   -12.492 1.00 10.00 ? 40 ASN A H    1 
ATOM 627  H HA   . ASN A 1 40 ? 17.920  1.799   -14.519 1.00 10.00 ? 40 ASN A HA   1 
ATOM 628  H HB2  . ASN A 1 40 ? 18.611  1.707   -11.540 1.00 10.00 ? 40 ASN A HB2  1 
ATOM 629  H HB3  . ASN A 1 40 ? 19.558  0.928   -12.809 1.00 10.00 ? 40 ASN A HB3  1 
ATOM 630  H HD21 . ASN A 1 40 ? 19.185  3.858   -11.074 1.00 10.00 ? 40 ASN A HD21 1 
ATOM 631  H HD22 . ASN A 1 40 ? 20.272  4.795   -12.087 1.00 10.00 ? 40 ASN A HD22 1 
ATOM 632  N N    . GLY A 1 41 ? 15.847  0.014   -13.885 1.00 10.00 ? 41 GLY A N    1 
ATOM 633  C CA   . GLY A 1 41 ? 15.208  -1.288  -13.769 1.00 10.00 ? 41 GLY A CA   1 
ATOM 634  C C    . GLY A 1 41 ? 14.932  -1.926  -15.117 1.00 10.00 ? 41 GLY A C    1 
ATOM 635  O O    . GLY A 1 41 ? 15.816  -2.570  -15.684 1.00 10.00 ? 41 GLY A O    1 
ATOM 636  H H    . GLY A 1 41 ? 15.321  0.779   -14.303 1.00 10.00 ? 41 GLY A H    1 
ATOM 637  H HA2  . GLY A 1 41 ? 15.789  -1.996  -13.183 1.00 10.00 ? 41 GLY A HA2  1 
ATOM 638  H HA3  . GLY A 1 41 ? 14.272  -1.165  -13.253 1.00 10.00 ? 41 GLY A HA3  1 
ATOM 639  N N    . GLN A 1 42 ? 13.680  -1.808  -15.576 1.00 10.00 ? 42 GLN A N    1 
ATOM 640  C CA   . GLN A 1 42 ? 13.087  -2.586  -16.657 1.00 10.00 ? 42 GLN A CA   1 
ATOM 641  C C    . GLN A 1 42 ? 13.128  -4.081  -16.311 1.00 10.00 ? 42 GLN A C    1 
ATOM 642  O O    . GLN A 1 42 ? 12.107  -4.666  -15.960 1.00 10.00 ? 42 GLN A O    1 
ATOM 643  C CB   . GLN A 1 42 ? 13.731  -2.251  -18.014 1.00 10.00 ? 42 GLN A CB   1 
ATOM 644  C CG   . GLN A 1 42 ? 13.611  -0.755  -18.336 1.00 10.00 ? 42 GLN A CG   1 
ATOM 645  C CD   . GLN A 1 42 ? 14.230  -0.422  -19.689 1.00 10.00 ? 42 GLN A CD   1 
ATOM 646  O OE1  . GLN A 1 42 ? 15.234  0.276   -19.769 1.00 10.00 ? 42 GLN A OE1  1 
ATOM 647  N NE2  . GLN A 1 42 ? 13.638  -0.917  -20.773 1.00 10.00 ? 42 GLN A NE2  1 
ATOM 648  H H    . GLN A 1 42 ? 13.045  -1.240  -15.037 1.00 10.00 ? 42 GLN A H    1 
ATOM 649  H HA   . GLN A 1 42 ? 12.036  -2.308  -16.721 1.00 10.00 ? 42 GLN A HA   1 
ATOM 650  H HB2  . GLN A 1 42 ? 14.787  -2.525  -18.027 1.00 10.00 ? 42 GLN A HB2  1 
ATOM 651  H HB3  . GLN A 1 42 ? 13.220  -2.828  -18.785 1.00 10.00 ? 42 GLN A HB3  1 
ATOM 652  H HG2  . GLN A 1 42 ? 12.562  -0.460  -18.344 1.00 10.00 ? 42 GLN A HG2  1 
ATOM 653  H HG3  . GLN A 1 42 ? 14.130  -0.170  -17.576 1.00 10.00 ? 42 GLN A HG3  1 
ATOM 654  H HE21 . GLN A 1 42 ? 12.816  -1.494  -20.692 1.00 10.00 ? 42 GLN A HE21 1 
ATOM 655  H HE22 . GLN A 1 42 ? 14.041  -0.706  -21.673 1.00 10.00 ? 42 GLN A HE22 1 
ATOM 656  N N    . ASP A 1 43 ? 14.323  -4.662  -16.378 1.00 10.00 ? 43 ASP A N    1 
ATOM 657  C CA   . ASP A 1 43 ? 14.657  -6.020  -15.979 1.00 10.00 ? 43 ASP A CA   1 
ATOM 658  C C    . ASP A 1 43 ? 15.220  -6.053  -14.551 1.00 10.00 ? 43 ASP A C    1 
ATOM 659  O O    . ASP A 1 43 ? 14.963  -6.996  -13.806 1.00 10.00 ? 43 ASP A O    1 
ATOM 660  C CB   . ASP A 1 43 ? 15.707  -6.539  -16.972 1.00 10.00 ? 43 ASP A CB   1 
ATOM 661  C CG   . ASP A 1 43 ? 16.363  -7.826  -16.494 1.00 10.00 ? 43 ASP A CG   1 
ATOM 662  O OD1  . ASP A 1 43 ? 15.813  -8.899  -16.822 1.00 10.00 ? 43 ASP A OD1  1 
ATOM 663  O OD2  . ASP A 1 43 ? 17.413  -7.702  -15.827 1.00 10.00 ? 43 ASP A OD2  1 
ATOM 664  H H    . ASP A 1 43 ? 15.100  -4.052  -16.607 1.00 10.00 ? 43 ASP A H    1 
ATOM 665  H HA   . ASP A 1 43 ? 13.779  -6.668  -16.027 1.00 10.00 ? 43 ASP A HA   1 
ATOM 666  H HB2  . ASP A 1 43 ? 15.236  -6.718  -17.940 1.00 10.00 ? 43 ASP A HB2  1 
ATOM 667  H HB3  . ASP A 1 43 ? 16.497  -5.799  -17.100 1.00 10.00 ? 43 ASP A HB3  1 
ATOM 668  N N    . SER A 1 44 ? 16.036  -5.049  -14.204 1.00 10.00 ? 44 SER A N    1 
ATOM 669  C CA   . SER A 1 44 ? 17.206  -5.273  -13.364 1.00 10.00 ? 44 SER A CA   1 
ATOM 670  C C    . SER A 1 44 ? 16.956  -5.929  -12.001 1.00 10.00 ? 44 SER A C    1 
ATOM 671  O O    . SER A 1 44 ? 15.930  -5.731  -11.342 1.00 10.00 ? 44 SER A O    1 
ATOM 672  C CB   . SER A 1 44 ? 18.035  -3.986  -13.202 1.00 10.00 ? 44 SER A CB   1 
ATOM 673  O OG   . SER A 1 44 ? 17.687  -3.281  -12.022 1.00 10.00 ? 44 SER A OG   1 
ATOM 674  H H    . SER A 1 44 ? 16.096  -4.275  -14.853 1.00 10.00 ? 44 SER A H    1 
ATOM 675  H HA   . SER A 1 44 ? 17.823  -5.961  -13.946 1.00 10.00 ? 44 SER A HA   1 
ATOM 676  H HB2  . SER A 1 44 ? 19.089  -4.256  -13.124 1.00 10.00 ? 44 SER A HB2  1 
ATOM 677  H HB3  . SER A 1 44 ? 17.919  -3.342  -14.076 1.00 10.00 ? 44 SER A HB3  1 
ATOM 678  H HG   . SER A 1 44 ? 17.805  -2.334  -12.183 1.00 10.00 ? 44 SER A HG   1 
ATOM 679  N N    . GLU A 1 45 ? 18.012  -6.602  -11.532 1.00 10.00 ? 45 GLU A N    1 
ATOM 680  C CA   . GLU A 1 45 ? 18.191  -7.097  -10.175 1.00 10.00 ? 45 GLU A CA   1 
ATOM 681  C C    . GLU A 1 45 ? 17.764  -6.056  -9.128  1.00 10.00 ? 45 GLU A C    1 
ATOM 682  O O    . GLU A 1 45 ? 17.283  -6.422  -8.060  1.00 10.00 ? 45 GLU A O    1 
ATOM 683  C CB   . GLU A 1 45 ? 19.672  -7.496  -9.988  1.00 10.00 ? 45 GLU A CB   1 
ATOM 684  C CG   . GLU A 1 45 ? 19.880  -8.753  -9.131  1.00 10.00 ? 45 GLU A CG   1 
ATOM 685  C CD   . GLU A 1 45 ? 19.309  -8.619  -7.730  1.00 10.00 ? 45 GLU A CD   1 
ATOM 686  O OE1  . GLU A 1 45 ? 19.737  -7.715  -6.982  1.00 10.00 ? 45 GLU A OE1  1 
ATOM 687  O OE2  . GLU A 1 45 ? 18.361  -9.369  -7.413  1.00 10.00 ? 45 GLU A OE2  1 
ATOM 688  H H    . GLU A 1 45 ? 18.779  -6.739  -12.172 1.00 10.00 ? 45 GLU A H    1 
ATOM 689  H HA   . GLU A 1 45 ? 17.565  -7.984  -10.069 1.00 10.00 ? 45 GLU A HA   1 
ATOM 690  H HB2  . GLU A 1 45 ? 20.125  -7.718  -10.954 1.00 10.00 ? 45 GLU A HB2  1 
ATOM 691  H HB3  . GLU A 1 45 ? 20.221  -6.668  -9.536  1.00 10.00 ? 45 GLU A HB3  1 
ATOM 692  H HG2  . GLU A 1 45 ? 19.406  -9.605  -9.622  1.00 10.00 ? 45 GLU A HG2  1 
ATOM 693  H HG3  . GLU A 1 45 ? 20.946  -8.957  -9.043  1.00 10.00 ? 45 GLU A HG3  1 
ATOM 694  N N    . LYS A 1 46 ? 17.929  -4.756  -9.400  1.00 10.00 ? 46 LYS A N    1 
ATOM 695  C CA   . LYS A 1 46 ? 17.633  -3.729  -8.411  1.00 10.00 ? 46 LYS A CA   1 
ATOM 696  C C    . LYS A 1 46 ? 16.129  -3.455  -8.274  1.00 10.00 ? 46 LYS A C    1 
ATOM 697  O O    . LYS A 1 46 ? 15.729  -2.735  -7.359  1.00 10.00 ? 46 LYS A O    1 
ATOM 698  C CB   . LYS A 1 46 ? 18.418  -2.450  -8.745  1.00 10.00 ? 46 LYS A CB   1 
ATOM 699  C CG   . LYS A 1 46 ? 18.703  -1.623  -7.483  1.00 10.00 ? 46 LYS A CG   1 
ATOM 700  C CD   . LYS A 1 46 ? 19.889  -2.204  -6.692  1.00 10.00 ? 46 LYS A CD   1 
ATOM 701  C CE   . LYS A 1 46 ? 19.756  -1.925  -5.188  1.00 10.00 ? 46 LYS A CE   1 
ATOM 702  N NZ   . LYS A 1 46 ? 18.900  -2.920  -4.503  1.00 10.00 ? 46 LYS A NZ   1 
ATOM 703  H H    . LYS A 1 46 ? 18.202  -4.461  -10.331 1.00 10.00 ? 46 LYS A H    1 
ATOM 704  H HA   . LYS A 1 46 ? 17.973  -4.097  -7.442  1.00 10.00 ? 46 LYS A HA   1 
ATOM 705  H HB2  . LYS A 1 46 ? 19.370  -2.700  -9.217  1.00 10.00 ? 46 LYS A HB2  1 
ATOM 706  H HB3  . LYS A 1 46 ? 17.835  -1.854  -9.449  1.00 10.00 ? 46 LYS A HB3  1 
ATOM 707  H HG2  . LYS A 1 46 ? 18.951  -0.604  -7.782  1.00 10.00 ? 46 LYS A HG2  1 
ATOM 708  H HG3  . LYS A 1 46 ? 17.806  -1.576  -6.866  1.00 10.00 ? 46 LYS A HG3  1 
ATOM 709  H HD2  . LYS A 1 46 ? 19.994  -3.277  -6.863  1.00 10.00 ? 46 LYS A HD2  1 
ATOM 710  H HD3  . LYS A 1 46 ? 20.799  -1.728  -7.065  1.00 10.00 ? 46 LYS A HD3  1 
ATOM 711  H HE2  . LYS A 1 46 ? 20.749  -1.974  -4.738  1.00 10.00 ? 46 LYS A HE2  1 
ATOM 712  H HE3  . LYS A 1 46 ? 19.361  -0.919  -5.032  1.00 10.00 ? 46 LYS A HE3  1 
ATOM 713  H HZ1  . LYS A 1 46 ? 18.785  -2.696  -3.526  1.00 10.00 ? 46 LYS A HZ1  1 
ATOM 714  H HZ2  . LYS A 1 46 ? 17.951  -3.008  -4.879  1.00 10.00 ? 46 LYS A HZ2  1 
ATOM 715  H HZ3  . LYS A 1 46 ? 19.287  -3.848  -4.571  1.00 10.00 ? 46 LYS A HZ3  1 
ATOM 716  N N    . CYS A 1 47 ? 15.294  -3.969  -9.184  1.00 10.00 ? 47 CYS A N    1 
ATOM 717  C CA   . CYS A 1 47 ? 13.855  -3.729  -9.144  1.00 10.00 ? 47 CYS A CA   1 
ATOM 718  C C    . CYS A 1 47 ? 13.080  -4.899  -8.552  1.00 10.00 ? 47 CYS A C    1 
ATOM 719  O O    . CYS A 1 47 ? 11.995  -4.687  -8.006  1.00 10.00 ? 47 CYS A O    1 
ATOM 720  C CB   . CYS A 1 47 ? 13.318  -3.362  -10.526 1.00 10.00 ? 47 CYS A CB   1 
ATOM 721  S SG   . CYS A 1 47 ? 13.319  -1.589  -10.863 1.00 10.00 ? 47 CYS A SG   1 
ATOM 722  H H    . CYS A 1 47 ? 15.669  -4.524  -9.948  1.00 10.00 ? 47 CYS A H    1 
ATOM 723  H HA   . CYS A 1 47 ? 13.644  -2.883  -8.500  1.00 10.00 ? 47 CYS A HA   1 
ATOM 724  H HB2  . CYS A 1 47 ? 13.884  -3.877  -11.301 1.00 10.00 ? 47 CYS A HB2  1 
ATOM 725  H HB3  . CYS A 1 47 ? 12.277  -3.674  -10.600 1.00 10.00 ? 47 CYS A HB3  1 
ATOM 726  N N    . LYS A 1 48 ? 13.607  -6.122  -8.669  1.00 10.00 ? 48 LYS A N    1 
ATOM 727  C CA   . LYS A 1 48 ? 12.946  -7.330  -8.176  1.00 10.00 ? 48 LYS A CA   1 
ATOM 728  C C    . LYS A 1 48 ? 12.365  -7.145  -6.769  1.00 10.00 ? 48 LYS A C    1 
ATOM 729  O O    . LYS A 1 48 ? 11.227  -7.538  -6.548  1.00 10.00 ? 48 LYS A O    1 
ATOM 730  C CB   . LYS A 1 48 ? 13.848  -8.568  -8.307  1.00 10.00 ? 48 LYS A CB   1 
ATOM 731  C CG   . LYS A 1 48 ? 15.135  -8.433  -7.493  1.00 10.00 ? 48 LYS A CG   1 
ATOM 732  C CD   . LYS A 1 48 ? 15.115  -9.162  -6.140  1.00 10.00 ? 48 LYS A CD   1 
ATOM 733  C CE   . LYS A 1 48 ? 16.072  -8.549  -5.097  1.00 10.00 ? 48 LYS A CE   1 
ATOM 734  N NZ   . LYS A 1 48 ? 17.152  -7.742  -5.702  1.00 10.00 ? 48 LYS A NZ   1 
ATOM 735  H H    . LYS A 1 48 ? 14.494  -6.219  -9.144  1.00 10.00 ? 48 LYS A H    1 
ATOM 736  H HA   . LYS A 1 48 ? 12.108  -7.512  -8.845  1.00 10.00 ? 48 LYS A HA   1 
ATOM 737  H HB2  . LYS A 1 48 ? 13.302  -9.464  -8.008  1.00 10.00 ? 48 LYS A HB2  1 
ATOM 738  H HB3  . LYS A 1 48 ? 14.117  -8.670  -9.359  1.00 10.00 ? 48 LYS A HB3  1 
ATOM 739  H HG2  . LYS A 1 48 ? 15.969  -8.812  -8.088  1.00 10.00 ? 48 LYS A HG2  1 
ATOM 740  H HG3  . LYS A 1 48 ? 15.274  -7.373  -7.342  1.00 10.00 ? 48 LYS A HG3  1 
ATOM 741  H HD2  . LYS A 1 48 ? 14.107  -9.165  -5.720  1.00 10.00 ? 48 LYS A HD2  1 
ATOM 742  H HD3  . LYS A 1 48 ? 15.402  -10.200 -6.324  1.00 10.00 ? 48 LYS A HD3  1 
ATOM 743  H HE2  . LYS A 1 48 ? 15.506  -7.899  -4.430  1.00 10.00 ? 48 LYS A HE2  1 
ATOM 744  H HE3  . LYS A 1 48 ? 16.512  -9.355  -4.506  1.00 10.00 ? 48 LYS A HE3  1 
ATOM 745  H HZ1  . LYS A 1 48 ? 17.886  -7.501  -5.061  1.00 10.00 ? 48 LYS A HZ1  1 
ATOM 746  H HZ2  . LYS A 1 48 ? 17.583  -8.250  -6.468  1.00 10.00 ? 48 LYS A HZ2  1 
ATOM 747  H HZ3  . LYS A 1 48 ? 16.766  -6.872  -6.086  1.00 10.00 ? 48 LYS A HZ3  1 
ATOM 748  N N    . GLU A 1 49 ? 13.087  -6.516  -5.831  1.00 10.00 ? 49 GLU A N    1 
ATOM 749  C CA   . GLU A 1 49 ? 12.556  -6.218  -4.505  1.00 10.00 ? 49 GLU A CA   1 
ATOM 750  C C    . GLU A 1 49 ? 11.179  -5.538  -4.584  1.00 10.00 ? 49 GLU A C    1 
ATOM 751  O O    . GLU A 1 49 ? 10.214  -5.978  -3.954  1.00 10.00 ? 49 GLU A O    1 
ATOM 752  C CB   . GLU A 1 49 ? 13.567  -5.395  -3.679  1.00 10.00 ? 49 GLU A CB   1 
ATOM 753  C CG   . GLU A 1 49 ? 14.285  -4.248  -4.418  1.00 10.00 ? 49 GLU A CG   1 
ATOM 754  C CD   . GLU A 1 49 ? 15.633  -4.656  -4.994  1.00 10.00 ? 49 GLU A CD   1 
ATOM 755  O OE1  . GLU A 1 49 ? 15.643  -5.626  -5.778  1.00 10.00 ? 49 GLU A OE1  1 
ATOM 756  O OE2  . GLU A 1 49 ? 16.651  -4.029  -4.625  1.00 10.00 ? 49 GLU A OE2  1 
ATOM 757  H H    . GLU A 1 49 ? 14.029  -6.185  -6.041  1.00 10.00 ? 49 GLU A H    1 
ATOM 758  H HA   . GLU A 1 49 ? 12.408  -7.166  -3.985  1.00 10.00 ? 49 GLU A HA   1 
ATOM 759  H HB2  . GLU A 1 49 ? 13.024  -4.968  -2.834  1.00 10.00 ? 49 GLU A HB2  1 
ATOM 760  H HB3  . GLU A 1 49 ? 14.324  -6.065  -3.271  1.00 10.00 ? 49 GLU A HB3  1 
ATOM 761  H HG2  . GLU A 1 49 ? 13.675  -3.847  -5.221  1.00 10.00 ? 49 GLU A HG2  1 
ATOM 762  H HG3  . GLU A 1 49 ? 14.466  -3.443  -3.705  1.00 10.00 ? 49 GLU A HG3  1 
ATOM 763  N N    . PHE A 1 50 ? 11.080  -4.472  -5.380  1.00 10.00 ? 50 PHE A N    1 
ATOM 764  C CA   . PHE A 1 50 ? 9.855   -3.705  -5.524  1.00 10.00 ? 50 PHE A CA   1 
ATOM 765  C C    . PHE A 1 50 ? 8.817   -4.507  -6.303  1.00 10.00 ? 50 PHE A C    1 
ATOM 766  O O    . PHE A 1 50 ? 7.634   -4.439  -5.988  1.00 10.00 ? 50 PHE A O    1 
ATOM 767  C CB   . PHE A 1 50 ? 10.136  -2.358  -6.197  1.00 10.00 ? 50 PHE A CB   1 
ATOM 768  C CG   . PHE A 1 50 ? 11.118  -1.479  -5.448  1.00 10.00 ? 50 PHE A CG   1 
ATOM 769  C CD1  . PHE A 1 50 ? 10.696  -0.755  -4.317  1.00 10.00 ? 50 PHE A CD1  1 
ATOM 770  C CD2  . PHE A 1 50 ? 12.462  -1.409  -5.855  1.00 10.00 ? 50 PHE A CD2  1 
ATOM 771  C CE1  . PHE A 1 50 ? 11.616  0.029   -3.599  1.00 10.00 ? 50 PHE A CE1  1 
ATOM 772  C CE2  . PHE A 1 50 ? 13.383  -0.629  -5.137  1.00 10.00 ? 50 PHE A CE2  1 
ATOM 773  C CZ   . PHE A 1 50 ? 12.959  0.097   -4.010  1.00 10.00 ? 50 PHE A CZ   1 
ATOM 774  H H    . PHE A 1 50 ? 11.862  -4.247  -5.981  1.00 10.00 ? 50 PHE A H    1 
ATOM 775  H HA   . PHE A 1 50 ? 9.456   -3.500  -4.531  1.00 10.00 ? 50 PHE A HA   1 
ATOM 776  H HB2  . PHE A 1 50 ? 10.494  -2.528  -7.214  1.00 10.00 ? 50 PHE A HB2  1 
ATOM 777  H HB3  . PHE A 1 50 ? 9.190   -1.820  -6.261  1.00 10.00 ? 50 PHE A HB3  1 
ATOM 778  H HD1  . PHE A 1 50 ? 9.667   -0.787  -3.985  1.00 10.00 ? 50 PHE A HD1  1 
ATOM 779  H HD2  . PHE A 1 50 ? 12.805  -1.978  -6.702  1.00 10.00 ? 50 PHE A HD2  1 
ATOM 780  H HE1  . PHE A 1 50 ? 11.279  0.587   -2.734  1.00 10.00 ? 50 PHE A HE1  1 
ATOM 781  H HE2  . PHE A 1 50 ? 14.419  -0.608  -5.444  1.00 10.00 ? 50 PHE A HE2  1 
ATOM 782  H HZ   . PHE A 1 50 ? 13.661  0.700   -3.455  1.00 10.00 ? 50 PHE A HZ   1 
ATOM 783  N N    . ILE A 1 51 ? 9.235   -5.266  -7.319  1.00 10.00 ? 51 ILE A N    1 
ATOM 784  C CA   . ILE A 1 51 ? 8.319   -6.116  -8.078  1.00 10.00 ? 51 ILE A CA   1 
ATOM 785  C C    . ILE A 1 51 ? 7.672   -7.155  -7.150  1.00 10.00 ? 51 ILE A C    1 
ATOM 786  O O    . ILE A 1 51 ? 6.459   -7.354  -7.192  1.00 10.00 ? 51 ILE A O    1 
ATOM 787  C CB   . ILE A 1 51 ? 9.034   -6.747  -9.288  1.00 10.00 ? 51 ILE A CB   1 
ATOM 788  C CG1  . ILE A 1 51 ? 9.482   -5.637  -10.263 1.00 10.00 ? 51 ILE A CG1  1 
ATOM 789  C CG2  . ILE A 1 51 ? 8.115   -7.748  -10.008 1.00 10.00 ? 51 ILE A CG2  1 
ATOM 790  C CD1  . ILE A 1 51 ? 10.409  -6.137  -11.376 1.00 10.00 ? 51 ILE A CD1  1 
ATOM 791  H H    . ILE A 1 51 ? 10.229  -5.283  -7.535  1.00 10.00 ? 51 ILE A H    1 
ATOM 792  H HA   . ILE A 1 51 ? 7.517   -5.485  -8.464  1.00 10.00 ? 51 ILE A HA   1 
ATOM 793  H HB   . ILE A 1 51 ? 9.905   -7.291  -8.928  1.00 10.00 ? 51 ILE A HB   1 
ATOM 794  H HG12 . ILE A 1 51 ? 8.604   -5.174  -10.715 1.00 10.00 ? 51 ILE A HG12 1 
ATOM 795  H HG13 . ILE A 1 51 ? 10.026  -4.866  -9.722  1.00 10.00 ? 51 ILE A HG13 1 
ATOM 796  H HG21 . ILE A 1 51 ? 8.626   -8.189  -10.862 1.00 10.00 ? 51 ILE A HG21 1 
ATOM 797  H HG22 . ILE A 1 51 ? 7.841   -8.565  -9.340  1.00 10.00 ? 51 ILE A HG22 1 
ATOM 798  H HG23 . ILE A 1 51 ? 7.211   -7.246  -10.350 1.00 10.00 ? 51 ILE A HG23 1 
ATOM 799  H HD11 . ILE A 1 51 ? 10.766  -5.284  -11.952 1.00 10.00 ? 51 ILE A HD11 1 
ATOM 800  H HD12 . ILE A 1 51 ? 11.267  -6.653  -10.946 1.00 10.00 ? 51 ILE A HD12 1 
ATOM 801  H HD13 . ILE A 1 51 ? 9.883   -6.809  -12.052 1.00 10.00 ? 51 ILE A HD13 1 
ATOM 802  N N    . GLU A 1 52 ? 8.462   -7.808  -6.295  1.00 10.00 ? 52 GLU A N    1 
ATOM 803  C CA   . GLU A 1 52 ? 7.930   -8.735  -5.313  1.00 10.00 ? 52 GLU A CA   1 
ATOM 804  C C    . GLU A 1 52 ? 6.992   -7.999  -4.358  1.00 10.00 ? 52 GLU A C    1 
ATOM 805  O O    . GLU A 1 52 ? 5.837   -8.401  -4.209  1.00 10.00 ? 52 GLU A O    1 
ATOM 806  C CB   . GLU A 1 52 ? 9.060   -9.485  -4.592  1.00 10.00 ? 52 GLU A CB   1 
ATOM 807  C CG   . GLU A 1 52 ? 9.843   -10.412 -5.540  1.00 10.00 ? 52 GLU A CG   1 
ATOM 808  C CD   . GLU A 1 52 ? 8.940   -11.412 -6.242  1.00 10.00 ? 52 GLU A CD   1 
ATOM 809  O OE1  . GLU A 1 52 ? 8.247   -12.187 -5.545  1.00 10.00 ? 52 GLU A OE1  1 
ATOM 810  O OE2  . GLU A 1 52 ? 8.832   -11.364 -7.489  1.00 10.00 ? 52 GLU A OE2  1 
ATOM 811  H H    . GLU A 1 52 ? 9.461   -7.642  -6.308  1.00 10.00 ? 52 GLU A H    1 
ATOM 812  H HA   . GLU A 1 52 ? 7.316   -9.464  -5.834  1.00 10.00 ? 52 GLU A HA   1 
ATOM 813  H HB2  . GLU A 1 52 ? 9.745   -8.771  -4.130  1.00 10.00 ? 52 GLU A HB2  1 
ATOM 814  H HB3  . GLU A 1 52 ? 8.619   -10.101 -3.807  1.00 10.00 ? 52 GLU A HB3  1 
ATOM 815  H HG2  . GLU A 1 52 ? 10.361  -9.830  -6.298  1.00 10.00 ? 52 GLU A HG2  1 
ATOM 816  H HG3  . GLU A 1 52 ? 10.585  -10.965 -4.965  1.00 10.00 ? 52 GLU A HG3  1 
ATOM 817  N N    . LYS A 1 53 ? 7.448   -6.894  -3.756  1.00 10.00 ? 53 LYS A N    1 
ATOM 818  C CA   . LYS A 1 53 ? 6.589   -6.106  -2.879  1.00 10.00 ? 53 LYS A CA   1 
ATOM 819  C C    . LYS A 1 53 ? 5.277   -5.728  -3.581  1.00 10.00 ? 53 LYS A C    1 
ATOM 820  O O    . LYS A 1 53 ? 4.219   -5.712  -2.961  1.00 10.00 ? 53 LYS A O    1 
ATOM 821  C CB   . LYS A 1 53 ? 7.337   -4.871  -2.351  1.00 10.00 ? 53 LYS A CB   1 
ATOM 822  C CG   . LYS A 1 53 ? 6.531   -4.065  -1.316  1.00 10.00 ? 53 LYS A CG   1 
ATOM 823  C CD   . LYS A 1 53 ? 6.369   -4.810  0.020   1.00 10.00 ? 53 LYS A CD   1 
ATOM 824  C CE   . LYS A 1 53 ? 5.355   -4.169  0.980   1.00 10.00 ? 53 LYS A CE   1 
ATOM 825  N NZ   . LYS A 1 53 ? 3.976   -4.151  0.444   1.00 10.00 ? 53 LYS A NZ   1 
ATOM 826  H H    . LYS A 1 53 ? 8.409   -6.595  -3.910  1.00 10.00 ? 53 LYS A H    1 
ATOM 827  H HA   . LYS A 1 53 ? 6.349   -6.756  -2.041  1.00 10.00 ? 53 LYS A HA   1 
ATOM 828  H HB2  . LYS A 1 53 ? 8.282   -5.180  -1.902  1.00 10.00 ? 53 LYS A HB2  1 
ATOM 829  H HB3  . LYS A 1 53 ? 7.558   -4.216  -3.195  1.00 10.00 ? 53 LYS A HB3  1 
ATOM 830  H HG2  . LYS A 1 53 ? 7.071   -3.135  -1.125  1.00 10.00 ? 53 LYS A HG2  1 
ATOM 831  H HG3  . LYS A 1 53 ? 5.558   -3.814  -1.736  1.00 10.00 ? 53 LYS A HG3  1 
ATOM 832  H HD2  . LYS A 1 53 ? 6.050   -5.836  -0.146  1.00 10.00 ? 53 LYS A HD2  1 
ATOM 833  H HD3  . LYS A 1 53 ? 7.342   -4.850  0.513   1.00 10.00 ? 53 LYS A HD3  1 
ATOM 834  H HE2  . LYS A 1 53 ? 5.343   -4.778  1.886   1.00 10.00 ? 53 LYS A HE2  1 
ATOM 835  H HE3  . LYS A 1 53 ? 5.659   -3.155  1.245   1.00 10.00 ? 53 LYS A HE3  1 
ATOM 836  H HZ1  . LYS A 1 53 ? 3.312   -4.099  1.197   1.00 10.00 ? 53 LYS A HZ1  1 
ATOM 837  H HZ2  . LYS A 1 53 ? 3.785   -3.321  -0.119  1.00 10.00 ? 53 LYS A HZ2  1 
ATOM 838  H HZ3  . LYS A 1 53 ? 3.763   -4.996  -0.085  1.00 10.00 ? 53 LYS A HZ3  1 
ATOM 839  N N    . TYR A 1 54 ? 5.332   -5.434  -4.881  1.00 10.00 ? 54 TYR A N    1 
ATOM 840  C CA   . TYR A 1 54 ? 4.153   -5.078  -5.647  1.00 10.00 ? 54 TYR A CA   1 
ATOM 841  C C    . TYR A 1 54 ? 3.114   -6.205  -5.665  1.00 10.00 ? 54 TYR A C    1 
ATOM 842  O O    . TYR A 1 54 ? 1.923   -5.910  -5.682  1.00 10.00 ? 54 TYR A O    1 
ATOM 843  C CB   . TYR A 1 54 ? 4.539   -4.609  -7.059  1.00 10.00 ? 54 TYR A CB   1 
ATOM 844  C CG   . TYR A 1 54 ? 3.373   -4.125  -7.902  1.00 10.00 ? 54 TYR A CG   1 
ATOM 845  C CD1  . TYR A 1 54 ? 2.579   -3.059  -7.446  1.00 10.00 ? 54 TYR A CD1  1 
ATOM 846  C CD2  . TYR A 1 54 ? 3.051   -4.762  -9.117  1.00 10.00 ? 54 TYR A CD2  1 
ATOM 847  C CE1  . TYR A 1 54 ? 1.434   -2.679  -8.161  1.00 10.00 ? 54 TYR A CE1  1 
ATOM 848  C CE2  . TYR A 1 54 ? 1.951   -4.320  -9.878  1.00 10.00 ? 54 TYR A CE2  1 
ATOM 849  C CZ   . TYR A 1 54 ? 1.129   -3.291  -9.385  1.00 10.00 ? 54 TYR A CZ   1 
ATOM 850  O OH   . TYR A 1 54 ? 0.081   -2.812  -10.114 1.00 10.00 ? 54 TYR A OH   1 
ATOM 851  H H    . TYR A 1 54 ? 6.235   -5.402  -5.340  1.00 10.00 ? 54 TYR A H    1 
ATOM 852  H HA   . TYR A 1 54 ? 3.705   -4.230  -5.136  1.00 10.00 ? 54 TYR A HA   1 
ATOM 853  H HB2  . TYR A 1 54 ? 5.245   -3.784  -6.966  1.00 10.00 ? 54 TYR A HB2  1 
ATOM 854  H HB3  . TYR A 1 54 ? 5.037   -5.421  -7.582  1.00 10.00 ? 54 TYR A HB3  1 
ATOM 855  H HD1  . TYR A 1 54 ? 2.831   -2.543  -6.532  1.00 10.00 ? 54 TYR A HD1  1 
ATOM 856  H HD2  . TYR A 1 54 ? 3.641   -5.597  -9.466  1.00 10.00 ? 54 TYR A HD2  1 
ATOM 857  H HE1  . TYR A 1 54 ? 0.761   -1.939  -7.756  1.00 10.00 ? 54 TYR A HE1  1 
ATOM 858  H HE2  . TYR A 1 54 ? 1.710   -4.817  -10.806 1.00 10.00 ? 54 TYR A HE2  1 
ATOM 859  H HH   . TYR A 1 54 ? -0.107  -3.283  -10.929 1.00 10.00 ? 54 TYR A HH   1 
ATOM 860  N N    . LYS A 1 55 ? 3.517   -7.484  -5.681  1.00 10.00 ? 55 LYS A N    1 
ATOM 861  C CA   . LYS A 1 55 ? 2.534   -8.562  -5.786  1.00 10.00 ? 55 LYS A CA   1 
ATOM 862  C C    . LYS A 1 55 ? 1.836   -8.826  -4.448  1.00 10.00 ? 55 LYS A C    1 
ATOM 863  O O    . LYS A 1 55 ? 0.605   -8.888  -4.404  1.00 10.00 ? 55 LYS A O    1 
ATOM 864  C CB   . LYS A 1 55 ? 3.108   -9.823  -6.463  1.00 10.00 ? 55 LYS A CB   1 
ATOM 865  C CG   . LYS A 1 55 ? 3.847   -10.800 -5.536  1.00 10.00 ? 55 LYS A CG   1 
ATOM 866  C CD   . LYS A 1 55 ? 4.429   -12.006 -6.285  1.00 10.00 ? 55 LYS A CD   1 
ATOM 867  C CE   . LYS A 1 55 ? 5.449   -11.575 -7.350  1.00 10.00 ? 55 LYS A CE   1 
ATOM 868  N NZ   . LYS A 1 55 ? 6.561   -12.536 -7.472  1.00 10.00 ? 55 LYS A NZ   1 
ATOM 869  H H    . LYS A 1 55 ? 4.504   -7.704  -5.582  1.00 10.00 ? 55 LYS A H    1 
ATOM 870  H HA   . LYS A 1 55 ? 1.759   -8.223  -6.477  1.00 10.00 ? 55 LYS A HA   1 
ATOM 871  H HB2  . LYS A 1 55 ? 2.273   -10.371 -6.902  1.00 10.00 ? 55 LYS A HB2  1 
ATOM 872  H HB3  . LYS A 1 55 ? 3.761   -9.502  -7.274  1.00 10.00 ? 55 LYS A HB3  1 
ATOM 873  H HG2  . LYS A 1 55 ? 4.655   -10.289 -5.019  1.00 10.00 ? 55 LYS A HG2  1 
ATOM 874  H HG3  . LYS A 1 55 ? 3.152   -11.188 -4.789  1.00 10.00 ? 55 LYS A HG3  1 
ATOM 875  H HD2  . LYS A 1 55 ? 4.915   -12.633 -5.533  1.00 10.00 ? 55 LYS A HD2  1 
ATOM 876  H HD3  . LYS A 1 55 ? 3.623   -12.582 -6.746  1.00 10.00 ? 55 LYS A HD3  1 
ATOM 877  H HE2  . LYS A 1 55 ? 4.959   -11.437 -8.314  1.00 10.00 ? 55 LYS A HE2  1 
ATOM 878  H HE3  . LYS A 1 55 ? 5.891   -10.623 -7.058  1.00 10.00 ? 55 LYS A HE3  1 
ATOM 879  H HZ1  . LYS A 1 55 ? 7.351   -12.097 -7.954  1.00 10.00 ? 55 LYS A HZ1  1 
ATOM 880  H HZ2  . LYS A 1 55 ? 6.987   -12.682 -6.553  1.00 10.00 ? 55 LYS A HZ2  1 
ATOM 881  H HZ3  . LYS A 1 55 ? 6.312   -13.414 -7.896  1.00 10.00 ? 55 LYS A HZ3  1 
ATOM 882  N N    . GLU A 1 56 ? 2.610   -9.006  -3.368  1.00 10.00 ? 56 GLU A N    1 
ATOM 883  C CA   . GLU A 1 56 ? 2.081   -9.453  -2.078  1.00 10.00 ? 56 GLU A CA   1 
ATOM 884  C C    . GLU A 1 56 ? 0.928   -8.558  -1.614  1.00 10.00 ? 56 GLU A C    1 
ATOM 885  O O    . GLU A 1 56 ? -0.173  -9.054  -1.391  1.00 10.00 ? 56 GLU A O    1 
ATOM 886  C CB   . GLU A 1 56 ? 3.194   -9.696  -1.038  1.00 10.00 ? 56 GLU A CB   1 
ATOM 887  C CG   . GLU A 1 56 ? 4.310   -8.644  -0.919  1.00 10.00 ? 56 GLU A CG   1 
ATOM 888  C CD   . GLU A 1 56 ? 4.009   -7.537  0.078   1.00 10.00 ? 56 GLU A CD   1 
ATOM 889  O OE1  . GLU A 1 56 ? 3.351   -6.560  -0.333  1.00 10.00 ? 56 GLU A OE1  1 
ATOM 890  O OE2  . GLU A 1 56 ? 4.490   -7.629  1.225   1.00 10.00 ? 56 GLU A OE2  1 
ATOM 891  H H    . GLU A 1 56 ? 3.608   -8.865  -3.461  1.00 10.00 ? 56 GLU A H    1 
ATOM 892  H HA   . GLU A 1 56 ? 1.631   -10.432 -2.256  1.00 10.00 ? 56 GLU A HA   1 
ATOM 893  H HB2  . GLU A 1 56 ? 2.746   -9.855  -0.056  1.00 10.00 ? 56 GLU A HB2  1 
ATOM 894  H HB3  . GLU A 1 56 ? 3.684   -10.626 -1.328  1.00 10.00 ? 56 GLU A HB3  1 
ATOM 895  H HG2  . GLU A 1 56 ? 5.208   -9.149  -0.560  1.00 10.00 ? 56 GLU A HG2  1 
ATOM 896  H HG3  . GLU A 1 56 ? 4.547   -8.200  -1.880  1.00 10.00 ? 56 GLU A HG3  1 
ATOM 897  N N    . CYS A 1 57 ? 1.164   -7.248  -1.577  1.00 10.00 ? 57 CYS A N    1 
ATOM 898  C CA   . CYS A 1 57 ? 0.194   -6.160  -1.640  1.00 10.00 ? 57 CYS A CA   1 
ATOM 899  C C    . CYS A 1 57 ? -1.169  -6.605  -2.177  1.00 10.00 ? 57 CYS A C    1 
ATOM 900  O O    . CYS A 1 57 ? -2.173  -6.619  -1.466  1.00 10.00 ? 57 CYS A O    1 
ATOM 901  C CB   . CYS A 1 57 ? 0.744   -5.115  -2.619  1.00 10.00 ? 57 CYS A CB   1 
ATOM 902  S SG   . CYS A 1 57 ? 1.526   -3.629  -1.999  1.00 10.00 ? 57 CYS A SG   1 
ATOM 903  H H    . CYS A 1 57 ? 2.146   -6.967  -1.519  1.00 10.00 ? 57 CYS A H    1 
ATOM 904  H HA   . CYS A 1 57 ? 0.067   -5.711  -0.655  1.00 10.00 ? 57 CYS A HA   1 
ATOM 905  H HB2  . CYS A 1 57 ? 1.447   -5.586  -3.301  1.00 10.00 ? 57 CYS A HB2  1 
ATOM 906  H HB3  . CYS A 1 57 ? -0.076  -4.719  -3.213  1.00 10.00 ? 57 CYS A HB3  1 
ATOM 907  N N    . MET A 1 58 ? -1.198  -6.917  -3.473  1.00 10.00 ? 58 MET A N    1 
ATOM 908  C CA   . MET A 1 58 ? -2.417  -7.049  -4.244  1.00 10.00 ? 58 MET A CA   1 
ATOM 909  C C    . MET A 1 58 ? -3.043  -8.408  -3.963  1.00 10.00 ? 58 MET A C    1 
ATOM 910  O O    . MET A 1 58 ? -4.260  -8.516  -3.815  1.00 10.00 ? 58 MET A O    1 
ATOM 911  C CB   . MET A 1 58 ? -2.106  -6.858  -5.730  1.00 10.00 ? 58 MET A CB   1 
ATOM 912  C CG   . MET A 1 58 ? -1.460  -5.494  -5.997  1.00 10.00 ? 58 MET A CG   1 
ATOM 913  S SD   . MET A 1 58 ? -1.252  -5.078  -7.742  1.00 10.00 ? 58 MET A SD   1 
ATOM 914  C CE   . MET A 1 58 ? -0.152  -6.398  -8.307  1.00 10.00 ? 58 MET A CE   1 
ATOM 915  H H    . MET A 1 58 ? -0.317  -7.057  -3.953  1.00 10.00 ? 58 MET A H    1 
ATOM 916  H HA   . MET A 1 58 ? -3.116  -6.268  -3.942  1.00 10.00 ? 58 MET A HA   1 
ATOM 917  H HB2  . MET A 1 58 ? -1.445  -7.659  -6.061  1.00 10.00 ? 58 MET A HB2  1 
ATOM 918  H HB3  . MET A 1 58 ? -3.037  -6.905  -6.294  1.00 10.00 ? 58 MET A HB3  1 
ATOM 919  H HG2  . MET A 1 58 ? -2.089  -4.719  -5.558  1.00 10.00 ? 58 MET A HG2  1 
ATOM 920  H HG3  . MET A 1 58 ? -0.482  -5.444  -5.526  1.00 10.00 ? 58 MET A HG3  1 
ATOM 921  H HE1  . MET A 1 58 ? 0.006   -6.297  -9.379  1.00 10.00 ? 58 MET A HE1  1 
ATOM 922  H HE2  . MET A 1 58 ? 0.804   -6.317  -7.801  1.00 10.00 ? 58 MET A HE2  1 
ATOM 923  H HE3  . MET A 1 58 ? -0.592  -7.372  -8.103  1.00 10.00 ? 58 MET A HE3  1 
ATOM 924  N N    . LYS A 1 59 ? -2.201  -9.435  -3.837  1.00 10.00 ? 59 LYS A N    1 
ATOM 925  C CA   . LYS A 1 59 ? -2.631  -10.759 -3.418  1.00 10.00 ? 59 LYS A CA   1 
ATOM 926  C C    . LYS A 1 59 ? -3.389  -10.645 -2.088  1.00 10.00 ? 59 LYS A C    1 
ATOM 927  O O    . LYS A 1 59 ? -4.492  -11.167 -1.950  1.00 10.00 ? 59 LYS A O    1 
ATOM 928  C CB   . LYS A 1 59 ? -1.402  -11.682 -3.329  1.00 10.00 ? 59 LYS A CB   1 
ATOM 929  C CG   . LYS A 1 59 ? -1.709  -13.134 -3.714  1.00 10.00 ? 59 LYS A CG   1 
ATOM 930  C CD   . LYS A 1 59 ? -2.637  -13.838 -2.714  1.00 10.00 ? 59 LYS A CD   1 
ATOM 931  C CE   . LYS A 1 59 ? -2.780  -15.333 -3.031  1.00 10.00 ? 59 LYS A CE   1 
ATOM 932  N NZ   . LYS A 1 59 ? -3.435  -15.567 -4.334  1.00 10.00 ? 59 LYS A NZ   1 
ATOM 933  H H    . LYS A 1 59 ? -1.207  -9.260  -3.963  1.00 10.00 ? 59 LYS A H    1 
ATOM 934  H HA   . LYS A 1 59 ? -3.309  -11.135 -4.186  1.00 10.00 ? 59 LYS A HA   1 
ATOM 935  H HB2  . LYS A 1 59 ? -0.655  -11.336 -4.046  1.00 10.00 ? 59 LYS A HB2  1 
ATOM 936  H HB3  . LYS A 1 59 ? -0.956  -11.635 -2.336  1.00 10.00 ? 59 LYS A HB3  1 
ATOM 937  H HG2  . LYS A 1 59 ? -2.144  -13.128 -4.712  1.00 10.00 ? 59 LYS A HG2  1 
ATOM 938  H HG3  . LYS A 1 59 ? -0.757  -13.667 -3.766  1.00 10.00 ? 59 LYS A HG3  1 
ATOM 939  H HD2  . LYS A 1 59 ? -2.217  -13.732 -1.710  1.00 10.00 ? 59 LYS A HD2  1 
ATOM 940  H HD3  . LYS A 1 59 ? -3.623  -13.373 -2.723  1.00 10.00 ? 59 LYS A HD3  1 
ATOM 941  H HE2  . LYS A 1 59 ? -1.793  -15.800 -3.035  1.00 10.00 ? 59 LYS A HE2  1 
ATOM 942  H HE3  . LYS A 1 59 ? -3.379  -15.800 -2.247  1.00 10.00 ? 59 LYS A HE3  1 
ATOM 943  H HZ1  . LYS A 1 59 ? -3.527  -16.552 -4.531  1.00 10.00 ? 59 LYS A HZ1  1 
ATOM 944  H HZ2  . LYS A 1 59 ? -4.344  -15.132 -4.377  1.00 10.00 ? 59 LYS A HZ2  1 
ATOM 945  H HZ3  . LYS A 1 59 ? -2.896  -15.169 -5.105  1.00 10.00 ? 59 LYS A HZ3  1 
ATOM 946  N N    . GLY A 1 60 ? -2.804  -9.929  -1.125  1.00 10.00 ? 60 GLY A N    1 
ATOM 947  C CA   . GLY A 1 60 ? -3.392  -9.661  0.178   1.00 10.00 ? 60 GLY A CA   1 
ATOM 948  C C    . GLY A 1 60 ? -4.674  -8.841  0.056   1.00 10.00 ? 60 GLY A C    1 
ATOM 949  O O    . GLY A 1 60 ? -5.680  -9.173  0.677   1.00 10.00 ? 60 GLY A O    1 
ATOM 950  H H    . GLY A 1 60 ? -1.898  -9.519  -1.322  1.00 10.00 ? 60 GLY A H    1 
ATOM 951  H HA2  . GLY A 1 60 ? -3.606  -10.605 0.680   1.00 10.00 ? 60 GLY A HA2  1 
ATOM 952  H HA3  . GLY A 1 60 ? -2.673  -9.101  0.776   1.00 10.00 ? 60 GLY A HA3  1 
ATOM 953  N N    . TYR A 1 61 ? -4.640  -7.762  -0.732  1.00 10.00 ? 61 TYR A N    1 
ATOM 954  C CA   . TYR A 1 61 ? -5.809  -6.925  -0.987  1.00 10.00 ? 61 TYR A CA   1 
ATOM 955  C C    . TYR A 1 61 ? -6.960  -7.749  -1.578  1.00 10.00 ? 61 TYR A C    1 
ATOM 956  O O    . TYR A 1 61 ? -8.121  -7.505  -1.255  1.00 10.00 ? 61 TYR A O    1 
ATOM 957  C CB   . TYR A 1 61 ? -5.415  -5.763  -1.910  1.00 10.00 ? 61 TYR A CB   1 
ATOM 958  C CG   . TYR A 1 61 ? -6.471  -4.692  -2.120  1.00 10.00 ? 61 TYR A CG   1 
ATOM 959  C CD1  . TYR A 1 61 ? -7.106  -4.084  -1.019  1.00 10.00 ? 61 TYR A CD1  1 
ATOM 960  C CD2  . TYR A 1 61 ? -6.738  -4.223  -3.420  1.00 10.00 ? 61 TYR A CD2  1 
ATOM 961  C CE1  . TYR A 1 61 ? -8.030  -3.045  -1.220  1.00 10.00 ? 61 TYR A CE1  1 
ATOM 962  C CE2  . TYR A 1 61 ? -7.648  -3.171  -3.618  1.00 10.00 ? 61 TYR A CE2  1 
ATOM 963  C CZ   . TYR A 1 61 ? -8.316  -2.603  -2.523  1.00 10.00 ? 61 TYR A CZ   1 
ATOM 964  O OH   . TYR A 1 61 ? -9.198  -1.583  -2.724  1.00 10.00 ? 61 TYR A OH   1 
ATOM 965  H H    . TYR A 1 61 ? -3.759  -7.504  -1.167  1.00 10.00 ? 61 TYR A H    1 
ATOM 966  H HA   . TYR A 1 61 ? -6.133  -6.529  -0.025  1.00 10.00 ? 61 TYR A HA   1 
ATOM 967  H HB2  . TYR A 1 61 ? -4.531  -5.269  -1.510  1.00 10.00 ? 61 TYR A HB2  1 
ATOM 968  H HB3  . TYR A 1 61 ? -5.150  -6.186  -2.877  1.00 10.00 ? 61 TYR A HB3  1 
ATOM 969  H HD1  . TYR A 1 61 ? -6.898  -4.404  -0.011  1.00 10.00 ? 61 TYR A HD1  1 
ATOM 970  H HD2  . TYR A 1 61 ? -6.228  -4.654  -4.269  1.00 10.00 ? 61 TYR A HD2  1 
ATOM 971  H HE1  . TYR A 1 61 ? -8.509  -2.591  -0.365  1.00 10.00 ? 61 TYR A HE1  1 
ATOM 972  H HE2  . TYR A 1 61 ? -7.832  -2.794  -4.613  1.00 10.00 ? 61 TYR A HE2  1 
ATOM 973  H HH   . TYR A 1 61 ? -9.628  -1.299  -1.916  1.00 10.00 ? 61 TYR A HH   1 
ATOM 974  N N    . GLY A 1 62 ? -6.629  -8.730  -2.423  1.00 10.00 ? 62 GLY A N    1 
ATOM 975  C CA   . GLY A 1 62 ? -7.549  -9.738  -2.934  1.00 10.00 ? 62 GLY A CA   1 
ATOM 976  C C    . GLY A 1 62 ? -7.647  -9.746  -4.461  1.00 10.00 ? 62 GLY A C    1 
ATOM 977  O O    . GLY A 1 62 ? -8.608  -10.293 -4.997  1.00 10.00 ? 62 GLY A O    1 
ATOM 978  H H    . GLY A 1 62 ? -5.647  -8.837  -2.653  1.00 10.00 ? 62 GLY A H    1 
ATOM 979  H HA2  . GLY A 1 62 ? -7.184  -10.714 -2.616  1.00 10.00 ? 62 GLY A HA2  1 
ATOM 980  H HA3  . GLY A 1 62 ? -8.549  -9.601  -2.524  1.00 10.00 ? 62 GLY A HA3  1 
ATOM 981  N N    . PHE A 1 63 ? -6.662  -9.178  -5.168  1.00 10.00 ? 63 PHE A N    1 
ATOM 982  C CA   . PHE A 1 63 ? -6.615  -9.154  -6.624  1.00 10.00 ? 63 PHE A CA   1 
ATOM 983  C C    . PHE A 1 63 ? -5.258  -9.679  -7.086  1.00 10.00 ? 63 PHE A C    1 
ATOM 984  O O    . PHE A 1 63 ? -4.236  -9.035  -6.857  1.00 10.00 ? 63 PHE A O    1 
ATOM 985  C CB   . PHE A 1 63 ? -6.843  -7.728  -7.149  1.00 10.00 ? 63 PHE A CB   1 
ATOM 986  C CG   . PHE A 1 63 ? -8.165  -7.070  -6.778  1.00 10.00 ? 63 PHE A CG   1 
ATOM 987  C CD1  . PHE A 1 63 ? -9.370  -7.801  -6.807  1.00 10.00 ? 63 PHE A CD1  1 
ATOM 988  C CD2  . PHE A 1 63 ? -8.201  -5.691  -6.495  1.00 10.00 ? 63 PHE A CD2  1 
ATOM 989  C CE1  . PHE A 1 63 ? -10.587 -7.175  -6.487  1.00 10.00 ? 63 PHE A CE1  1 
ATOM 990  C CE2  . PHE A 1 63 ? -9.423  -5.060  -6.197  1.00 10.00 ? 63 PHE A CE2  1 
ATOM 991  C CZ   . PHE A 1 63 ? -10.614 -5.805  -6.180  1.00 10.00 ? 63 PHE A CZ   1 
ATOM 992  H H    . PHE A 1 63 ? -5.863  -8.793  -4.675  1.00 10.00 ? 63 PHE A H    1 
ATOM 993  H HA   . PHE A 1 63 ? -7.377  -9.807  -7.049  1.00 10.00 ? 63 PHE A HA   1 
ATOM 994  H HB2  . PHE A 1 63 ? -6.024  -7.106  -6.783  1.00 10.00 ? 63 PHE A HB2  1 
ATOM 995  H HB3  . PHE A 1 63 ? -6.778  -7.753  -8.238  1.00 10.00 ? 63 PHE A HB3  1 
ATOM 996  H HD1  . PHE A 1 63 ? -9.380  -8.852  -7.053  1.00 10.00 ? 63 PHE A HD1  1 
ATOM 997  H HD2  . PHE A 1 63 ? -7.296  -5.102  -6.524  1.00 10.00 ? 63 PHE A HD2  1 
ATOM 998  H HE1  . PHE A 1 63 ? -11.501 -7.751  -6.477  1.00 10.00 ? 63 PHE A HE1  1 
ATOM 999  H HE2  . PHE A 1 63 ? -9.452  -4.001  -5.988  1.00 10.00 ? 63 PHE A HE2  1 
ATOM 1000 H HZ   . PHE A 1 63 ? -11.551 -5.323  -5.939  1.00 10.00 ? 63 PHE A HZ   1 
ATOM 1001 N N    . GLU A 1 64 ? -5.242  -10.832 -7.758  1.00 10.00 ? 64 GLU A N    1 
ATOM 1002 C CA   . GLU A 1 64 ? -4.031  -11.390 -8.341  1.00 10.00 ? 64 GLU A CA   1 
ATOM 1003 C C    . GLU A 1 64 ? -3.659  -10.569 -9.586  1.00 10.00 ? 64 GLU A C    1 
ATOM 1004 O O    . GLU A 1 64 ? -3.867  -11.017 -10.711 1.00 10.00 ? 64 GLU A O    1 
ATOM 1005 C CB   . GLU A 1 64 ? -4.258  -12.884 -8.637  1.00 10.00 ? 64 GLU A CB   1 
ATOM 1006 C CG   . GLU A 1 64 ? -2.938  -13.658 -8.776  1.00 10.00 ? 64 GLU A CG   1 
ATOM 1007 C CD   . GLU A 1 64 ? -2.278  -13.887 -7.425  1.00 10.00 ? 64 GLU A CD   1 
ATOM 1008 O OE1  . GLU A 1 64 ? -2.809  -14.735 -6.673  1.00 10.00 ? 64 GLU A OE1  1 
ATOM 1009 O OE2  . GLU A 1 64 ? -1.284  -13.195 -7.129  1.00 10.00 ? 64 GLU A OE2  1 
ATOM 1010 H H    . GLU A 1 64 ? -6.113  -11.307 -7.938  1.00 10.00 ? 64 GLU A H    1 
ATOM 1011 H HA   . GLU A 1 64 ? -3.226  -11.306 -7.609  1.00 10.00 ? 64 GLU A HA   1 
ATOM 1012 H HB2  . GLU A 1 64 ? -4.817  -13.340 -7.820  1.00 10.00 ? 64 GLU A HB2  1 
ATOM 1013 H HB3  . GLU A 1 64 ? -4.841  -12.994 -9.553  1.00 10.00 ? 64 GLU A HB3  1 
ATOM 1014 H HG2  . GLU A 1 64 ? -3.148  -14.635 -9.212  1.00 10.00 ? 64 GLU A HG2  1 
ATOM 1015 H HG3  . GLU A 1 64 ? -2.254  -13.124 -9.436  1.00 10.00 ? 64 GLU A HG3  1 
ATOM 1016 N N    . VAL A 1 65 ? -3.130  -9.360  -9.358  1.00 10.00 ? 65 VAL A N    1 
ATOM 1017 C CA   . VAL A 1 65 ? -2.792  -8.342  -10.354 1.00 10.00 ? 65 VAL A CA   1 
ATOM 1018 C C    . VAL A 1 65 ? -4.068  -7.601  -10.809 1.00 10.00 ? 65 VAL A C    1 
ATOM 1019 O O    . VAL A 1 65 ? -5.135  -8.215  -10.860 1.00 10.00 ? 65 VAL A O    1 
ATOM 1020 C CB   . VAL A 1 65 ? -1.942  -8.916  -11.515 1.00 10.00 ? 65 VAL A CB   1 
ATOM 1021 C CG1  . VAL A 1 65 ? -1.414  -7.819  -12.447 1.00 10.00 ? 65 VAL A CG1  1 
ATOM 1022 C CG2  . VAL A 1 65 ? -0.727  -9.691  -10.980 1.00 10.00 ? 65 VAL A CG2  1 
ATOM 1023 H H    . VAL A 1 65 ? -3.102  -9.081  -8.382  1.00 10.00 ? 65 VAL A H    1 
ATOM 1024 H HA   . VAL A 1 65 ? -2.160  -7.655  -9.805  1.00 10.00 ? 65 VAL A HA   1 
ATOM 1025 H HB   . VAL A 1 65 ? -2.544  -9.583  -12.132 1.00 10.00 ? 65 VAL A HB   1 
ATOM 1026 H HG11 . VAL A 1 65 ? -0.781  -8.264  -13.216 1.00 10.00 ? 65 VAL A HG11 1 
ATOM 1027 H HG12 . VAL A 1 65 ? -2.243  -7.322  -12.950 1.00 10.00 ? 65 VAL A HG12 1 
ATOM 1028 H HG13 . VAL A 1 65 ? -0.828  -7.093  -11.886 1.00 10.00 ? 65 VAL A HG13 1 
ATOM 1029 H HG21 . VAL A 1 65 ? -0.117  -10.041 -11.813 1.00 10.00 ? 65 VAL A HG21 1 
ATOM 1030 H HG22 . VAL A 1 65 ? -0.121  -9.045  -10.346 1.00 10.00 ? 65 VAL A HG22 1 
ATOM 1031 H HG23 . VAL A 1 65 ? -1.038  -10.562 -10.406 1.00 10.00 ? 65 VAL A HG23 1 
ATOM 1032 N N    . PRO A 1 66 ? -4.029  -6.280  -11.085 1.00 10.00 ? 66 PRO A N    1 
ATOM 1033 C CA   . PRO A 1 66 ? -5.202  -5.548  -11.545 1.00 10.00 ? 66 PRO A CA   1 
ATOM 1034 C C    . PRO A 1 66 ? -5.491  -5.887  -13.009 1.00 10.00 ? 66 PRO A C    1 
ATOM 1035 O O    . PRO A 1 66 ? -4.700  -6.560  -13.664 1.00 10.00 ? 66 PRO A O    1 
ATOM 1036 C CB   . PRO A 1 66 ? -4.862  -4.054  -11.400 1.00 10.00 ? 66 PRO A CB   1 
ATOM 1037 C CG   . PRO A 1 66 ? -3.584  -4.032  -10.561 1.00 10.00 ? 66 PRO A CG   1 
ATOM 1038 C CD   . PRO A 1 66 ? -2.923  -5.345  -10.962 1.00 10.00 ? 66 PRO A CD   1 
ATOM 1039 H HA   . PRO A 1 66 ? -6.062  -5.794  -10.920 1.00 10.00 ? 66 PRO A HA   1 
ATOM 1040 H HB2  . PRO A 1 66 ? -4.636  -3.618  -12.374 1.00 10.00 ? 66 PRO A HB2  1 
ATOM 1041 H HB3  . PRO A 1 66 ? -5.666  -3.495  -10.921 1.00 10.00 ? 66 PRO A HB3  1 
ATOM 1042 H HG2  . PRO A 1 66 ? -2.957  -3.166  -10.776 1.00 10.00 ? 66 PRO A HG2  1 
ATOM 1043 H HG3  . PRO A 1 66 ? -3.839  -4.061  -9.499  1.00 10.00 ? 66 PRO A HG3  1 
ATOM 1044 H HD2  . PRO A 1 66 ? -2.454  -5.215  -11.937 1.00 10.00 ? 66 PRO A HD2  1 
ATOM 1045 H HD3  . PRO A 1 66 ? -2.174  -5.616  -10.231 1.00 10.00 ? 66 PRO A HD3  1 
ATOM 1046 N N    . SER A 1 67 ? -6.593  -5.354  -13.547 1.00 10.00 ? 67 SER A N    1 
ATOM 1047 C CA   . SER A 1 67 ? -6.855  -5.425  -14.980 1.00 10.00 ? 67 SER A CA   1 
ATOM 1048 C C    . SER A 1 67 ? -5.756  -4.665  -15.734 1.00 10.00 ? 67 SER A C    1 
ATOM 1049 O O    . SER A 1 67 ? -5.067  -5.229  -16.581 1.00 10.00 ? 67 SER A O    1 
ATOM 1050 C CB   . SER A 1 67 ? -8.261  -4.881  -15.277 1.00 10.00 ? 67 SER A CB   1 
ATOM 1051 O OG   . SER A 1 67 ? -8.569  -5.026  -16.648 1.00 10.00 ? 67 SER A OG   1 
ATOM 1052 H H    . SER A 1 67 ? -7.213  -4.821  -12.958 1.00 10.00 ? 67 SER A H    1 
ATOM 1053 H HA   . SER A 1 67 ? -6.827  -6.471  -15.289 1.00 10.00 ? 67 SER A HA   1 
ATOM 1054 H HB2  . SER A 1 67 ? -8.991  -5.447  -14.696 1.00 10.00 ? 67 SER A HB2  1 
ATOM 1055 H HB3  . SER A 1 67 ? -8.330  -3.827  -15.005 1.00 10.00 ? 67 SER A HB3  1 
ATOM 1056 H HG   . SER A 1 67 ? -9.469  -4.730  -16.810 1.00 10.00 ? 67 SER A HG   1 
ATOM 1057 N N    . ALA A 1 68 ? -5.574  -3.382  -15.397 1.00 10.00 ? 68 ALA A N    1 
ATOM 1058 C CA   . ALA A 1 68 ? -4.561  -2.517  -15.984 1.00 10.00 ? 68 ALA A CA   1 
ATOM 1059 C C    . ALA A 1 68 ? -4.490  -1.220  -15.176 1.00 10.00 ? 68 ALA A C    1 
ATOM 1060 O O    . ALA A 1 68 ? -5.224  -0.278  -15.465 1.00 10.00 ? 68 ALA A O    1 
ATOM 1061 C CB   . ALA A 1 68 ? -4.897  -2.224  -17.453 1.00 10.00 ? 68 ALA A CB   1 
ATOM 1062 H H    . ALA A 1 68 ? -6.167  -2.982  -14.688 1.00 10.00 ? 68 ALA A H    1 
ATOM 1063 H HA   . ALA A 1 68 ? -3.589  -3.015  -15.946 1.00 10.00 ? 68 ALA A HA   1 
ATOM 1064 H HB1  . ALA A 1 68 ? -4.176  -1.512  -17.857 1.00 10.00 ? 68 ALA A HB1  1 
ATOM 1065 H HB2  . ALA A 1 68 ? -4.850  -3.136  -18.048 1.00 10.00 ? 68 ALA A HB2  1 
ATOM 1066 H HB3  . ALA A 1 68 ? -5.898  -1.799  -17.534 1.00 10.00 ? 68 ALA A HB3  1 
ATOM 1067 N N    . ASN A 1 69 ? -3.635  -1.167  -14.152 1.00 10.00 ? 69 ASN A N    1 
ATOM 1068 C CA   . ASN A 1 69 ? -3.415  0.047   -13.379 1.00 10.00 ? 69 ASN A CA   1 
ATOM 1069 C C    . ASN A 1 69 ? -2.090  -0.049  -12.637 1.00 10.00 ? 69 ASN A C    1 
ATOM 1070 O O    . ASN A 1 69 ? -1.878  -1.051  -11.919 1.00 10.00 ? 69 ASN A O    1 
ATOM 1071 C CB   . ASN A 1 69 ? -4.547  0.263   -12.369 1.00 10.00 ? 69 ASN A CB   1 
ATOM 1072 C CG   . ASN A 1 69 ? -4.269  1.490   -11.503 1.00 10.00 ? 69 ASN A CG   1 
ATOM 1073 O OD1  . ASN A 1 69 ? -3.764  1.379   -10.386 1.00 10.00 ? 69 ASN A OD1  1 
ATOM 1074 N ND2  . ASN A 1 69 ? -4.589  2.678   -12.009 1.00 10.00 ? 69 ASN A ND2  1 
ATOM 1075 O OXT  . ASN A 1 69 ? -1.346  0.954   -12.629 1.00 10.00 ? 69 ASN A OXT  1 
ATOM 1076 H H    . ASN A 1 69 ? -3.051  -1.957  -13.914 1.00 10.00 ? 69 ASN A H    1 
ATOM 1077 H HA   . ASN A 1 69 ? -3.367  0.904   -14.055 1.00 10.00 ? 69 ASN A HA   1 
ATOM 1078 H HB2  . ASN A 1 69 ? -5.497  0.394   -12.888 1.00 10.00 ? 69 ASN A HB2  1 
ATOM 1079 H HB3  . ASN A 1 69 ? -4.624  -0.613  -11.722 1.00 10.00 ? 69 ASN A HB3  1 
ATOM 1080 H HD21 . ASN A 1 69 ? -4.979  2.742   -12.938 1.00 10.00 ? 69 ASN A HD21 1 
ATOM 1081 H HD22 . ASN A 1 69 ? -4.408  3.508   -11.467 1.00 10.00 ? 69 ASN A HD22 1 
# 
